data_8QCB
#
_entry.id   8QCB
#
_cell.length_a   1.00
_cell.length_b   1.00
_cell.length_c   1.00
_cell.angle_alpha   90.00
_cell.angle_beta   90.00
_cell.angle_gamma   90.00
#
_symmetry.space_group_name_H-M   'P 1'
#
loop_
_entity.id
_entity.type
_entity.pdbx_description
1 polymer 'Antiviral helicase SKI2'
2 polymer 'Superkiller protein 3'
3 polymer 'Antiviral protein SKI8'
4 polymer 'Superkiller protein 7'
#
loop_
_entity_poly.entity_id
_entity_poly.type
_entity_poly.pdbx_seq_one_letter_code
_entity_poly.pdbx_strand_id
1 'polypeptide(L)'
;MSEGFSSSSIQELYQSLKEITNNADVELFEDRITKLDFESTDEPKHANDIIKDRFLRPSNALPWSLLDMVQDVPHTSSPE
DCSGKLDYKELLKVPDPINRTSYQFKRTGLEGKISGYKEEVDLKEVANANASNSLSITRSINHNQNSVRGSTAQLPFTPG
GIPMKSVKTDSEQNGSSTMANATKLLHKDGQGLFDIPEGMNRGIKPMDSPAENEDQNGQFKELKQLNEIDNELDIRIEAN
EAKLKEEEKSAKSISEEIMEEATEETTADNADDAEIDELLPIGIDFGRTKPVSKSVPVKKEWAHVVDLNHKIENFDELIP
NPARSWPFELDTFQKEAVYHLEQGDSVFVAAHTSAGKTVVAEYAIAMAHRNMTKTIYTSPIKALSNQKFRDFKETFDDVN
IGLITGDVQINPDANCLIMTTEILRSMLYRGADLIRDVEFVIFDEVHYVNDQDRGVVWEEVIIMLPQHVKFILLSATVPN
TYEFANWIGRTKQKNIYVISTPKRPVPLEINIWAKKELIPVINQNSEFLEANFRKHKEILNGESAKGAPSKTDNGRGGST
ARGGRGGSNTRDGRGGRGNSTRGGANRGGSRGAGAIGSNKRKFFTQDGPSKKTWPEIVNYLRKRELLPMVVFVFSKKRCE
EYADWLEGINFCNNKEKSQIHMFIEKSITRLKKEDRDLPQILKTRSLLERGIAVHHGGLLPIVKELIEILFSKGFIKVLF
ATETFAMGLNLPTRTVIFSSIRKHDGNGLRELTPGEFTQMAGRAGRRGLDSTGTVIVMAYNSPLSIATFKEVTMGVPTRL
QSQFRLTYNMILNLLRIEALRVEEMIKYSFSENAKETLQPEHEKQIKVLQEELQTIEYKSCEICDNDIEKFLELMLAYKE
ATVNLMQEMVKSPSILHILKEGRLVAFRDPNDCLKLGFVFKVSLKDAVCVIMTFTKPYKLPNGEPNHLIYFPKADGYRRR
NFPKFQKTDFYMEEVPVTAIEVITKRKFAAPLGKVIKKDVAALNEFNAETNNILDGKTLKEAINIEKQGLKIHQILLDRT
NIRDEIFKLKSIKCPNLSQHIVPKFKAHVIKKKIEELYHLMSDQNLSLLPDYEKRLAVLKDTEFIDQNHNVLLKGRVACE
INSGYELVLTELILDNFLGSFEPEEIVALLSVFVYEGKTREEEPPIVTPRLAKGKQRIEEIYKKMLCVFNTHQIPLTQDE
AEFLDRKRFAMMNVVYEWARGLSFKEIMEMSPEAEGTVVRVITWLDEICREVKTASIIIGNSTLHMKMSRAQELIKRDIV
FAASLYL
;
A
2 'polypeptide(L)'
;GPDSMSDIKQLLKEAKQELTNRDYEETIEISEKVLKLDPDNYFAHIFLGKALSSLPASNNVSSNRNLERATNHYVSAAKL
VPDNLLAWKGLFLLFRTTEVVPDILSYDEYFDLCGQYADALLKQEQSQVELINDIKLLKKTHPDCQKAFYQHLKPGSLMA
ETIGRHLSTPQDALLNLIKILSNIETTEIGKTLSQNRLKLKASDPDYQIKLNSFSWEIIKNSEIDQLYNQLVNILADDQK
RSEIENQWLEYRIKVLKSMPLDVKKDFFTKVKEMVEDMVLVNHQSLLAWQKYFEWTDYEDLDNMDAPLIIKYFKKFPKDP
LAMILYSWLSSKLSKYDIKSLESANKPPEGHKKTEKETDIKDVDETNEDEVKDRVEDEVKDRVEDEVKDQDEEAKEDEEE
DLDDIEIGLLEEEVVTVLTENIVKCKNNILAHRILCQYYLLTKEYEAALPYIKNGISLIAYNIKDLGVHLPLTKREFSLD
LATVYTYVDAPKDHNAALKLYDNILSGDFSNIQAKMGKGIIFIERKNWKDAMTLLTQVHEQSPNNLEVLSELSWSKAHMG
YMDEALAGLDTVIKGIKGMDLRSIDFRALNLWRQAKVYIMKHASINDAKQENVKCAFKLLIQSIKILDTFAPGFSTLGDI
YCHYYKDHLRAFKCYFKAFDLDAGDYTAAKYITETYASKPNWQAASSIASRLIKGEKAKAELRSNNWPFRVVGIAHLEKQ
EESDSIEWFQSALRVDPNDVESWVGLGQAYHACGRIEASIKVFDKAIQLRPSHTFAQYFKAISLCDVGEYLESLDILEKV
CQEAATEESFQIGLVEVLMRCSLDLYSQGFLLKSVSIAKDTIERIKIIISELKCENQQVWIYLSQVLRLFIWIESKVDTL
PVESLVSIFENSQFSGSEEIDSVDNIKIDTLLDSTTDDNVSIACKFLILASKYSVSDQKFTDIAGTVRASYWYNIGISEL
TAFITLKEPQYRDAAIFAFKKSIQLQSNTSETWIGLGIATMDINFRVSQHCFIKATALEPKATNTWFNLAMLGLKKKDTE
FAQQVLNKLQSLAPQDSSPWLGMALILEEQGDIIGSSKLFAHSFILSNGRSKAAQFMYAKNVLENHINNGDDERDIETVE
KLTTASIALEQFFKKSPDSQFALQCALLTLERLHHYENANELANRLIGILEKKFEKTQDERELFNFAIIKGQFARIHLGL
GNFELSIENADLSQGIISESSDEKSMKTKISNHICLGLSYFFLNDFDQTLNQFQELLSISKDSKHLVVLIAKVLYDVGES
DTKEIALQELTEYIATSGADLLVTLTIAAMSILDDKREDLSIILEELKALPLSKQIIDKHKDAPYLIEEITKRLYRNDTG
KQVWQRSAYFFPNNLKVWERLDKNIQRRIASNGQNKVTAEEMSKLYCESKNLRSIQRGMFLCPWNVTAVKALNECF
;
B
3 'polypeptide(L)'
;MSKVFIATANAGKAHDADIFSVSACNSFTVSCSGDGYLKVWDNKLLDNENPKDKSYSHFVHKSGLHHVDVLQAIERDAFE
LCLVATTSFSGDLLFYRITREDETKKVIFEKLDLLDSDMKKHSFWALKWGASNDRLLSHRLVATDVKGTTYIWKFHPFAD
ESNSLTLNWSPTLELQGTVESPMTPSQFATSVDISERGLIATGFNNGTVQISELSTLRPLYNFESQHSMINNSNSIRSVK
FSPQGSLLAIAHDSNSFGCITLYETEFGERIGSLSVPTHSSQASLGEFAHSSWVMSLSFNDSGETLCSAGWDGKLRFWDV
KTKERITTLNMHCDDIEIEEDILAVDEHGDSLAEPGVFDVKFLKKGWRSGMGADLNESLCCVCLDRSIRWFREAGGK
;
C,D
4 'polypeptide(L)'
;GPDSMSLLEQLARKRIEKSKGLLSADQSHSTSKSASLLERLHKNRETKDNNAETKRKDLKTLLAKDKVKRSDFTPNQHSV
SLSLKLSALKKSNSDLEKQGKSVTLDSKENELPTKRKSPDDKLNLEESWKAIKEMNHYCFLKNDPCINQTDDFAFTNFII
KDKKNSLSTSIPLSSQNSSFLSLKKHNNELLGIFVPCNLPKTTRKVAIENFNRPSPDDIIQSAQLNAFNEKLENLNIKSA
GSWSHPQFEK
;
E
#
# COMPACT_ATOMS: atom_id res chain seq x y z
N SER A 8 -29.99 -2.56 16.39
CA SER A 8 -29.10 -3.22 15.44
C SER A 8 -27.64 -3.06 15.87
N SER A 9 -27.43 -2.79 17.16
CA SER A 9 -26.09 -2.65 17.69
C SER A 9 -25.35 -3.99 17.65
N ILE A 10 -24.02 -3.90 17.55
CA ILE A 10 -23.21 -5.12 17.47
C ILE A 10 -23.30 -5.92 18.76
N GLN A 11 -23.48 -5.24 19.90
CA GLN A 11 -23.59 -5.95 21.17
C GLN A 11 -24.85 -6.79 21.24
N GLU A 12 -25.97 -6.26 20.75
CA GLU A 12 -27.20 -7.04 20.70
C GLU A 12 -27.05 -8.25 19.79
N LEU A 13 -26.41 -8.07 18.64
CA LEU A 13 -26.21 -9.18 17.71
C LEU A 13 -25.32 -10.25 18.32
N TYR A 14 -24.29 -9.84 19.05
CA TYR A 14 -23.43 -10.83 19.71
C TYR A 14 -24.15 -11.52 20.85
N GLN A 15 -25.03 -10.80 21.55
CA GLN A 15 -25.83 -11.43 22.60
C GLN A 15 -26.81 -12.44 22.00
N SER A 16 -27.31 -12.17 20.79
CA SER A 16 -28.16 -13.14 20.11
C SER A 16 -27.39 -14.40 19.73
N LEU A 17 -26.10 -14.24 19.41
CA LEU A 17 -25.28 -15.39 19.04
C LEU A 17 -25.14 -16.36 20.21
N LYS A 18 -25.16 -15.85 21.44
CA LYS A 18 -24.96 -16.67 22.62
C LYS A 18 -26.09 -17.66 22.87
N GLU A 19 -27.21 -17.52 22.16
CA GLU A 19 -28.34 -18.43 22.33
C GLU A 19 -28.19 -19.72 21.52
N ILE A 20 -27.14 -19.85 20.73
CA ILE A 20 -26.91 -21.05 19.95
C ILE A 20 -26.38 -22.14 20.85
N THR A 21 -27.05 -23.29 20.85
CA THR A 21 -26.68 -24.42 21.69
C THR A 21 -26.56 -25.67 20.85
N ASN A 22 -25.76 -26.62 21.33
CA ASN A 22 -25.51 -27.86 20.62
C ASN A 22 -26.73 -28.77 20.67
N LEU A 28 -21.93 -34.17 12.89
CA LEU A 28 -21.31 -34.03 11.58
C LEU A 28 -21.38 -32.59 11.09
N PHE A 29 -20.32 -32.14 10.42
CA PHE A 29 -20.26 -30.77 9.95
C PHE A 29 -21.16 -30.58 8.73
N GLU A 30 -21.85 -29.45 8.68
CA GLU A 30 -22.72 -29.10 7.57
C GLU A 30 -22.41 -27.67 7.12
N ASP A 31 -22.31 -27.48 5.80
CA ASP A 31 -22.08 -26.16 5.22
C ASP A 31 -23.45 -25.50 4.99
N ARG A 32 -23.97 -24.92 6.06
CA ARG A 32 -25.31 -24.33 6.04
C ARG A 32 -25.32 -23.04 5.23
N ILE A 33 -26.49 -22.74 4.67
CA ILE A 33 -26.70 -21.53 3.87
C ILE A 33 -27.44 -20.51 4.72
N THR A 34 -26.95 -19.27 4.72
CA THR A 34 -27.56 -18.22 5.53
C THR A 34 -28.92 -17.82 4.95
N LYS A 35 -29.76 -17.27 5.83
CA LYS A 35 -31.06 -16.74 5.45
C LYS A 35 -31.07 -15.22 5.33
N LEU A 36 -29.94 -14.56 5.56
CA LEU A 36 -29.85 -13.12 5.44
C LEU A 36 -30.00 -12.71 3.99
N ASP A 37 -30.64 -11.56 3.77
CA ASP A 37 -30.85 -11.00 2.43
C ASP A 37 -29.85 -9.87 2.20
N PHE A 38 -29.00 -10.03 1.20
CA PHE A 38 -28.00 -9.02 0.88
C PHE A 38 -28.54 -8.02 -0.13
N LYS A 45 -35.01 6.50 -0.40
CA LYS A 45 -34.59 6.76 0.97
C LYS A 45 -33.11 6.48 1.16
N HIS A 46 -32.73 5.21 1.05
CA HIS A 46 -31.31 4.84 1.14
C HIS A 46 -30.51 5.47 0.00
N ALA A 47 -31.04 5.38 -1.22
CA ALA A 47 -30.36 5.98 -2.37
C ALA A 47 -30.27 7.49 -2.24
N ASN A 48 -31.34 8.13 -1.74
CA ASN A 48 -31.32 9.57 -1.54
C ASN A 48 -30.24 9.96 -0.55
N ASP A 49 -30.12 9.23 0.56
CA ASP A 49 -29.08 9.52 1.54
C ASP A 49 -27.69 9.32 0.95
N ILE A 50 -27.50 8.25 0.18
CA ILE A 50 -26.19 8.01 -0.44
C ILE A 50 -25.83 9.13 -1.40
N ILE A 51 -26.80 9.56 -2.23
CA ILE A 51 -26.55 10.61 -3.20
C ILE A 51 -26.24 11.93 -2.50
N LYS A 52 -27.01 12.25 -1.46
CA LYS A 52 -26.76 13.50 -0.74
C LYS A 52 -25.39 13.49 -0.07
N ASP A 53 -25.00 12.36 0.52
CA ASP A 53 -23.67 12.28 1.13
C ASP A 53 -22.57 12.40 0.09
N ARG A 54 -22.75 11.77 -1.07
CA ARG A 54 -21.68 11.73 -2.07
C ARG A 54 -21.52 13.08 -2.77
N PHE A 55 -22.62 13.74 -3.11
CA PHE A 55 -22.56 14.86 -4.04
C PHE A 55 -22.94 16.21 -3.45
N LEU A 56 -23.88 16.28 -2.50
CA LEU A 56 -24.47 17.55 -2.12
C LEU A 56 -24.34 17.87 -0.64
N ARG A 57 -23.41 17.23 0.07
CA ARG A 57 -23.24 17.50 1.49
C ARG A 57 -21.99 18.32 1.72
N PRO A 58 -22.10 19.59 2.11
CA PRO A 58 -20.89 20.34 2.50
C PRO A 58 -20.25 19.72 3.72
N SER A 59 -18.92 19.64 3.69
CA SER A 59 -18.15 18.92 4.70
C SER A 59 -17.34 19.88 5.54
N ASN A 60 -17.15 19.51 6.81
CA ASN A 60 -16.33 20.32 7.70
C ASN A 60 -14.86 20.28 7.28
N ALA A 61 -14.40 19.13 6.78
CA ALA A 61 -13.02 18.96 6.36
C ALA A 61 -12.90 19.23 4.87
N LEU A 62 -11.95 20.08 4.51
CA LEU A 62 -11.79 20.48 3.12
C LEU A 62 -11.32 19.30 2.27
N PRO A 63 -11.91 19.11 1.09
CA PRO A 63 -11.47 18.02 0.21
C PRO A 63 -10.17 18.37 -0.50
N TRP A 64 -9.57 17.34 -1.10
CA TRP A 64 -8.30 17.52 -1.79
C TRP A 64 -8.40 18.49 -2.97
N SER A 65 -9.61 18.69 -3.52
CA SER A 65 -9.77 19.60 -4.64
C SER A 65 -9.45 21.04 -4.24
N LEU A 66 -9.91 21.47 -3.06
CA LEU A 66 -9.64 22.83 -2.59
C LEU A 66 -8.23 22.96 -2.04
N LEU A 67 -7.70 21.90 -1.42
CA LEU A 67 -6.30 21.92 -1.01
C LEU A 67 -5.38 22.01 -2.21
N ASP A 68 -5.81 21.46 -3.36
CA ASP A 68 -5.06 21.61 -4.59
C ASP A 68 -4.97 23.06 -5.02
N MET A 69 -5.88 23.91 -4.55
CA MET A 69 -5.94 25.32 -4.90
C MET A 69 -5.31 26.22 -3.86
N VAL A 70 -5.32 25.84 -2.58
CA VAL A 70 -4.88 26.72 -1.51
C VAL A 70 -3.54 26.31 -0.90
N GLN A 71 -3.02 25.14 -1.21
CA GLN A 71 -1.78 24.65 -0.62
C GLN A 71 -0.61 24.95 -1.54
N ASP A 72 0.48 25.48 -0.98
CA ASP A 72 1.70 25.77 -1.71
C ASP A 72 2.87 25.08 -1.04
N VAL A 73 3.67 24.38 -1.84
CA VAL A 73 4.85 23.68 -1.30
C VAL A 73 5.86 24.71 -0.80
N PRO A 74 6.49 24.50 0.37
CA PRO A 74 7.51 25.42 0.88
C PRO A 74 8.71 25.56 -0.06
N ASP A 87 22.03 22.41 2.25
CA ASP A 87 23.38 22.24 2.78
C ASP A 87 23.91 20.85 2.45
N TYR A 88 24.95 20.78 1.63
CA TYR A 88 25.52 19.50 1.23
C TYR A 88 26.34 18.86 2.35
N LYS A 89 26.76 19.63 3.35
CA LYS A 89 27.52 19.07 4.45
C LYS A 89 26.68 18.15 5.34
N GLU A 90 25.35 18.22 5.23
CA GLU A 90 24.48 17.39 6.04
C GLU A 90 24.41 15.95 5.54
N LEU A 91 24.79 15.69 4.29
CA LEU A 91 24.76 14.35 3.74
C LEU A 91 26.03 13.55 4.04
N LEU A 92 27.06 14.19 4.59
CA LEU A 92 28.33 13.53 4.83
C LEU A 92 28.39 12.94 6.23
N LYS A 93 29.45 12.19 6.49
CA LYS A 93 29.68 11.56 7.78
C LYS A 93 30.94 12.12 8.42
N VAL A 94 30.80 12.62 9.65
CA VAL A 94 31.95 13.13 10.39
C VAL A 94 32.74 11.94 10.95
N PRO A 95 34.06 11.91 10.79
CA PRO A 95 34.84 10.79 11.33
C PRO A 95 34.74 10.71 12.85
N ASP A 96 34.82 9.48 13.35
CA ASP A 96 34.71 9.21 14.78
C ASP A 96 35.97 9.62 15.53
N PRO A 97 35.88 9.85 16.83
CA PRO A 97 37.07 10.16 17.61
C PRO A 97 38.02 8.98 17.70
N ILE A 98 39.29 9.29 17.95
CA ILE A 98 40.36 8.30 18.00
C ILE A 98 40.93 8.27 19.42
N ASN A 99 41.03 7.07 19.99
CA ASN A 99 41.64 6.87 21.30
C ASN A 99 42.90 6.03 21.11
N ARG A 100 44.05 6.58 21.51
CA ARG A 100 45.34 5.91 21.37
C ARG A 100 46.00 5.65 22.72
N THR A 101 45.22 5.58 23.80
CA THR A 101 45.74 5.32 25.13
C THR A 101 44.89 4.25 25.80
N SER A 102 45.51 3.51 26.71
CA SER A 102 44.81 2.45 27.44
C SER A 102 45.49 2.18 28.78
N HIS A 187 47.45 10.90 -9.59
CA HIS A 187 48.86 10.92 -9.24
C HIS A 187 49.56 12.14 -9.80
N LYS A 188 48.83 12.94 -10.59
CA LYS A 188 49.40 14.12 -11.20
C LYS A 188 49.48 15.26 -10.19
N ASP A 189 49.81 16.45 -10.67
CA ASP A 189 50.08 17.58 -9.79
C ASP A 189 49.71 18.91 -10.43
N GLY A 190 50.26 19.99 -9.89
CA GLY A 190 49.92 21.35 -10.25
C GLY A 190 50.72 22.31 -9.39
N GLN A 191 50.06 23.28 -8.78
CA GLN A 191 50.69 24.16 -7.80
C GLN A 191 50.82 23.47 -6.44
N GLY A 192 51.38 22.26 -6.44
CA GLY A 192 51.55 21.48 -5.24
C GLY A 192 50.33 20.67 -4.83
N LEU A 193 49.18 20.90 -5.46
CA LEU A 193 47.94 20.25 -5.06
C LEU A 193 47.55 19.17 -6.05
N PHE A 194 47.02 18.05 -5.52
CA PHE A 194 46.51 16.99 -6.37
C PHE A 194 45.30 17.48 -7.15
N ASP A 195 45.21 17.07 -8.41
CA ASP A 195 44.17 17.55 -9.31
C ASP A 195 43.35 16.46 -9.98
N ILE A 196 43.80 15.20 -9.98
CA ILE A 196 43.10 14.12 -10.66
C ILE A 196 43.02 12.91 -9.74
N PRO A 197 41.84 12.37 -9.48
CA PRO A 197 41.73 11.17 -8.63
C PRO A 197 42.20 9.92 -9.36
N GLU A 198 42.43 8.87 -8.57
CA GLU A 198 42.84 7.60 -9.12
C GLU A 198 41.71 6.96 -9.92
N GLY A 199 42.05 6.40 -11.08
CA GLY A 199 41.06 5.77 -11.92
C GLY A 199 40.20 6.71 -12.73
N MET A 200 40.49 8.01 -12.70
CA MET A 200 39.72 9.02 -13.42
C MET A 200 40.63 9.78 -14.36
N ASN A 201 40.01 10.55 -15.26
CA ASN A 201 40.76 11.19 -16.34
C ASN A 201 40.62 12.70 -16.42
N ARG A 202 39.67 13.31 -15.72
CA ARG A 202 39.43 14.74 -15.86
C ARG A 202 39.75 15.51 -14.58
N GLY A 203 39.16 15.14 -13.46
CA GLY A 203 39.27 15.95 -12.25
C GLY A 203 37.98 16.71 -11.98
N ILE A 204 38.09 17.98 -11.61
CA ILE A 204 36.92 18.79 -11.30
C ILE A 204 36.94 20.04 -12.17
N LYS A 205 35.75 20.44 -12.62
CA LYS A 205 35.59 21.64 -13.46
C LYS A 205 34.27 22.28 -13.10
N PRO A 206 34.28 23.38 -12.35
CA PRO A 206 33.02 24.01 -11.93
C PRO A 206 32.22 24.50 -13.13
N MET A 207 30.90 24.45 -12.99
CA MET A 207 30.00 24.90 -14.04
C MET A 207 28.87 25.76 -13.45
N CYS B 785 31.13 -7.63 26.07
CA CYS B 785 31.39 -6.25 25.66
C CYS B 785 31.83 -6.19 24.20
N ASP B 786 33.01 -6.75 23.91
CA ASP B 786 33.56 -6.72 22.56
C ASP B 786 32.85 -7.67 21.62
N VAL B 787 31.97 -8.54 22.11
CA VAL B 787 31.30 -9.53 21.28
C VAL B 787 29.79 -9.34 21.25
N GLY B 788 29.22 -8.53 22.15
CA GLY B 788 27.82 -8.19 22.04
C GLY B 788 27.02 -8.18 23.32
N GLU B 789 27.40 -9.00 24.30
CA GLU B 789 26.67 -9.06 25.57
C GLU B 789 27.15 -7.92 26.47
N TYR B 790 26.21 -7.07 26.86
CA TYR B 790 26.50 -5.96 27.77
C TYR B 790 25.81 -6.11 29.12
N LEU B 791 24.62 -6.71 29.16
CA LEU B 791 23.89 -6.83 30.42
C LEU B 791 24.67 -7.65 31.43
N GLU B 792 25.24 -8.78 31.00
CA GLU B 792 26.05 -9.60 31.90
C GLU B 792 27.31 -8.86 32.33
N SER B 793 27.99 -8.21 31.37
CA SER B 793 29.17 -7.42 31.71
C SER B 793 28.82 -6.26 32.63
N LEU B 794 27.69 -5.59 32.36
CA LEU B 794 27.27 -4.49 33.22
C LEU B 794 26.99 -4.98 34.64
N ASP B 795 26.32 -6.13 34.78
CA ASP B 795 26.06 -6.66 36.11
C ASP B 795 27.36 -7.02 36.82
N ILE B 796 28.30 -7.64 36.10
CA ILE B 796 29.58 -8.00 36.69
C ILE B 796 30.31 -6.77 37.19
N LEU B 797 30.39 -5.73 36.36
CA LEU B 797 31.12 -4.53 36.75
C LEU B 797 30.43 -3.78 37.87
N GLU B 798 29.10 -3.71 37.85
CA GLU B 798 28.38 -3.04 38.94
C GLU B 798 28.59 -3.78 40.26
N LYS B 799 28.58 -5.12 40.23
CA LYS B 799 28.87 -5.87 41.44
C LYS B 799 30.30 -5.65 41.90
N VAL B 800 31.24 -5.55 40.95
CA VAL B 800 32.64 -5.30 41.33
C VAL B 800 32.79 -3.93 41.96
N CYS B 801 32.13 -2.91 41.40
CA CYS B 801 32.33 -1.54 41.84
C CYS B 801 31.69 -1.26 43.20
N GLN B 802 30.72 -2.08 43.62
CA GLN B 802 29.99 -1.79 44.86
C GLN B 802 30.87 -1.88 46.10
N GLU B 803 31.71 -2.91 46.21
CA GLU B 803 32.54 -3.11 47.40
C GLU B 803 33.98 -2.64 47.22
N ALA B 804 34.30 -2.02 46.09
CA ALA B 804 35.64 -1.52 45.81
C ALA B 804 35.57 -0.12 45.22
N ALA B 805 34.79 0.76 45.87
CA ALA B 805 34.61 2.11 45.36
C ALA B 805 35.78 3.00 45.76
N THR B 806 37.00 2.55 45.48
CA THR B 806 38.19 3.34 45.72
C THR B 806 39.21 3.27 44.58
N GLU B 807 39.03 2.39 43.60
CA GLU B 807 39.99 2.20 42.53
C GLU B 807 39.46 2.86 41.27
N GLU B 808 40.33 3.64 40.60
CA GLU B 808 39.91 4.37 39.41
C GLU B 808 39.54 3.44 38.26
N SER B 809 40.29 2.34 38.11
CA SER B 809 40.13 1.48 36.94
C SER B 809 38.73 0.86 36.89
N PHE B 810 38.18 0.50 38.05
CA PHE B 810 36.87 -0.14 38.07
C PHE B 810 35.80 0.81 37.53
N GLN B 811 35.76 2.04 38.05
CA GLN B 811 34.79 3.01 37.58
C GLN B 811 35.03 3.39 36.13
N ILE B 812 36.29 3.49 35.72
CA ILE B 812 36.58 3.84 34.32
C ILE B 812 36.09 2.74 33.38
N GLY B 813 36.31 1.49 33.74
CA GLY B 813 35.79 0.39 32.93
C GLY B 813 34.27 0.36 32.89
N LEU B 814 33.63 0.66 34.02
CA LEU B 814 32.18 0.75 34.05
C LEU B 814 31.69 1.84 33.11
N VAL B 815 32.37 3.00 33.12
CA VAL B 815 32.00 4.10 32.23
C VAL B 815 32.18 3.68 30.77
N GLU B 816 33.28 3.00 30.47
CA GLU B 816 33.53 2.57 29.09
C GLU B 816 32.43 1.62 28.61
N VAL B 817 32.07 0.64 29.43
CA VAL B 817 31.05 -0.31 29.02
C VAL B 817 29.69 0.36 28.90
N LEU B 818 29.38 1.29 29.81
CA LEU B 818 28.13 2.03 29.71
C LEU B 818 28.07 2.85 28.43
N MET B 819 29.17 3.52 28.07
CA MET B 819 29.20 4.31 26.85
C MET B 819 29.02 3.42 25.63
N ARG B 820 29.72 2.29 25.59
CA ARG B 820 29.62 1.41 24.42
C ARG B 820 28.21 0.82 24.30
N CYS B 821 27.59 0.49 25.44
CA CYS B 821 26.21 0.02 25.41
C CYS B 821 25.28 1.11 24.89
N SER B 822 25.46 2.35 25.33
CA SER B 822 24.60 3.43 24.87
C SER B 822 24.77 3.68 23.38
N LEU B 823 26.01 3.64 22.88
CA LEU B 823 26.24 3.83 21.45
C LEU B 823 25.65 2.69 20.64
N ASP B 824 25.78 1.45 21.13
CA ASP B 824 25.17 0.31 20.45
C ASP B 824 23.65 0.46 20.41
N LEU B 825 23.05 0.92 21.52
CA LEU B 825 21.61 1.13 21.55
C LEU B 825 21.20 2.22 20.56
N TYR B 826 21.98 3.29 20.46
CA TYR B 826 21.69 4.34 19.48
C TYR B 826 21.75 3.80 18.07
N SER B 827 22.77 2.99 17.78
CA SER B 827 22.88 2.39 16.44
C SER B 827 21.72 1.45 16.15
N GLN B 828 21.26 0.71 17.16
CA GLN B 828 20.11 -0.17 16.97
C GLN B 828 18.82 0.63 16.78
N GLY B 829 18.67 1.73 17.51
CA GLY B 829 17.49 2.57 17.38
C GLY B 829 16.75 2.80 18.67
N PHE B 830 17.43 2.62 19.81
CA PHE B 830 16.83 2.82 21.13
C PHE B 830 17.30 4.17 21.66
N LEU B 831 16.60 5.22 21.24
CA LEU B 831 17.07 6.58 21.53
C LEU B 831 16.83 6.96 22.99
N LEU B 832 15.65 6.64 23.52
CA LEU B 832 15.35 7.00 24.92
C LEU B 832 16.24 6.23 25.89
N LYS B 833 16.43 4.94 25.65
CA LYS B 833 17.36 4.18 26.48
C LYS B 833 18.78 4.69 26.32
N SER B 834 19.15 5.15 25.11
CA SER B 834 20.48 5.70 24.89
C SER B 834 20.70 6.95 25.72
N VAL B 835 19.72 7.85 25.74
CA VAL B 835 19.91 9.08 26.53
C VAL B 835 19.86 8.77 28.03
N SER B 836 19.08 7.77 28.44
CA SER B 836 19.09 7.38 29.84
C SER B 836 20.47 6.85 30.25
N ILE B 837 21.06 5.98 29.44
CA ILE B 837 22.38 5.45 29.74
C ILE B 837 23.43 6.55 29.69
N ALA B 838 23.27 7.51 28.78
CA ALA B 838 24.19 8.64 28.71
C ALA B 838 24.12 9.50 29.97
N LYS B 839 22.91 9.75 30.48
CA LYS B 839 22.78 10.50 31.72
C LYS B 839 23.43 9.75 32.88
N ASP B 840 23.21 8.43 32.96
CA ASP B 840 23.84 7.64 34.01
C ASP B 840 25.37 7.69 33.89
N THR B 841 25.89 7.61 32.67
CA THR B 841 27.32 7.68 32.45
C THR B 841 27.87 9.03 32.89
N ILE B 842 27.14 10.12 32.61
CA ILE B 842 27.59 11.45 33.01
C ILE B 842 27.61 11.56 34.54
N GLU B 843 26.60 11.00 35.21
CA GLU B 843 26.60 11.02 36.67
C GLU B 843 27.79 10.25 37.23
N ARG B 844 28.08 9.07 36.66
CA ARG B 844 29.23 8.30 37.12
C ARG B 844 30.54 9.05 36.87
N ILE B 845 30.64 9.74 35.73
CA ILE B 845 31.85 10.52 35.44
C ILE B 845 31.99 11.68 36.43
N LYS B 846 30.88 12.31 36.80
CA LYS B 846 30.92 13.35 37.82
C LYS B 846 31.42 12.78 39.14
N ILE B 847 30.93 11.60 39.52
CA ILE B 847 31.40 10.95 40.73
C ILE B 847 32.92 10.74 40.66
N ILE B 848 33.39 10.21 39.53
CA ILE B 848 34.82 9.91 39.39
C ILE B 848 35.65 11.19 39.52
N ILE B 849 35.25 12.24 38.82
CA ILE B 849 36.06 13.45 38.76
C ILE B 849 36.05 14.17 40.11
N SER B 850 34.88 14.28 40.74
CA SER B 850 34.77 15.08 41.96
C SER B 850 35.15 14.26 43.21
N GLU B 851 34.43 13.17 43.46
CA GLU B 851 34.64 12.43 44.70
C GLU B 851 36.02 11.77 44.73
N LEU B 852 36.41 11.10 43.66
CA LEU B 852 37.68 10.39 43.62
C LEU B 852 38.85 11.29 43.25
N LYS B 853 38.60 12.50 42.77
CA LYS B 853 39.65 13.46 42.42
C LYS B 853 40.68 12.84 41.47
N CYS B 854 40.18 12.13 40.46
CA CYS B 854 41.02 11.46 39.48
C CYS B 854 40.77 12.02 38.09
N GLU B 855 41.81 12.02 37.26
CA GLU B 855 41.72 12.51 35.90
C GLU B 855 42.49 11.59 34.97
N ASN B 856 42.04 11.52 33.72
CA ASN B 856 42.68 10.71 32.69
C ASN B 856 42.09 11.08 31.35
N GLN B 857 42.87 10.88 30.28
CA GLN B 857 42.38 11.19 28.95
C GLN B 857 41.21 10.30 28.57
N GLN B 858 41.22 9.05 29.03
CA GLN B 858 40.18 8.10 28.64
C GLN B 858 38.81 8.56 29.11
N VAL B 859 38.70 9.04 30.35
CA VAL B 859 37.40 9.45 30.86
C VAL B 859 36.89 10.70 30.12
N TRP B 860 37.78 11.62 29.76
CA TRP B 860 37.36 12.79 29.00
C TRP B 860 36.89 12.41 27.60
N ILE B 861 37.59 11.48 26.95
CA ILE B 861 37.13 11.01 25.65
C ILE B 861 35.79 10.30 25.77
N TYR B 862 35.61 9.53 26.85
CA TYR B 862 34.32 8.87 27.07
C TYR B 862 33.21 9.89 27.24
N LEU B 863 33.47 10.95 28.01
CA LEU B 863 32.49 12.00 28.20
C LEU B 863 32.16 12.70 26.89
N SER B 864 33.17 12.97 26.06
CA SER B 864 32.94 13.59 24.77
C SER B 864 32.09 12.71 23.87
N GLN B 865 32.36 11.40 23.87
CA GLN B 865 31.54 10.48 23.07
C GLN B 865 30.11 10.42 23.60
N VAL B 866 29.93 10.51 24.91
CA VAL B 866 28.59 10.48 25.49
C VAL B 866 27.83 11.76 25.14
N LEU B 867 28.53 12.90 25.15
CA LEU B 867 27.85 14.19 24.92
C LEU B 867 27.30 14.30 23.51
N ARG B 868 27.85 13.55 22.55
CA ARG B 868 27.35 13.61 21.18
C ARG B 868 25.94 13.03 21.07
N LEU B 869 25.55 12.19 22.02
CA LEU B 869 24.21 11.59 21.97
C LEU B 869 23.12 12.62 22.18
N PHE B 870 23.36 13.63 23.02
CA PHE B 870 22.36 14.67 23.24
C PHE B 870 22.19 15.56 22.02
N ILE B 871 23.29 15.83 21.29
CA ILE B 871 23.18 16.62 20.07
C ILE B 871 22.48 15.83 18.98
N TRP B 872 22.85 14.56 18.81
CA TRP B 872 22.22 13.74 17.78
C TRP B 872 20.74 13.55 18.05
N ILE B 873 20.38 13.21 19.28
CA ILE B 873 18.97 13.10 19.68
C ILE B 873 18.59 14.48 20.21
N GLU B 874 18.24 15.37 19.29
CA GLU B 874 17.97 16.76 19.66
C GLU B 874 16.61 16.91 20.31
N SER B 875 15.71 15.94 20.11
CA SER B 875 14.41 15.97 20.75
C SER B 875 14.50 15.83 22.26
N LYS B 876 15.64 15.35 22.78
CA LYS B 876 15.85 15.17 24.21
C LYS B 876 17.02 16.01 24.72
N VAL B 877 17.36 17.10 24.04
CA VAL B 877 18.48 17.93 24.43
C VAL B 877 18.23 18.68 25.73
N ASP B 878 16.97 18.79 26.16
CA ASP B 878 16.63 19.51 27.38
C ASP B 878 16.83 18.68 28.64
N THR B 879 17.24 17.42 28.52
CA THR B 879 17.55 16.57 29.65
C THR B 879 19.03 16.55 29.98
N LEU B 880 19.81 17.45 29.42
CA LEU B 880 21.23 17.48 29.66
C LEU B 880 21.53 17.89 31.10
N PRO B 881 22.28 17.09 31.86
CA PRO B 881 22.57 17.47 33.25
C PRO B 881 23.58 18.60 33.35
N VAL B 882 23.10 19.84 33.25
CA VAL B 882 23.99 20.98 33.22
C VAL B 882 24.71 21.17 34.55
N GLU B 883 24.05 20.84 35.66
CA GLU B 883 24.66 21.02 36.97
C GLU B 883 25.85 20.08 37.14
N SER B 884 25.66 18.80 36.82
CA SER B 884 26.75 17.84 36.89
C SER B 884 27.89 18.23 35.96
N LEU B 885 27.55 18.68 34.75
CA LEU B 885 28.58 19.06 33.79
C LEU B 885 29.39 20.25 34.27
N VAL B 886 28.73 21.27 34.82
CA VAL B 886 29.47 22.45 35.27
C VAL B 886 30.30 22.10 36.50
N SER B 887 29.80 21.23 37.38
CA SER B 887 30.61 20.80 38.51
C SER B 887 31.85 20.04 38.05
N ILE B 888 31.68 19.17 37.04
CA ILE B 888 32.82 18.42 36.52
C ILE B 888 33.84 19.36 35.87
N PHE B 889 33.36 20.34 35.09
CA PHE B 889 34.28 21.25 34.43
C PHE B 889 34.92 22.24 35.38
N GLU B 890 34.31 22.47 36.55
CA GLU B 890 34.92 23.36 37.53
C GLU B 890 35.87 22.64 38.48
N ASN B 891 35.63 21.34 38.73
CA ASN B 891 36.50 20.59 39.64
C ASN B 891 37.84 20.24 39.02
N SER B 892 38.03 20.47 37.73
CA SER B 892 39.29 20.13 37.07
C SER B 892 40.28 21.28 37.18
N GLN B 893 41.57 20.93 37.04
CA GLN B 893 42.67 21.89 37.06
C GLN B 893 43.31 21.90 35.68
N PHE B 894 42.94 22.89 34.86
CA PHE B 894 43.35 22.96 33.46
C PHE B 894 44.26 24.15 33.25
N SER B 895 45.35 23.92 32.51
CA SER B 895 46.31 24.99 32.24
C SER B 895 45.73 26.01 31.27
N GLY B 896 45.26 25.55 30.11
CA GLY B 896 44.65 26.43 29.13
C GLY B 896 45.60 26.92 28.05
N SER B 897 45.28 26.62 26.80
CA SER B 897 46.04 27.08 25.65
C SER B 897 45.20 28.09 24.87
N GLU B 898 45.71 29.31 24.72
CA GLU B 898 44.95 30.40 24.11
C GLU B 898 45.01 30.37 22.58
N GLU B 899 45.87 29.54 21.99
CA GLU B 899 46.01 29.52 20.54
C GLU B 899 44.69 29.14 19.86
N ILE B 900 44.02 28.11 20.38
CA ILE B 900 42.72 27.74 19.85
C ILE B 900 41.60 28.58 20.45
N ASP B 901 41.78 29.06 21.68
CA ASP B 901 40.72 29.83 22.34
C ASP B 901 40.52 31.20 21.70
N SER B 902 41.56 31.74 21.06
CA SER B 902 41.42 33.04 20.41
C SER B 902 40.40 32.99 19.29
N VAL B 903 40.41 31.93 18.49
CA VAL B 903 39.44 31.79 17.41
C VAL B 903 38.15 31.17 17.92
N ASP B 904 38.25 30.25 18.87
CA ASP B 904 37.07 29.55 19.37
C ASP B 904 36.14 30.49 20.13
N ASN B 905 36.70 31.31 21.03
CA ASN B 905 35.93 32.16 21.92
C ASN B 905 34.98 31.34 22.81
N ILE B 906 35.36 30.11 23.09
CA ILE B 906 34.58 29.22 23.94
C ILE B 906 35.35 28.99 25.23
N LYS B 907 34.74 29.35 26.36
CA LYS B 907 35.39 29.22 27.65
C LYS B 907 34.33 28.93 28.70
N ILE B 908 34.78 28.46 29.87
CA ILE B 908 33.86 28.16 30.96
C ILE B 908 33.15 29.43 31.43
N ASP B 909 33.90 30.52 31.58
CA ASP B 909 33.30 31.77 32.03
C ASP B 909 32.29 32.31 31.03
N THR B 910 32.62 32.24 29.74
CA THR B 910 31.70 32.71 28.71
C THR B 910 30.45 31.83 28.65
N LEU B 911 30.63 30.51 28.78
CA LEU B 911 29.48 29.61 28.78
C LEU B 911 28.57 29.86 29.97
N LEU B 912 29.15 30.08 31.14
CA LEU B 912 28.33 30.35 32.33
C LEU B 912 27.58 31.67 32.21
N ASP B 913 28.25 32.72 31.72
CA ASP B 913 27.63 34.02 31.55
C ASP B 913 27.02 34.10 30.15
N SER B 914 25.89 33.42 29.99
CA SER B 914 25.19 33.35 28.72
C SER B 914 23.77 33.86 28.89
N THR B 915 23.32 34.68 27.94
CA THR B 915 21.97 35.24 27.94
C THR B 915 21.32 34.95 26.60
N THR B 916 20.10 34.43 26.65
CA THR B 916 19.32 34.06 25.46
C THR B 916 20.13 33.12 24.56
N ASP B 917 20.52 31.99 25.14
CA ASP B 917 21.31 30.99 24.46
C ASP B 917 20.48 29.72 24.28
N ASP B 918 20.48 29.19 23.07
CA ASP B 918 19.71 27.99 22.77
C ASP B 918 20.32 26.77 23.44
N ASN B 919 19.48 25.74 23.62
CA ASN B 919 19.94 24.51 24.25
C ASN B 919 21.02 23.82 23.41
N VAL B 920 20.83 23.81 22.09
CA VAL B 920 21.76 23.13 21.20
C VAL B 920 23.12 23.83 21.21
N SER B 921 23.12 25.16 21.24
CA SER B 921 24.39 25.89 21.29
C SER B 921 25.15 25.56 22.57
N ILE B 922 24.44 25.50 23.70
CA ILE B 922 25.08 25.16 24.97
C ILE B 922 25.63 23.74 24.93
N ALA B 923 24.86 22.80 24.35
CA ALA B 923 25.33 21.43 24.25
C ALA B 923 26.59 21.33 23.38
N CYS B 924 26.61 22.05 22.26
CA CYS B 924 27.78 22.04 21.40
C CYS B 924 28.98 22.67 22.09
N LYS B 925 28.76 23.74 22.85
CA LYS B 925 29.86 24.35 23.60
C LYS B 925 30.39 23.39 24.66
N PHE B 926 29.52 22.66 25.33
CA PHE B 926 29.96 21.66 26.30
C PHE B 926 30.76 20.56 25.63
N LEU B 927 30.33 20.13 24.44
CA LEU B 927 31.10 19.11 23.70
C LEU B 927 32.49 19.63 23.35
N ILE B 928 32.58 20.87 22.88
CA ILE B 928 33.88 21.44 22.53
C ILE B 928 34.76 21.55 23.77
N LEU B 929 34.19 21.99 24.89
CA LEU B 929 34.96 22.11 26.13
C LEU B 929 35.45 20.75 26.61
N ALA B 930 34.60 19.72 26.51
CA ALA B 930 35.01 18.37 26.89
C ALA B 930 36.15 17.88 26.01
N SER B 931 36.08 18.17 24.71
CA SER B 931 37.17 17.79 23.82
C SER B 931 38.45 18.58 24.09
N LYS B 932 38.33 19.81 24.62
CA LYS B 932 39.50 20.65 24.83
C LYS B 932 40.26 20.36 26.11
N TYR B 933 39.66 19.63 27.05
CA TYR B 933 40.28 19.38 28.34
C TYR B 933 41.06 18.08 28.39
N SER B 934 41.18 17.38 27.27
CA SER B 934 41.89 16.08 27.22
C SER B 934 43.39 16.30 27.04
N VAL B 935 43.97 17.09 27.94
CA VAL B 935 45.38 17.42 27.87
C VAL B 935 46.20 16.47 28.75
N ALA B 944 55.75 9.60 19.50
CA ALA B 944 56.31 10.89 19.08
C ALA B 944 55.24 11.77 18.45
N GLY B 945 54.50 12.50 19.29
CA GLY B 945 53.45 13.37 18.82
C GLY B 945 52.18 12.68 18.40
N THR B 946 52.04 11.39 18.70
CA THR B 946 50.82 10.66 18.31
C THR B 946 49.63 11.08 19.16
N VAL B 947 49.83 11.18 20.48
CA VAL B 947 48.75 11.58 21.37
C VAL B 947 48.32 13.02 21.10
N ARG B 948 49.28 13.90 20.86
CA ARG B 948 48.95 15.29 20.54
C ARG B 948 48.18 15.38 19.24
N ALA B 949 48.58 14.58 18.23
CA ALA B 949 47.85 14.56 16.97
C ALA B 949 46.42 14.08 17.17
N SER B 950 46.22 13.02 17.97
CA SER B 950 44.87 12.55 18.25
C SER B 950 44.06 13.60 18.98
N TYR B 951 44.68 14.31 19.91
CA TYR B 951 44.00 15.36 20.66
C TYR B 951 43.52 16.48 19.73
N TRP B 952 44.41 16.94 18.85
CA TRP B 952 44.03 17.99 17.92
C TRP B 952 42.97 17.51 16.92
N TYR B 953 43.06 16.25 16.49
CA TYR B 953 42.03 15.71 15.61
C TYR B 953 40.69 15.66 16.31
N ASN B 954 40.67 15.28 17.60
CA ASN B 954 39.42 15.26 18.35
C ASN B 954 38.83 16.67 18.47
N ILE B 955 39.68 17.65 18.76
CA ILE B 955 39.20 19.04 18.84
C ILE B 955 38.62 19.47 17.50
N GLY B 956 39.31 19.14 16.40
CA GLY B 956 38.82 19.51 15.09
C GLY B 956 37.50 18.85 14.76
N ILE B 957 37.33 17.58 15.14
CA ILE B 957 36.07 16.88 14.91
C ILE B 957 34.94 17.55 15.69
N SER B 958 35.20 17.92 16.95
CA SER B 958 34.17 18.59 17.73
C SER B 958 33.81 19.94 17.13
N GLU B 959 34.81 20.71 16.69
CA GLU B 959 34.54 22.00 16.07
C GLU B 959 33.78 21.84 14.77
N LEU B 960 34.09 20.80 13.99
CA LEU B 960 33.34 20.54 12.76
C LEU B 960 31.90 20.19 13.06
N THR B 961 31.66 19.40 14.11
CA THR B 961 30.29 19.10 14.51
C THR B 961 29.54 20.37 14.88
N ALA B 962 30.17 21.24 15.67
CA ALA B 962 29.54 22.50 16.05
C ALA B 962 29.29 23.39 14.84
N PHE B 963 30.23 23.43 13.90
CA PHE B 963 30.07 24.24 12.70
C PHE B 963 28.92 23.74 11.84
N ILE B 964 28.79 22.42 11.69
CA ILE B 964 27.69 21.88 10.90
C ILE B 964 26.35 22.13 11.59
N THR B 965 26.32 22.01 12.93
CA THR B 965 25.06 22.14 13.64
C THR B 965 24.60 23.59 13.72
N LEU B 966 25.52 24.52 14.00
CA LEU B 966 25.15 25.91 14.24
C LEU B 966 25.38 26.82 13.04
N LYS B 967 26.22 26.42 12.09
CA LYS B 967 26.45 27.17 10.85
C LYS B 967 26.98 28.59 11.15
N GLU B 968 28.18 28.65 11.72
CA GLU B 968 28.84 29.91 12.01
C GLU B 968 30.31 29.83 11.61
N PRO B 969 30.86 30.90 11.02
CA PRO B 969 32.22 30.82 10.46
C PRO B 969 33.31 30.55 11.47
N GLN B 970 33.16 31.00 12.73
CA GLN B 970 34.23 30.86 13.70
C GLN B 970 34.53 29.40 13.98
N TYR B 971 33.49 28.56 14.05
CA TYR B 971 33.70 27.14 14.28
C TYR B 971 34.43 26.48 13.11
N ARG B 972 34.11 26.89 11.88
CA ARG B 972 34.82 26.39 10.71
C ARG B 972 36.29 26.79 10.75
N ASP B 973 36.58 28.04 11.10
CA ASP B 973 37.96 28.48 11.21
C ASP B 973 38.71 27.70 12.28
N ALA B 974 38.07 27.48 13.43
CA ALA B 974 38.71 26.71 14.49
C ALA B 974 38.96 25.27 14.08
N ALA B 975 38.00 24.67 13.36
CA ALA B 975 38.20 23.30 12.88
C ALA B 975 39.35 23.22 11.90
N ILE B 976 39.45 24.20 10.99
CA ILE B 976 40.56 24.21 10.04
C ILE B 976 41.88 24.38 10.77
N PHE B 977 41.92 25.25 11.78
CA PHE B 977 43.14 25.45 12.57
C PHE B 977 43.55 24.16 13.27
N ALA B 978 42.59 23.47 13.89
CA ALA B 978 42.90 22.23 14.60
C ALA B 978 43.38 21.15 13.65
N PHE B 979 42.74 21.02 12.48
CA PHE B 979 43.16 20.01 11.52
C PHE B 979 44.55 20.32 10.97
N LYS B 980 44.84 21.60 10.71
CA LYS B 980 46.16 21.97 10.24
C LYS B 980 47.23 21.64 11.29
N LYS B 981 46.92 21.91 12.56
CA LYS B 981 47.86 21.56 13.63
C LYS B 981 48.05 20.05 13.71
N SER B 982 46.97 19.29 13.55
CA SER B 982 47.04 17.84 13.66
C SER B 982 47.85 17.22 12.52
N ILE B 983 47.68 17.73 11.30
CA ILE B 983 48.38 17.16 10.15
C ILE B 983 49.88 17.38 10.27
N GLN B 984 50.30 18.50 10.85
CA GLN B 984 51.72 18.81 10.97
C GLN B 984 52.47 17.84 11.88
N LEU B 985 51.77 17.02 12.65
CA LEU B 985 52.40 16.06 13.54
C LEU B 985 52.35 14.62 13.05
N GLN B 986 51.30 14.24 12.32
CA GLN B 986 51.23 12.89 11.76
C GLN B 986 50.31 12.95 10.53
N SER B 987 50.93 12.95 9.35
CA SER B 987 50.17 13.11 8.11
C SER B 987 49.46 11.82 7.68
N ASN B 988 50.05 10.67 7.98
CA ASN B 988 49.48 9.38 7.54
C ASN B 988 48.39 8.92 8.53
N THR B 989 47.30 9.66 8.53
CA THR B 989 46.17 9.39 9.42
C THR B 989 44.91 8.96 8.69
N SER B 990 44.66 9.50 7.50
CA SER B 990 43.56 9.15 6.60
C SER B 990 42.19 9.57 7.14
N GLU B 991 42.10 10.16 8.32
CA GLU B 991 40.86 10.70 8.84
C GLU B 991 40.92 12.18 9.14
N THR B 992 42.09 12.71 9.46
CA THR B 992 42.25 14.16 9.53
C THR B 992 42.15 14.79 8.15
N TRP B 993 42.51 14.04 7.10
CA TRP B 993 42.36 14.54 5.74
C TRP B 993 40.89 14.69 5.36
N ILE B 994 40.06 13.70 5.72
CA ILE B 994 38.64 13.79 5.44
C ILE B 994 38.01 14.96 6.18
N GLY B 995 38.38 15.14 7.45
CA GLY B 995 37.86 16.26 8.21
C GLY B 995 38.28 17.60 7.64
N LEU B 996 39.55 17.71 7.24
CA LEU B 996 40.02 18.94 6.61
C LEU B 996 39.26 19.21 5.31
N GLY B 997 39.05 18.17 4.49
CA GLY B 997 38.32 18.35 3.25
C GLY B 997 36.89 18.78 3.46
N ILE B 998 36.22 18.21 4.46
CA ILE B 998 34.86 18.63 4.76
C ILE B 998 34.84 20.06 5.29
N ALA B 999 35.87 20.46 6.04
CA ALA B 999 35.88 21.77 6.65
C ALA B 999 35.99 22.89 5.62
N THR B 1000 36.62 22.61 4.47
CA THR B 1000 36.87 23.65 3.47
C THR B 1000 36.21 23.37 2.13
N MET B 1001 35.01 22.76 2.15
CA MET B 1001 34.30 22.53 0.90
C MET B 1001 33.88 23.84 0.25
N ASP B 1002 33.42 24.81 1.05
CA ASP B 1002 32.92 26.07 0.50
C ASP B 1002 34.01 27.12 0.36
N ILE B 1003 35.05 27.08 1.18
CA ILE B 1003 36.11 28.09 1.10
C ILE B 1003 36.90 27.93 -0.20
N ASN B 1004 37.32 26.71 -0.51
CA ASN B 1004 38.13 26.48 -1.70
C ASN B 1004 37.92 25.06 -2.19
N PHE B 1005 37.51 24.92 -3.45
CA PHE B 1005 37.32 23.60 -4.03
C PHE B 1005 38.65 22.91 -4.34
N ARG B 1006 39.70 23.67 -4.61
CA ARG B 1006 41.00 23.06 -4.90
C ARG B 1006 41.59 22.39 -3.67
N VAL B 1007 41.57 23.08 -2.52
CA VAL B 1007 42.07 22.50 -1.29
C VAL B 1007 41.24 21.30 -0.88
N SER B 1008 39.91 21.43 -0.99
CA SER B 1008 39.03 20.31 -0.66
C SER B 1008 39.20 19.14 -1.61
N GLN B 1009 39.65 19.38 -2.84
CA GLN B 1009 39.91 18.28 -3.77
C GLN B 1009 41.27 17.64 -3.56
N HIS B 1010 42.26 18.40 -3.06
CA HIS B 1010 43.52 17.79 -2.67
C HIS B 1010 43.28 16.76 -1.58
N CYS B 1011 42.45 17.10 -0.60
CA CYS B 1011 41.91 16.11 0.32
C CYS B 1011 40.90 15.23 -0.41
N PHE B 1012 40.58 14.10 0.22
CA PHE B 1012 39.73 13.05 -0.34
C PHE B 1012 40.46 12.30 -1.45
N ILE B 1013 41.65 12.77 -1.81
CA ILE B 1013 42.57 12.03 -2.67
C ILE B 1013 43.74 11.50 -1.88
N LYS B 1014 44.33 12.33 -1.02
CA LYS B 1014 45.32 11.84 -0.07
C LYS B 1014 44.70 10.84 0.89
N ALA B 1015 43.46 11.10 1.33
CA ALA B 1015 42.78 10.17 2.22
C ALA B 1015 42.56 8.82 1.54
N THR B 1016 42.18 8.83 0.27
CA THR B 1016 42.05 7.58 -0.47
C THR B 1016 43.40 6.91 -0.67
N ALA B 1017 44.45 7.69 -0.90
CA ALA B 1017 45.78 7.12 -1.11
C ALA B 1017 46.28 6.41 0.15
N LEU B 1018 46.07 7.02 1.33
CA LEU B 1018 46.52 6.40 2.57
C LEU B 1018 45.65 5.22 2.97
N GLU B 1019 44.43 5.13 2.46
CA GLU B 1019 43.50 4.06 2.82
C GLU B 1019 42.52 3.88 1.67
N PRO B 1020 42.73 2.88 0.81
CA PRO B 1020 41.94 2.79 -0.43
C PRO B 1020 40.62 2.03 -0.29
N LYS B 1021 40.43 1.25 0.78
CA LYS B 1021 39.25 0.40 0.91
C LYS B 1021 38.19 1.12 1.73
N ALA B 1022 37.61 2.16 1.14
CA ALA B 1022 36.54 2.90 1.77
C ALA B 1022 35.71 3.59 0.70
N THR B 1023 34.40 3.70 0.97
CA THR B 1023 33.48 4.35 0.05
C THR B 1023 33.06 5.74 0.49
N ASN B 1024 33.50 6.19 1.67
CA ASN B 1024 33.10 7.51 2.16
C ASN B 1024 33.83 8.64 1.44
N THR B 1025 35.13 8.46 1.16
CA THR B 1025 35.89 9.50 0.49
C THR B 1025 35.38 9.75 -0.92
N TRP B 1026 35.03 8.68 -1.63
CA TRP B 1026 34.46 8.85 -2.97
C TRP B 1026 33.12 9.57 -2.92
N PHE B 1027 32.30 9.27 -1.91
CA PHE B 1027 31.04 9.99 -1.74
C PHE B 1027 31.29 11.46 -1.47
N ASN B 1028 32.30 11.77 -0.66
CA ASN B 1028 32.65 13.16 -0.41
C ASN B 1028 33.09 13.87 -1.68
N LEU B 1029 33.87 13.18 -2.52
CA LEU B 1029 34.27 13.74 -3.81
C LEU B 1029 33.06 13.99 -4.69
N ALA B 1030 32.12 13.05 -4.72
CA ALA B 1030 30.92 13.23 -5.54
C ALA B 1030 30.09 14.41 -5.06
N MET B 1031 29.95 14.56 -3.73
CA MET B 1031 29.21 15.70 -3.20
C MET B 1031 29.92 17.01 -3.48
N LEU B 1032 31.25 17.03 -3.40
CA LEU B 1032 32.00 18.23 -3.74
C LEU B 1032 31.80 18.60 -5.20
N GLY B 1033 31.80 17.60 -6.09
CA GLY B 1033 31.53 17.87 -7.50
C GLY B 1033 30.12 18.37 -7.73
N LEU B 1034 29.15 17.81 -7.01
CA LEU B 1034 27.76 18.25 -7.16
C LEU B 1034 27.58 19.68 -6.67
N LYS B 1035 28.28 20.05 -5.60
CA LYS B 1035 28.21 21.44 -5.12
C LYS B 1035 28.76 22.40 -6.15
N LYS B 1036 29.82 22.02 -6.85
CA LYS B 1036 30.44 22.84 -7.89
C LYS B 1036 29.76 22.69 -9.24
N LYS B 1037 28.55 22.11 -9.29
CA LYS B 1037 27.74 21.98 -10.48
C LYS B 1037 28.36 21.09 -11.55
N ASP B 1038 29.31 20.23 -11.18
CA ASP B 1038 29.92 19.29 -12.11
C ASP B 1038 29.15 17.97 -12.03
N THR B 1039 28.18 17.80 -12.93
CA THR B 1039 27.29 16.64 -12.87
C THR B 1039 27.97 15.37 -13.38
N GLU B 1040 28.79 15.48 -14.42
CA GLU B 1040 29.39 14.29 -15.02
C GLU B 1040 30.35 13.60 -14.04
N PHE B 1041 31.19 14.39 -13.37
CA PHE B 1041 32.14 13.81 -12.41
C PHE B 1041 31.41 13.10 -11.28
N ALA B 1042 30.42 13.76 -10.69
CA ALA B 1042 29.67 13.17 -9.59
C ALA B 1042 28.94 11.91 -10.04
N GLN B 1043 28.35 11.95 -11.23
CA GLN B 1043 27.63 10.78 -11.74
C GLN B 1043 28.58 9.61 -11.97
N GLN B 1044 29.76 9.87 -12.53
CA GLN B 1044 30.73 8.79 -12.74
C GLN B 1044 31.18 8.19 -11.40
N VAL B 1045 31.49 9.04 -10.42
CA VAL B 1045 31.92 8.56 -9.13
C VAL B 1045 30.82 7.74 -8.46
N LEU B 1046 29.58 8.22 -8.54
CA LEU B 1046 28.47 7.51 -7.90
C LEU B 1046 28.19 6.18 -8.59
N ASN B 1047 28.33 6.12 -9.91
CA ASN B 1047 28.19 4.86 -10.62
C ASN B 1047 29.27 3.87 -10.19
N LYS B 1048 30.51 4.34 -10.04
CA LYS B 1048 31.58 3.48 -9.55
C LYS B 1048 31.27 2.97 -8.15
N LEU B 1049 30.77 3.84 -7.28
CA LEU B 1049 30.42 3.43 -5.92
C LEU B 1049 29.28 2.42 -5.92
N GLN B 1050 28.27 2.62 -6.76
CA GLN B 1050 27.17 1.67 -6.84
C GLN B 1050 27.65 0.32 -7.33
N SER B 1051 28.52 0.29 -8.34
CA SER B 1051 29.05 -0.96 -8.84
C SER B 1051 29.89 -1.67 -7.78
N LEU B 1052 30.79 -0.94 -7.13
CA LEU B 1052 31.71 -1.56 -6.19
C LEU B 1052 31.01 -2.00 -4.92
N ALA B 1053 30.21 -1.13 -4.32
CA ALA B 1053 29.61 -1.35 -3.00
C ALA B 1053 28.12 -1.07 -3.03
N PRO B 1054 27.32 -2.03 -3.49
CA PRO B 1054 25.86 -1.86 -3.43
C PRO B 1054 25.34 -1.99 -2.01
N GLN B 1055 24.01 -1.90 -1.84
CA GLN B 1055 23.32 -1.98 -0.56
C GLN B 1055 23.63 -0.79 0.35
N ASP B 1056 24.24 0.27 -0.18
CA ASP B 1056 24.48 1.50 0.56
C ASP B 1056 23.61 2.61 -0.02
N SER B 1057 22.85 3.28 0.84
CA SER B 1057 21.82 4.21 0.37
C SER B 1057 22.39 5.53 -0.11
N SER B 1058 23.59 5.90 0.33
CA SER B 1058 24.15 7.20 -0.02
C SER B 1058 24.38 7.39 -1.52
N PRO B 1059 24.99 6.44 -2.25
CA PRO B 1059 25.09 6.62 -3.71
C PRO B 1059 23.75 6.76 -4.40
N TRP B 1060 22.74 6.02 -3.94
CA TRP B 1060 21.41 6.13 -4.54
C TRP B 1060 20.80 7.50 -4.27
N LEU B 1061 20.98 8.03 -3.07
CA LEU B 1061 20.50 9.39 -2.78
C LEU B 1061 21.23 10.41 -3.64
N GLY B 1062 22.54 10.27 -3.81
CA GLY B 1062 23.28 11.18 -4.65
C GLY B 1062 22.82 11.15 -6.10
N MET B 1063 22.58 9.94 -6.62
CA MET B 1063 22.09 9.83 -7.99
C MET B 1063 20.67 10.38 -8.12
N ALA B 1064 19.85 10.23 -7.07
CA ALA B 1064 18.52 10.84 -7.08
C ALA B 1064 18.63 12.36 -7.19
N LEU B 1065 19.53 12.96 -6.41
CA LEU B 1065 19.74 14.40 -6.52
C LEU B 1065 20.23 14.79 -7.91
N ILE B 1066 21.16 14.01 -8.46
CA ILE B 1066 21.70 14.30 -9.78
C ILE B 1066 20.59 14.27 -10.84
N LEU B 1067 19.76 13.24 -10.82
CA LEU B 1067 18.67 13.13 -11.78
C LEU B 1067 17.63 14.22 -11.56
N GLU B 1068 17.41 14.63 -10.31
CA GLU B 1068 16.49 15.72 -10.05
C GLU B 1068 17.01 17.02 -10.64
N GLU B 1069 18.33 17.22 -10.62
CA GLU B 1069 18.90 18.42 -11.23
C GLU B 1069 18.67 18.43 -12.74
N GLN B 1070 18.79 17.27 -13.39
CA GLN B 1070 18.69 17.17 -14.83
C GLN B 1070 17.25 17.22 -15.34
N GLY B 1071 16.28 17.53 -14.48
CA GLY B 1071 14.90 17.64 -14.91
C GLY B 1071 14.14 16.35 -15.02
N ASP B 1072 14.68 15.25 -14.50
CA ASP B 1072 14.00 13.96 -14.53
C ASP B 1072 13.25 13.75 -13.21
N ILE B 1073 11.98 13.39 -13.31
CA ILE B 1073 11.11 13.26 -12.15
C ILE B 1073 10.87 11.80 -11.77
N ILE B 1074 10.56 10.95 -12.76
CA ILE B 1074 10.21 9.56 -12.46
C ILE B 1074 11.42 8.80 -11.94
N GLY B 1075 12.56 8.93 -12.64
CA GLY B 1075 13.76 8.24 -12.18
C GLY B 1075 14.24 8.74 -10.84
N SER B 1076 14.16 10.06 -10.61
CA SER B 1076 14.54 10.61 -9.32
C SER B 1076 13.63 10.07 -8.21
N SER B 1077 12.33 9.95 -8.50
CA SER B 1077 11.41 9.39 -7.50
C SER B 1077 11.75 7.95 -7.19
N LYS B 1078 12.04 7.15 -8.22
CA LYS B 1078 12.42 5.75 -7.98
C LYS B 1078 13.70 5.67 -7.14
N LEU B 1079 14.69 6.51 -7.44
CA LEU B 1079 15.94 6.48 -6.69
C LEU B 1079 15.72 6.92 -5.25
N PHE B 1080 14.89 7.94 -5.03
CA PHE B 1080 14.57 8.37 -3.67
C PHE B 1080 13.91 7.25 -2.88
N ALA B 1081 12.94 6.56 -3.49
CA ALA B 1081 12.28 5.45 -2.80
C ALA B 1081 13.26 4.34 -2.48
N HIS B 1082 14.13 4.00 -3.43
CA HIS B 1082 15.12 2.95 -3.21
C HIS B 1082 16.06 3.32 -2.07
N SER B 1083 16.54 4.57 -2.06
CA SER B 1083 17.44 5.01 -0.99
C SER B 1083 16.73 4.99 0.36
N PHE B 1084 15.46 5.40 0.41
CA PHE B 1084 14.72 5.37 1.66
C PHE B 1084 14.55 3.94 2.17
N ILE B 1085 14.25 3.01 1.27
CA ILE B 1085 14.01 1.63 1.69
C ILE B 1085 15.32 0.97 2.15
N LEU B 1086 16.42 1.22 1.44
CA LEU B 1086 17.66 0.53 1.76
C LEU B 1086 18.20 0.88 3.14
N SER B 1087 17.93 2.09 3.63
CA SER B 1087 18.56 2.59 4.85
C SER B 1087 17.83 2.19 6.12
N ASN B 1088 16.72 1.46 6.01
CA ASN B 1088 15.87 1.14 7.16
C ASN B 1088 15.42 2.43 7.84
N GLY B 1089 16.10 2.81 8.93
CA GLY B 1089 15.83 4.06 9.59
C GLY B 1089 17.10 4.76 10.05
N ARG B 1090 18.23 4.38 9.47
CA ARG B 1090 19.53 4.87 9.89
C ARG B 1090 19.90 6.21 9.27
N SER B 1091 19.17 6.68 8.27
CA SER B 1091 19.43 7.95 7.63
C SER B 1091 18.19 8.82 7.69
N LYS B 1092 18.33 10.02 8.25
CA LYS B 1092 17.24 10.98 8.29
C LYS B 1092 17.18 11.84 7.04
N ALA B 1093 18.31 12.03 6.35
CA ALA B 1093 18.29 12.73 5.08
C ALA B 1093 17.45 11.99 4.05
N ALA B 1094 17.57 10.66 4.03
CA ALA B 1094 16.74 9.86 3.13
C ALA B 1094 15.26 10.01 3.46
N GLN B 1095 14.93 10.02 4.75
CA GLN B 1095 13.54 10.20 5.16
C GLN B 1095 13.00 11.55 4.71
N PHE B 1096 13.79 12.61 4.93
CA PHE B 1096 13.34 13.95 4.56
C PHE B 1096 13.18 14.07 3.04
N MET B 1097 14.14 13.55 2.28
CA MET B 1097 14.05 13.63 0.82
C MET B 1097 12.87 12.83 0.30
N TYR B 1098 12.63 11.64 0.86
CA TYR B 1098 11.48 10.84 0.43
C TYR B 1098 10.17 11.55 0.72
N ALA B 1099 10.04 12.12 1.91
CA ALA B 1099 8.82 12.84 2.26
C ALA B 1099 8.61 14.04 1.36
N LYS B 1100 9.67 14.81 1.11
CA LYS B 1100 9.56 15.98 0.24
C LYS B 1100 9.18 15.58 -1.18
N ASN B 1101 9.76 14.50 -1.70
CA ASN B 1101 9.44 14.05 -3.05
C ASN B 1101 7.98 13.60 -3.12
N VAL B 1102 7.51 12.85 -2.11
CA VAL B 1102 6.13 12.39 -2.12
C VAL B 1102 5.17 13.58 -2.08
N LEU B 1103 5.48 14.59 -1.24
CA LEU B 1103 4.62 15.76 -1.20
C LEU B 1103 4.63 16.52 -2.52
N GLU B 1104 5.80 16.64 -3.16
CA GLU B 1104 5.89 17.36 -4.43
C GLU B 1104 5.11 16.65 -5.53
N ASN B 1105 5.14 15.32 -5.54
CA ASN B 1105 4.48 14.58 -6.61
C ASN B 1105 2.96 14.51 -6.45
N HIS B 1106 2.43 14.85 -5.28
CA HIS B 1106 1.01 14.69 -5.00
C HIS B 1106 0.44 15.95 -4.35
N ILE B 1107 0.74 17.11 -4.90
CA ILE B 1107 0.23 18.37 -4.35
C ILE B 1107 -0.63 19.14 -5.34
N ASN B 1108 -0.46 18.95 -6.65
CA ASN B 1108 -1.35 19.52 -7.65
C ASN B 1108 -1.60 18.51 -8.76
N ASN B 1109 -1.72 17.24 -8.39
CA ASN B 1109 -1.86 16.16 -9.35
C ASN B 1109 -3.30 15.80 -9.67
N GLY B 1110 -4.27 16.47 -9.06
CA GLY B 1110 -5.66 16.13 -9.27
C GLY B 1110 -6.02 14.76 -8.75
N ASP B 1111 -5.55 14.43 -7.55
CA ASP B 1111 -5.79 13.14 -6.94
C ASP B 1111 -7.20 13.08 -6.35
N ASP B 1112 -7.62 11.87 -6.01
CA ASP B 1112 -8.92 11.62 -5.39
C ASP B 1112 -8.69 10.92 -4.04
N GLU B 1113 -9.57 11.22 -3.08
CA GLU B 1113 -9.44 10.65 -1.75
C GLU B 1113 -9.63 9.15 -1.74
N ARG B 1114 -10.21 8.57 -2.79
CA ARG B 1114 -10.46 7.14 -2.88
C ARG B 1114 -9.31 6.37 -3.53
N ASP B 1115 -8.21 7.05 -3.83
CA ASP B 1115 -7.02 6.38 -4.37
C ASP B 1115 -6.24 5.75 -3.23
N ILE B 1116 -6.22 4.42 -3.18
CA ILE B 1116 -5.61 3.71 -2.06
C ILE B 1116 -4.09 3.88 -2.08
N GLU B 1117 -3.48 3.90 -3.27
CA GLU B 1117 -2.03 4.00 -3.36
C GLU B 1117 -1.53 5.37 -2.89
N THR B 1118 -2.26 6.44 -3.22
CA THR B 1118 -1.88 7.76 -2.76
C THR B 1118 -1.97 7.87 -1.24
N VAL B 1119 -3.01 7.28 -0.65
CA VAL B 1119 -3.13 7.27 0.81
C VAL B 1119 -1.98 6.48 1.42
N GLU B 1120 -1.61 5.36 0.80
CA GLU B 1120 -0.47 4.58 1.29
C GLU B 1120 0.81 5.41 1.28
N LYS B 1121 1.07 6.11 0.17
CA LYS B 1121 2.28 6.92 0.07
C LYS B 1121 2.27 8.06 1.08
N LEU B 1122 1.12 8.71 1.27
CA LEU B 1122 1.04 9.80 2.23
C LEU B 1122 1.24 9.30 3.65
N THR B 1123 0.69 8.13 3.98
CA THR B 1123 0.90 7.55 5.30
C THR B 1123 2.37 7.22 5.53
N THR B 1124 3.02 6.65 4.51
CA THR B 1124 4.45 6.35 4.62
C THR B 1124 5.25 7.63 4.85
N ALA B 1125 4.93 8.69 4.11
CA ALA B 1125 5.63 9.96 4.27
C ALA B 1125 5.41 10.54 5.66
N SER B 1126 4.18 10.43 6.17
CA SER B 1126 3.88 10.93 7.51
C SER B 1126 4.68 10.18 8.58
N ILE B 1127 4.75 8.85 8.46
CA ILE B 1127 5.53 8.08 9.43
C ILE B 1127 7.01 8.42 9.33
N ALA B 1128 7.52 8.56 8.10
CA ALA B 1128 8.93 8.91 7.92
C ALA B 1128 9.26 10.26 8.55
N LEU B 1129 8.36 11.24 8.38
CA LEU B 1129 8.58 12.55 9.00
C LEU B 1129 8.44 12.49 10.52
N GLU B 1130 7.55 11.63 11.03
CA GLU B 1130 7.43 11.47 12.46
C GLU B 1130 8.71 10.90 13.07
N GLN B 1131 9.34 9.95 12.39
CA GLN B 1131 10.63 9.44 12.86
C GLN B 1131 11.73 10.47 12.66
N PHE B 1132 11.56 11.38 11.70
CA PHE B 1132 12.57 12.42 11.47
C PHE B 1132 12.61 13.42 12.62
N PHE B 1133 11.47 13.69 13.23
CA PHE B 1133 11.38 14.71 14.28
C PHE B 1133 11.99 14.27 15.60
N LYS B 1134 12.32 12.99 15.76
CA LYS B 1134 12.98 12.54 16.98
C LYS B 1134 14.45 12.91 17.02
N LYS B 1135 15.05 13.25 15.88
CA LYS B 1135 16.44 13.64 15.81
C LYS B 1135 16.66 15.07 15.39
N SER B 1136 15.80 15.62 14.53
CA SER B 1136 15.94 16.99 14.04
C SER B 1136 14.61 17.71 14.14
N PRO B 1137 14.22 18.11 15.34
CA PRO B 1137 13.03 18.94 15.50
C PRO B 1137 13.34 20.39 15.16
N ASP B 1138 12.31 21.23 15.20
CA ASP B 1138 12.42 22.67 14.99
C ASP B 1138 12.96 23.02 13.60
N SER B 1139 12.70 22.19 12.60
CA SER B 1139 13.06 22.48 11.22
C SER B 1139 11.82 22.97 10.47
N GLN B 1140 11.90 24.16 9.90
CA GLN B 1140 10.71 24.80 9.33
C GLN B 1140 10.21 24.06 8.09
N PHE B 1141 11.12 23.68 7.19
CA PHE B 1141 10.71 23.03 5.94
C PHE B 1141 10.02 21.70 6.23
N ALA B 1142 10.62 20.88 7.10
CA ALA B 1142 10.03 19.60 7.45
C ALA B 1142 8.71 19.78 8.18
N LEU B 1143 8.63 20.81 9.04
CA LEU B 1143 7.38 21.07 9.76
C LEU B 1143 6.27 21.46 8.80
N GLN B 1144 6.56 22.31 7.82
CA GLN B 1144 5.56 22.68 6.83
C GLN B 1144 5.13 21.48 5.98
N CYS B 1145 6.09 20.65 5.57
CA CYS B 1145 5.75 19.45 4.82
C CYS B 1145 4.86 18.53 5.64
N ALA B 1146 5.18 18.35 6.93
CA ALA B 1146 4.37 17.50 7.79
C ALA B 1146 2.98 18.08 7.98
N LEU B 1147 2.87 19.41 8.09
CA LEU B 1147 1.57 20.05 8.23
C LEU B 1147 0.71 19.81 7.01
N LEU B 1148 1.29 19.97 5.81
CA LEU B 1148 0.53 19.72 4.59
C LEU B 1148 0.11 18.25 4.51
N THR B 1149 1.02 17.33 4.82
CA THR B 1149 0.70 15.91 4.75
C THR B 1149 -0.41 15.53 5.73
N LEU B 1150 -0.34 16.06 6.95
CA LEU B 1150 -1.37 15.76 7.95
C LEU B 1150 -2.70 16.41 7.59
N GLU B 1151 -2.68 17.58 6.94
CA GLU B 1151 -3.91 18.18 6.47
C GLU B 1151 -4.56 17.32 5.40
N ARG B 1152 -3.76 16.76 4.49
CA ARG B 1152 -4.33 15.89 3.46
C ARG B 1152 -4.81 14.56 4.04
N LEU B 1153 -4.29 14.15 5.19
CA LEU B 1153 -4.66 12.89 5.82
C LEU B 1153 -5.76 13.04 6.86
N HIS B 1154 -6.30 14.25 7.05
CA HIS B 1154 -7.37 14.51 8.00
C HIS B 1154 -6.96 14.19 9.45
N HIS B 1155 -5.68 14.38 9.76
CA HIS B 1155 -5.17 14.20 11.12
C HIS B 1155 -4.90 15.58 11.70
N TYR B 1156 -5.93 16.17 12.33
CA TYR B 1156 -5.85 17.55 12.78
C TYR B 1156 -5.29 17.68 14.19
N GLU B 1157 -5.39 16.63 15.01
CA GLU B 1157 -4.89 16.73 16.38
C GLU B 1157 -3.37 16.89 16.41
N ASN B 1158 -2.65 16.15 15.57
CA ASN B 1158 -1.19 16.31 15.50
C ASN B 1158 -0.82 17.57 14.74
N ALA B 1159 -1.62 17.94 13.75
CA ALA B 1159 -1.39 19.17 13.00
C ALA B 1159 -1.48 20.39 13.90
N ASN B 1160 -2.36 20.35 14.91
CA ASN B 1160 -2.46 21.47 15.85
C ASN B 1160 -1.14 21.66 16.60
N GLU B 1161 -0.57 20.57 17.11
CA GLU B 1161 0.70 20.67 17.84
C GLU B 1161 1.83 21.12 16.93
N LEU B 1162 1.89 20.57 15.71
CA LEU B 1162 2.94 20.98 14.78
C LEU B 1162 2.82 22.46 14.43
N ALA B 1163 1.60 22.94 14.20
CA ALA B 1163 1.39 24.34 13.89
C ALA B 1163 1.75 25.24 15.06
N ASN B 1164 1.44 24.80 16.29
CA ASN B 1164 1.84 25.57 17.47
C ASN B 1164 3.35 25.68 17.56
N ARG B 1165 4.06 24.56 17.32
CA ARG B 1165 5.52 24.60 17.37
C ARG B 1165 6.08 25.52 16.28
N LEU B 1166 5.51 25.46 15.08
CA LEU B 1166 5.96 26.34 14.00
C LEU B 1166 5.73 27.81 14.34
N ILE B 1167 4.57 28.12 14.91
CA ILE B 1167 4.28 29.50 15.31
C ILE B 1167 5.26 29.98 16.37
N GLY B 1168 5.56 29.13 17.35
CA GLY B 1168 6.55 29.50 18.35
C GLY B 1168 7.92 29.74 17.74
N ILE B 1169 8.30 28.90 16.77
CA ILE B 1169 9.59 29.07 16.09
C ILE B 1169 9.63 30.41 15.38
N LEU B 1170 8.55 30.75 14.67
CA LEU B 1170 8.51 32.02 13.95
C LEU B 1170 8.57 33.21 14.89
N GLU B 1171 7.85 33.13 16.01
CA GLU B 1171 7.87 34.21 16.98
C GLU B 1171 9.26 34.39 17.58
N LYS B 1172 9.94 33.28 17.92
CA LYS B 1172 11.28 33.38 18.46
C LYS B 1172 12.25 33.94 17.42
N LYS B 1173 12.10 33.54 16.17
CA LYS B 1173 12.97 34.05 15.12
C LYS B 1173 12.78 35.55 14.94
N PHE B 1174 11.52 36.02 14.99
CA PHE B 1174 11.29 37.47 14.90
C PHE B 1174 11.86 38.19 16.11
N GLU B 1175 11.78 37.58 17.30
CA GLU B 1175 12.36 38.19 18.49
C GLU B 1175 13.87 38.33 18.35
N LYS B 1176 14.54 37.31 17.80
CA LYS B 1176 15.98 37.38 17.59
C LYS B 1176 16.33 38.42 16.54
N THR B 1177 15.69 38.37 15.37
CA THR B 1177 15.91 39.31 14.28
C THR B 1177 14.60 39.98 13.93
N GLN B 1178 14.59 41.31 13.96
CA GLN B 1178 13.35 42.08 13.83
C GLN B 1178 13.03 42.47 12.39
N ASP B 1179 13.46 41.67 11.42
CA ASP B 1179 13.09 41.93 10.03
C ASP B 1179 11.58 41.85 9.87
N GLU B 1180 11.01 42.81 9.14
CA GLU B 1180 9.56 42.88 9.00
C GLU B 1180 9.03 41.99 7.90
N ARG B 1181 9.90 41.29 7.17
CA ARG B 1181 9.43 40.36 6.14
C ARG B 1181 8.78 39.13 6.77
N GLU B 1182 8.93 38.94 8.08
CA GLU B 1182 8.37 37.78 8.75
C GLU B 1182 6.84 37.80 8.77
N LEU B 1183 6.24 38.97 8.59
CA LEU B 1183 4.79 39.09 8.67
C LEU B 1183 4.09 38.25 7.59
N PHE B 1184 4.65 38.26 6.38
CA PHE B 1184 4.03 37.52 5.28
C PHE B 1184 3.98 36.03 5.58
N ASN B 1185 5.12 35.46 5.99
CA ASN B 1185 5.15 34.06 6.39
C ASN B 1185 4.26 33.81 7.61
N PHE B 1186 4.26 34.77 8.54
CA PHE B 1186 3.39 34.70 9.71
C PHE B 1186 1.93 34.60 9.29
N ALA B 1187 1.53 35.41 8.31
CA ALA B 1187 0.15 35.40 7.86
C ALA B 1187 -0.20 34.11 7.12
N ILE B 1188 0.74 33.59 6.32
CA ILE B 1188 0.49 32.33 5.63
C ILE B 1188 0.31 31.19 6.63
N ILE B 1189 1.17 31.16 7.66
CA ILE B 1189 1.03 30.13 8.69
C ILE B 1189 -0.27 30.31 9.46
N LYS B 1190 -0.70 31.57 9.66
CA LYS B 1190 -1.98 31.82 10.30
C LYS B 1190 -3.14 31.29 9.45
N GLY B 1191 -3.05 31.43 8.13
CA GLY B 1191 -4.07 30.85 7.27
C GLY B 1191 -4.10 29.33 7.34
N GLN B 1192 -2.92 28.71 7.31
CA GLN B 1192 -2.81 27.28 7.55
C GLN B 1192 -3.49 26.88 8.86
N PHE B 1193 -3.21 27.64 9.92
CA PHE B 1193 -3.69 27.29 11.25
C PHE B 1193 -5.19 27.51 11.36
N ALA B 1194 -5.72 28.47 10.61
CA ALA B 1194 -7.16 28.66 10.50
C ALA B 1194 -7.82 27.47 9.79
N ARG B 1195 -7.19 26.98 8.73
CA ARG B 1195 -7.70 25.78 8.07
C ARG B 1195 -7.69 24.59 9.02
N ILE B 1196 -6.66 24.48 9.86
CA ILE B 1196 -6.58 23.37 10.81
C ILE B 1196 -7.76 23.42 11.78
N HIS B 1197 -8.06 24.60 12.31
CA HIS B 1197 -9.14 24.72 13.29
C HIS B 1197 -10.50 24.43 12.71
N LEU B 1198 -10.68 24.67 11.40
CA LEU B 1198 -11.97 24.35 10.78
C LEU B 1198 -12.28 22.87 10.85
N GLY B 1199 -11.29 22.01 10.57
CA GLY B 1199 -11.51 20.58 10.65
C GLY B 1199 -11.71 20.05 12.05
N LEU B 1200 -11.27 20.79 13.06
CA LEU B 1200 -11.47 20.39 14.46
C LEU B 1200 -12.79 20.86 15.03
N GLY B 1201 -13.53 21.71 14.31
CA GLY B 1201 -14.81 22.20 14.79
C GLY B 1201 -14.75 23.47 15.60
N ASN B 1202 -13.61 24.17 15.60
CA ASN B 1202 -13.43 25.40 16.37
C ASN B 1202 -13.64 26.57 15.41
N PHE B 1203 -14.90 27.00 15.26
CA PHE B 1203 -15.24 27.96 14.23
C PHE B 1203 -14.80 29.38 14.60
N GLU B 1204 -14.91 29.73 15.88
CA GLU B 1204 -14.50 31.07 16.31
C GLU B 1204 -13.00 31.28 16.13
N LEU B 1205 -12.21 30.27 16.45
CA LEU B 1205 -10.76 30.37 16.25
C LEU B 1205 -10.42 30.48 14.77
N SER B 1206 -11.13 29.73 13.92
CA SER B 1206 -10.94 29.86 12.48
C SER B 1206 -11.24 31.29 12.02
N ILE B 1207 -12.34 31.86 12.52
CA ILE B 1207 -12.69 33.24 12.15
C ILE B 1207 -11.60 34.20 12.59
N GLU B 1208 -11.10 34.04 13.82
CA GLU B 1208 -10.07 34.93 14.33
C GLU B 1208 -8.79 34.86 13.48
N ASN B 1209 -8.30 33.64 13.24
CA ASN B 1209 -7.06 33.49 12.49
C ASN B 1209 -7.22 33.97 11.05
N ALA B 1210 -8.36 33.67 10.43
CA ALA B 1210 -8.59 34.12 9.05
C ALA B 1210 -8.70 35.64 8.96
N ASP B 1211 -9.35 36.27 9.96
CA ASP B 1211 -9.41 37.73 9.97
C ASP B 1211 -8.02 38.33 10.11
N LEU B 1212 -7.18 37.77 10.99
CA LEU B 1212 -5.82 38.29 11.13
C LEU B 1212 -5.05 38.14 9.83
N SER B 1213 -5.13 36.97 9.20
CA SER B 1213 -4.41 36.72 7.97
C SER B 1213 -4.88 37.66 6.86
N GLN B 1214 -6.19 37.86 6.75
CA GLN B 1214 -6.72 38.79 5.75
C GLN B 1214 -6.25 40.20 6.02
N GLY B 1215 -6.21 40.60 7.30
CA GLY B 1215 -5.74 41.93 7.63
C GLY B 1215 -4.30 42.16 7.21
N ILE B 1216 -3.42 41.19 7.44
CA ILE B 1216 -2.03 41.36 7.02
C ILE B 1216 -1.90 41.33 5.51
N ILE B 1217 -2.57 40.36 4.86
CA ILE B 1217 -2.39 40.13 3.43
C ILE B 1217 -3.25 41.05 2.57
N SER B 1218 -3.98 41.99 3.19
CA SER B 1218 -4.91 42.83 2.43
C SER B 1218 -4.23 43.57 1.28
N GLU B 1219 -2.95 43.93 1.43
CA GLU B 1219 -2.23 44.57 0.35
C GLU B 1219 -2.08 43.63 -0.85
N SER B 1220 -1.57 42.42 -0.59
CA SER B 1220 -1.49 41.35 -1.59
C SER B 1220 -0.80 41.77 -2.88
N SER B 1221 -1.54 41.73 -3.98
CA SER B 1221 -1.04 42.01 -5.33
C SER B 1221 0.06 41.04 -5.76
N ASP B 1222 0.06 39.83 -5.22
CA ASP B 1222 1.05 38.82 -5.57
C ASP B 1222 0.35 37.48 -5.72
N GLU B 1223 0.89 36.64 -6.62
CA GLU B 1223 0.29 35.33 -6.87
C GLU B 1223 0.41 34.41 -5.66
N LYS B 1224 1.49 34.56 -4.87
CA LYS B 1224 1.66 33.72 -3.70
C LYS B 1224 0.58 33.98 -2.66
N SER B 1225 0.18 35.25 -2.50
CA SER B 1225 -0.84 35.62 -1.53
C SER B 1225 -2.26 35.35 -2.02
N MET B 1226 -2.44 35.10 -3.31
CA MET B 1226 -3.77 34.82 -3.84
C MET B 1226 -4.34 33.54 -3.22
N LYS B 1227 -3.51 32.51 -3.10
CA LYS B 1227 -3.97 31.25 -2.51
C LYS B 1227 -4.36 31.46 -1.05
N THR B 1228 -3.59 32.26 -0.31
CA THR B 1228 -3.93 32.53 1.08
C THR B 1228 -5.23 33.33 1.19
N LYS B 1229 -5.43 34.29 0.30
CA LYS B 1229 -6.69 35.03 0.30
C LYS B 1229 -7.89 34.13 0.03
N ILE B 1230 -7.75 33.23 -0.97
CA ILE B 1230 -8.82 32.30 -1.27
C ILE B 1230 -9.10 31.39 -0.08
N SER B 1231 -8.03 30.88 0.55
CA SER B 1231 -8.19 30.03 1.72
C SER B 1231 -8.90 30.75 2.85
N ASN B 1232 -8.52 31.99 3.10
CA ASN B 1232 -9.15 32.75 4.19
C ASN B 1232 -10.63 33.00 3.89
N HIS B 1233 -10.95 33.33 2.64
CA HIS B 1233 -12.37 33.54 2.30
C HIS B 1233 -13.17 32.26 2.47
N ILE B 1234 -12.62 31.12 2.03
CA ILE B 1234 -13.34 29.84 2.18
C ILE B 1234 -13.54 29.52 3.66
N CYS B 1235 -12.49 29.68 4.46
CA CYS B 1235 -12.59 29.37 5.88
C CYS B 1235 -13.60 30.26 6.58
N LEU B 1236 -13.58 31.56 6.30
CA LEU B 1236 -14.54 32.46 6.91
C LEU B 1236 -15.97 32.11 6.52
N GLY B 1237 -16.19 31.83 5.23
CA GLY B 1237 -17.53 31.49 4.78
C GLY B 1237 -18.05 30.22 5.42
N LEU B 1238 -17.24 29.17 5.45
CA LEU B 1238 -17.68 27.91 6.02
C LEU B 1238 -17.88 28.02 7.53
N SER B 1239 -16.99 28.74 8.21
CA SER B 1239 -17.14 28.93 9.65
C SER B 1239 -18.43 29.69 9.97
N TYR B 1240 -18.72 30.76 9.21
CA TYR B 1240 -19.98 31.47 9.43
C TYR B 1240 -21.18 30.60 9.08
N PHE B 1241 -21.02 29.67 8.13
CA PHE B 1241 -22.10 28.74 7.82
C PHE B 1241 -22.40 27.85 9.02
N PHE B 1242 -21.38 27.19 9.56
CA PHE B 1242 -21.60 26.21 10.62
C PHE B 1242 -21.87 26.86 11.98
N LEU B 1243 -21.51 28.12 12.16
CA LEU B 1243 -21.62 28.79 13.45
C LEU B 1243 -22.95 29.52 13.50
N ASN B 1244 -23.95 28.89 14.11
CA ASN B 1244 -25.29 29.43 14.35
C ASN B 1244 -26.05 29.75 13.07
N ASP B 1245 -25.54 29.35 11.91
CA ASP B 1245 -26.19 29.55 10.63
C ASP B 1245 -26.47 31.04 10.38
N PHE B 1246 -25.39 31.81 10.32
CA PHE B 1246 -25.46 33.24 10.02
C PHE B 1246 -25.06 33.42 8.56
N ASP B 1247 -25.99 33.94 7.75
CA ASP B 1247 -25.87 33.83 6.30
C ASP B 1247 -25.47 35.12 5.60
N GLN B 1248 -25.64 36.28 6.23
CA GLN B 1248 -25.34 37.53 5.54
C GLN B 1248 -23.84 37.70 5.32
N THR B 1249 -23.04 37.51 6.36
CA THR B 1249 -21.59 37.60 6.19
C THR B 1249 -21.07 36.43 5.37
N LEU B 1250 -21.74 35.28 5.46
CA LEU B 1250 -21.46 34.18 4.54
C LEU B 1250 -21.58 34.62 3.10
N ASN B 1251 -22.69 35.26 2.76
CA ASN B 1251 -22.91 35.72 1.39
C ASN B 1251 -21.88 36.76 1.00
N GLN B 1252 -21.53 37.65 1.93
CA GLN B 1252 -20.53 38.67 1.61
C GLN B 1252 -19.17 38.03 1.29
N PHE B 1253 -18.76 37.04 2.08
CA PHE B 1253 -17.47 36.40 1.84
C PHE B 1253 -17.49 35.56 0.57
N GLN B 1254 -18.63 34.92 0.27
CA GLN B 1254 -18.73 34.18 -0.98
C GLN B 1254 -18.72 35.11 -2.19
N GLU B 1255 -19.33 36.29 -2.07
CA GLU B 1255 -19.23 37.29 -3.12
C GLU B 1255 -17.79 37.71 -3.34
N LEU B 1256 -17.06 37.96 -2.25
CA LEU B 1256 -15.65 38.32 -2.37
C LEU B 1256 -14.85 37.20 -3.04
N LEU B 1257 -15.13 35.95 -2.66
CA LEU B 1257 -14.44 34.81 -3.26
C LEU B 1257 -14.72 34.71 -4.75
N SER B 1258 -15.98 34.90 -5.15
CA SER B 1258 -16.34 34.84 -6.56
C SER B 1258 -15.67 35.98 -7.34
N ILE B 1259 -15.60 37.16 -6.75
CA ILE B 1259 -14.91 38.27 -7.42
C ILE B 1259 -13.42 37.98 -7.58
N SER B 1260 -12.80 37.39 -6.54
CA SER B 1260 -11.37 37.10 -6.62
C SER B 1260 -11.06 36.10 -7.72
N LYS B 1261 -11.86 35.05 -7.84
CA LYS B 1261 -11.63 34.04 -8.86
C LYS B 1261 -12.93 33.28 -9.11
N ASP B 1262 -13.17 32.90 -10.36
CA ASP B 1262 -14.34 32.13 -10.77
C ASP B 1262 -13.86 30.75 -11.21
N SER B 1263 -13.74 29.83 -10.27
CA SER B 1263 -13.25 28.49 -10.52
C SER B 1263 -14.38 27.48 -10.41
N LYS B 1264 -14.12 26.29 -10.95
CA LYS B 1264 -15.14 25.23 -10.95
C LYS B 1264 -15.46 24.75 -9.54
N HIS B 1265 -14.42 24.41 -8.76
CA HIS B 1265 -14.65 23.85 -7.44
C HIS B 1265 -15.24 24.87 -6.48
N LEU B 1266 -14.86 26.14 -6.62
CA LEU B 1266 -15.47 27.18 -5.81
C LEU B 1266 -16.97 27.30 -6.09
N VAL B 1267 -17.36 27.24 -7.36
CA VAL B 1267 -18.77 27.30 -7.72
C VAL B 1267 -19.51 26.08 -7.17
N VAL B 1268 -18.88 24.91 -7.25
CA VAL B 1268 -19.51 23.71 -6.72
C VAL B 1268 -19.72 23.83 -5.21
N LEU B 1269 -18.72 24.33 -4.49
CA LEU B 1269 -18.86 24.51 -3.05
C LEU B 1269 -19.95 25.51 -2.70
N ILE B 1270 -19.99 26.63 -3.42
CA ILE B 1270 -21.02 27.65 -3.15
C ILE B 1270 -22.40 27.09 -3.42
N ALA B 1271 -22.55 26.34 -4.52
CA ALA B 1271 -23.84 25.72 -4.82
C ALA B 1271 -24.23 24.71 -3.75
N LYS B 1272 -23.27 23.94 -3.26
CA LYS B 1272 -23.57 22.97 -2.20
C LYS B 1272 -24.06 23.67 -0.94
N VAL B 1273 -23.40 24.76 -0.54
CA VAL B 1273 -23.82 25.49 0.66
C VAL B 1273 -25.21 26.08 0.47
N LEU B 1274 -25.45 26.69 -0.69
CA LEU B 1274 -26.76 27.29 -0.94
C LEU B 1274 -27.86 26.24 -0.97
N TYR B 1275 -27.60 25.08 -1.55
CA TYR B 1275 -28.57 23.99 -1.54
C TYR B 1275 -28.80 23.49 -0.12
N ASP B 1276 -27.74 23.40 0.68
CA ASP B 1276 -27.89 22.93 2.05
C ASP B 1276 -28.67 23.91 2.91
N VAL B 1277 -28.71 25.19 2.52
CA VAL B 1277 -29.52 26.15 3.27
C VAL B 1277 -30.98 25.72 3.29
N GLY B 1278 -31.50 25.29 2.13
CA GLY B 1278 -32.78 24.62 2.05
C GLY B 1278 -33.93 25.48 1.55
N GLU B 1279 -33.78 26.79 1.53
CA GLU B 1279 -34.85 27.65 1.05
C GLU B 1279 -34.96 27.55 -0.47
N SER B 1280 -36.15 27.88 -0.98
CA SER B 1280 -36.41 27.75 -2.41
C SER B 1280 -35.53 28.71 -3.22
N ASP B 1281 -35.40 29.96 -2.76
CA ASP B 1281 -34.59 30.93 -3.50
C ASP B 1281 -33.13 30.51 -3.53
N THR B 1282 -32.62 29.97 -2.42
CA THR B 1282 -31.23 29.51 -2.38
C THR B 1282 -31.00 28.38 -3.36
N LYS B 1283 -31.93 27.41 -3.43
CA LYS B 1283 -31.81 26.32 -4.38
C LYS B 1283 -31.84 26.84 -5.82
N GLU B 1284 -32.76 27.78 -6.09
CA GLU B 1284 -32.83 28.38 -7.41
C GLU B 1284 -31.52 29.06 -7.78
N ILE B 1285 -30.94 29.81 -6.85
CA ILE B 1285 -29.71 30.54 -7.13
C ILE B 1285 -28.54 29.58 -7.33
N ALA B 1286 -28.50 28.49 -6.57
CA ALA B 1286 -27.42 27.51 -6.74
C ALA B 1286 -27.50 26.84 -8.11
N LEU B 1287 -28.70 26.43 -8.52
CA LEU B 1287 -28.86 25.83 -9.84
C LEU B 1287 -28.51 26.84 -10.94
N GLN B 1288 -28.92 28.10 -10.76
CA GLN B 1288 -28.59 29.12 -11.73
C GLN B 1288 -27.09 29.34 -11.82
N GLU B 1289 -26.40 29.35 -10.68
CA GLU B 1289 -24.95 29.53 -10.69
C GLU B 1289 -24.27 28.40 -11.43
N LEU B 1290 -24.69 27.16 -11.19
CA LEU B 1290 -24.10 26.03 -11.90
C LEU B 1290 -24.35 26.12 -13.40
N THR B 1291 -25.57 26.49 -13.79
CA THR B 1291 -25.88 26.61 -15.22
C THR B 1291 -25.09 27.73 -15.87
N GLU B 1292 -24.92 28.86 -15.18
CA GLU B 1292 -24.13 29.94 -15.75
C GLU B 1292 -22.66 29.57 -15.85
N TYR B 1293 -22.13 28.76 -14.92
CA TYR B 1293 -20.78 28.27 -15.12
C TYR B 1293 -20.70 27.38 -16.34
N ILE B 1294 -21.69 26.50 -16.53
CA ILE B 1294 -21.69 25.62 -17.70
C ILE B 1294 -21.73 26.44 -18.99
N ALA B 1295 -22.50 27.53 -18.99
CA ALA B 1295 -22.62 28.35 -20.19
C ALA B 1295 -21.36 29.16 -20.44
N THR B 1296 -20.80 29.78 -19.39
CA THR B 1296 -19.66 30.68 -19.57
C THR B 1296 -18.40 29.90 -19.95
N SER B 1297 -18.13 28.81 -19.25
CA SER B 1297 -16.98 27.96 -19.52
C SER B 1297 -17.42 26.74 -20.33
N GLY B 1298 -16.51 25.79 -20.51
CA GLY B 1298 -16.85 24.59 -21.23
C GLY B 1298 -17.62 23.60 -20.39
N ALA B 1299 -18.08 22.54 -21.03
CA ALA B 1299 -18.79 21.48 -20.33
C ALA B 1299 -17.86 20.75 -19.38
N ASP B 1300 -18.42 20.26 -18.29
CA ASP B 1300 -17.65 19.59 -17.25
C ASP B 1300 -18.45 18.41 -16.71
N LEU B 1301 -17.74 17.48 -16.07
CA LEU B 1301 -18.35 16.30 -15.46
C LEU B 1301 -18.78 16.54 -14.02
N LEU B 1302 -17.94 17.18 -13.20
CA LEU B 1302 -18.30 17.38 -11.79
C LEU B 1302 -19.52 18.28 -11.66
N VAL B 1303 -19.57 19.38 -12.42
CA VAL B 1303 -20.72 20.27 -12.37
C VAL B 1303 -21.97 19.55 -12.87
N THR B 1304 -21.82 18.76 -13.94
CA THR B 1304 -22.95 17.97 -14.45
C THR B 1304 -23.43 16.97 -13.40
N LEU B 1305 -22.50 16.34 -12.70
CA LEU B 1305 -22.88 15.40 -11.65
C LEU B 1305 -23.64 16.09 -10.53
N THR B 1306 -23.20 17.28 -10.12
CA THR B 1306 -23.90 18.03 -9.09
C THR B 1306 -25.32 18.43 -9.55
N ILE B 1307 -25.44 18.88 -10.80
CA ILE B 1307 -26.76 19.23 -11.32
C ILE B 1307 -27.67 18.01 -11.35
N ALA B 1308 -27.12 16.86 -11.75
CA ALA B 1308 -27.88 15.61 -11.74
C ALA B 1308 -28.34 15.25 -10.34
N ALA B 1309 -27.46 15.39 -9.35
CA ALA B 1309 -27.83 15.06 -7.98
C ALA B 1309 -28.93 15.98 -7.48
N MET B 1310 -28.83 17.29 -7.75
CA MET B 1310 -29.87 18.22 -7.34
C MET B 1310 -31.20 17.87 -8.00
N SER B 1311 -31.17 17.54 -9.30
CA SER B 1311 -32.41 17.18 -9.99
C SER B 1311 -33.02 15.91 -9.41
N ILE B 1312 -32.19 14.92 -9.08
CA ILE B 1312 -32.70 13.68 -8.50
C ILE B 1312 -33.35 13.95 -7.15
N LEU B 1313 -32.66 14.71 -6.30
CA LEU B 1313 -33.17 14.93 -4.95
C LEU B 1313 -34.44 15.78 -4.97
N ASP B 1314 -34.49 16.80 -5.83
CA ASP B 1314 -35.68 17.63 -5.94
C ASP B 1314 -36.77 16.98 -6.79
N ASP B 1315 -36.43 15.94 -7.56
CA ASP B 1315 -37.36 15.21 -8.41
C ASP B 1315 -37.98 16.13 -9.47
N LYS B 1316 -37.12 16.69 -10.31
CA LYS B 1316 -37.53 17.49 -11.46
C LYS B 1316 -37.48 16.58 -12.68
N ARG B 1317 -38.62 15.97 -12.99
CA ARG B 1317 -38.67 15.01 -14.10
C ARG B 1317 -38.51 15.67 -15.46
N GLU B 1318 -38.57 17.00 -15.52
CA GLU B 1318 -38.37 17.68 -16.80
C GLU B 1318 -36.90 17.84 -17.13
N ASP B 1319 -36.08 18.25 -16.15
CA ASP B 1319 -34.65 18.40 -16.36
C ASP B 1319 -33.92 17.07 -16.32
N LEU B 1320 -34.54 16.03 -15.77
CA LEU B 1320 -33.87 14.74 -15.64
C LEU B 1320 -33.59 14.10 -16.99
N SER B 1321 -34.49 14.28 -17.96
CA SER B 1321 -34.23 13.74 -19.29
C SER B 1321 -33.03 14.40 -19.95
N ILE B 1322 -32.93 15.72 -19.83
CA ILE B 1322 -31.79 16.44 -20.39
C ILE B 1322 -30.50 16.04 -19.68
N ILE B 1323 -30.56 15.89 -18.35
CA ILE B 1323 -29.39 15.43 -17.61
C ILE B 1323 -28.98 14.04 -18.06
N LEU B 1324 -29.95 13.14 -18.27
CA LEU B 1324 -29.64 11.80 -18.71
C LEU B 1324 -29.00 11.79 -20.09
N GLU B 1325 -29.53 12.59 -21.01
CA GLU B 1325 -28.95 12.61 -22.36
C GLU B 1325 -27.57 13.24 -22.36
N GLU B 1326 -27.32 14.20 -21.45
CA GLU B 1326 -25.99 14.78 -21.36
C GLU B 1326 -24.99 13.81 -20.72
N LEU B 1327 -25.44 12.98 -19.77
CA LEU B 1327 -24.54 12.05 -19.11
C LEU B 1327 -24.22 10.83 -19.97
N LYS B 1328 -25.04 10.56 -20.98
CA LYS B 1328 -24.81 9.41 -21.84
C LYS B 1328 -23.96 9.74 -23.06
N ALA B 1329 -23.49 10.98 -23.19
CA ALA B 1329 -22.69 11.42 -24.33
C ALA B 1329 -21.30 11.90 -23.89
N LEU B 1330 -20.77 11.32 -22.82
CA LEU B 1330 -19.43 11.67 -22.38
C LEU B 1330 -18.39 11.19 -23.38
N PRO B 1331 -17.35 11.98 -23.63
CA PRO B 1331 -16.24 11.50 -24.48
C PRO B 1331 -15.41 10.45 -23.75
N LEU B 1332 -14.57 9.78 -24.52
CA LEU B 1332 -13.79 8.66 -23.99
C LEU B 1332 -12.81 9.11 -22.92
N SER B 1333 -12.21 10.29 -23.09
CA SER B 1333 -11.23 10.77 -22.11
C SER B 1333 -11.88 10.98 -20.75
N LYS B 1334 -13.08 11.55 -20.71
CA LYS B 1334 -13.77 11.75 -19.44
C LYS B 1334 -14.14 10.43 -18.79
N GLN B 1335 -14.47 9.41 -19.58
CA GLN B 1335 -14.73 8.09 -19.01
C GLN B 1335 -13.44 7.46 -18.47
N ILE B 1336 -12.31 7.72 -19.11
CA ILE B 1336 -11.04 7.22 -18.58
C ILE B 1336 -10.71 7.89 -17.26
N ILE B 1337 -10.92 9.21 -17.16
CA ILE B 1337 -10.64 9.91 -15.91
C ILE B 1337 -11.57 9.45 -14.81
N ASP B 1338 -12.85 9.22 -15.14
CA ASP B 1338 -13.84 8.77 -14.17
C ASP B 1338 -13.60 7.30 -13.84
N LYS B 1339 -12.58 7.06 -13.02
CA LYS B 1339 -12.18 5.71 -12.66
C LYS B 1339 -12.96 5.15 -11.48
N HIS B 1340 -13.81 5.95 -10.83
CA HIS B 1340 -14.64 5.47 -9.73
C HIS B 1340 -16.11 5.34 -10.12
N LYS B 1341 -16.45 5.62 -11.38
CA LYS B 1341 -17.74 5.27 -11.96
C LYS B 1341 -18.90 5.97 -11.26
N ASP B 1342 -18.79 7.29 -11.14
CA ASP B 1342 -19.91 8.09 -10.64
C ASP B 1342 -20.97 8.28 -11.71
N ALA B 1343 -20.55 8.50 -12.95
CA ALA B 1343 -21.50 8.70 -14.04
C ALA B 1343 -22.37 7.47 -14.30
N PRO B 1344 -21.85 6.25 -14.40
CA PRO B 1344 -22.77 5.09 -14.52
C PRO B 1344 -23.70 4.95 -13.34
N TYR B 1345 -23.24 5.28 -12.13
CA TYR B 1345 -24.09 5.19 -10.96
C TYR B 1345 -25.29 6.14 -11.08
N LEU B 1346 -25.02 7.41 -11.41
CA LEU B 1346 -26.11 8.36 -11.56
C LEU B 1346 -27.00 8.02 -12.74
N ILE B 1347 -26.42 7.50 -13.84
CA ILE B 1347 -27.22 7.12 -15.00
C ILE B 1347 -28.19 6.01 -14.63
N GLU B 1348 -27.70 4.99 -13.91
CA GLU B 1348 -28.58 3.90 -13.48
C GLU B 1348 -29.66 4.41 -12.54
N GLU B 1349 -29.31 5.31 -11.61
CA GLU B 1349 -30.30 5.84 -10.69
C GLU B 1349 -31.41 6.59 -11.44
N ILE B 1350 -31.03 7.46 -12.37
CA ILE B 1350 -32.02 8.21 -13.14
C ILE B 1350 -32.86 7.27 -13.98
N THR B 1351 -32.23 6.28 -14.60
CA THR B 1351 -32.96 5.34 -15.46
C THR B 1351 -34.00 4.56 -14.66
N LYS B 1352 -33.62 4.07 -13.47
CA LYS B 1352 -34.57 3.29 -12.69
C LYS B 1352 -35.65 4.17 -12.08
N ARG B 1353 -35.35 5.45 -11.83
CA ARG B 1353 -36.39 6.34 -11.31
C ARG B 1353 -37.37 6.78 -12.39
N LEU B 1354 -36.93 6.87 -13.64
CA LEU B 1354 -37.80 7.35 -14.72
C LEU B 1354 -38.59 6.23 -15.38
N TYR B 1355 -37.90 5.25 -15.97
CA TYR B 1355 -38.56 4.25 -16.79
C TYR B 1355 -39.09 3.06 -16.00
N ARG B 1356 -38.71 2.93 -14.73
CA ARG B 1356 -39.20 1.87 -13.85
C ARG B 1356 -38.96 0.48 -14.45
N ASN B 1357 -37.77 0.28 -15.00
CA ASN B 1357 -37.38 -1.01 -15.56
C ASN B 1357 -35.90 -1.24 -15.29
N ASP B 1358 -35.41 -2.41 -15.68
CA ASP B 1358 -34.01 -2.78 -15.47
C ASP B 1358 -33.16 -2.43 -16.69
N THR B 1359 -33.24 -1.17 -17.13
CA THR B 1359 -32.43 -0.68 -18.22
C THR B 1359 -31.10 -0.13 -17.77
N GLY B 1360 -30.95 0.14 -16.47
CA GLY B 1360 -29.74 0.75 -15.95
C GLY B 1360 -28.53 -0.16 -15.90
N LYS B 1361 -28.69 -1.43 -16.26
CA LYS B 1361 -27.56 -2.35 -16.27
C LYS B 1361 -26.75 -2.27 -17.57
N GLN B 1362 -27.30 -1.64 -18.61
CA GLN B 1362 -26.60 -1.55 -19.88
C GLN B 1362 -25.36 -0.68 -19.78
N VAL B 1363 -25.44 0.41 -19.01
CA VAL B 1363 -24.28 1.26 -18.83
C VAL B 1363 -23.17 0.51 -18.08
N TRP B 1364 -23.56 -0.33 -17.12
CA TRP B 1364 -22.57 -1.14 -16.42
C TRP B 1364 -21.98 -2.21 -17.34
N GLN B 1365 -22.78 -2.76 -18.25
CA GLN B 1365 -22.25 -3.71 -19.22
C GLN B 1365 -21.22 -3.05 -20.13
N ARG B 1366 -21.51 -1.83 -20.60
CA ARG B 1366 -20.54 -1.15 -21.47
C ARG B 1366 -19.29 -0.76 -20.69
N SER B 1367 -19.44 -0.35 -19.43
CA SER B 1367 -18.27 -0.05 -18.61
C SER B 1367 -17.42 -1.29 -18.37
N ALA B 1368 -18.08 -2.44 -18.19
CA ALA B 1368 -17.35 -3.70 -18.04
C ALA B 1368 -16.61 -4.06 -19.32
N TYR B 1369 -17.24 -3.82 -20.47
CA TYR B 1369 -16.56 -4.10 -21.73
C TYR B 1369 -15.34 -3.21 -21.90
N PHE B 1370 -15.45 -1.92 -21.57
CA PHE B 1370 -14.32 -1.02 -21.74
C PHE B 1370 -13.25 -1.22 -20.68
N PHE B 1371 -13.67 -1.46 -19.43
CA PHE B 1371 -12.75 -1.60 -18.30
C PHE B 1371 -13.07 -2.89 -17.55
N PRO B 1372 -12.66 -4.04 -18.07
CA PRO B 1372 -13.02 -5.31 -17.43
C PRO B 1372 -12.32 -5.57 -16.10
N ASN B 1373 -11.21 -4.88 -15.82
CA ASN B 1373 -10.45 -5.10 -14.59
C ASN B 1373 -10.70 -4.01 -13.55
N ASN B 1374 -11.91 -3.47 -13.48
CA ASN B 1374 -12.27 -2.45 -12.51
C ASN B 1374 -13.17 -3.06 -11.45
N LEU B 1375 -12.85 -2.79 -10.17
CA LEU B 1375 -13.59 -3.39 -9.08
C LEU B 1375 -15.00 -2.83 -8.96
N LYS B 1376 -15.15 -1.52 -9.17
CA LYS B 1376 -16.46 -0.88 -9.02
C LYS B 1376 -17.46 -1.34 -10.08
N VAL B 1377 -16.98 -1.82 -11.22
CA VAL B 1377 -17.88 -2.14 -12.33
C VAL B 1377 -18.63 -3.44 -12.07
N TRP B 1378 -17.95 -4.45 -11.53
CA TRP B 1378 -18.51 -5.79 -11.41
C TRP B 1378 -19.45 -5.95 -10.22
N GLU B 1379 -19.63 -4.92 -9.40
CA GLU B 1379 -20.51 -5.03 -8.24
C GLU B 1379 -21.95 -5.30 -8.66
N ARG B 1380 -22.41 -4.62 -9.71
CA ARG B 1380 -23.80 -4.76 -10.16
C ARG B 1380 -24.01 -5.92 -11.12
N LEU B 1381 -22.95 -6.50 -11.68
CA LEU B 1381 -23.09 -7.53 -12.70
C LEU B 1381 -22.89 -8.93 -12.15
N ASP B 1382 -21.75 -9.21 -11.54
CA ASP B 1382 -21.45 -10.53 -11.02
C ASP B 1382 -20.51 -10.40 -9.84
N LYS B 1383 -20.89 -11.01 -8.71
CA LYS B 1383 -20.09 -10.93 -7.50
C LYS B 1383 -19.01 -12.00 -7.43
N ASN B 1384 -19.19 -13.13 -8.11
CA ASN B 1384 -18.13 -14.13 -8.17
C ASN B 1384 -16.92 -13.60 -8.92
N ILE B 1385 -17.14 -12.90 -10.03
CA ILE B 1385 -16.03 -12.28 -10.76
C ILE B 1385 -15.40 -11.19 -9.91
N GLN B 1386 -16.21 -10.39 -9.23
CA GLN B 1386 -15.68 -9.32 -8.38
C GLN B 1386 -14.81 -9.88 -7.27
N ARG B 1387 -15.21 -11.01 -6.67
CA ARG B 1387 -14.40 -11.62 -5.62
C ARG B 1387 -13.08 -12.12 -6.16
N ARG B 1388 -13.08 -12.77 -7.34
CA ARG B 1388 -11.86 -13.31 -7.90
C ARG B 1388 -10.93 -12.21 -8.40
N ILE B 1389 -11.49 -11.08 -8.86
CA ILE B 1389 -10.68 -10.00 -9.41
C ILE B 1389 -9.79 -9.37 -8.35
N ALA B 1390 -10.18 -9.41 -7.07
CA ALA B 1390 -9.42 -8.80 -5.99
C ALA B 1390 -8.92 -9.81 -4.97
N SER B 1391 -8.58 -11.03 -5.39
CA SER B 1391 -8.24 -12.09 -4.45
C SER B 1391 -6.75 -12.20 -4.18
N ASN B 1392 -5.96 -12.45 -5.22
CA ASN B 1392 -4.54 -12.81 -5.06
C ASN B 1392 -3.63 -11.65 -5.44
N GLY B 1393 -4.00 -10.44 -5.09
CA GLY B 1393 -3.20 -9.27 -5.42
C GLY B 1393 -3.43 -8.70 -6.79
N GLN B 1394 -4.43 -9.19 -7.54
CA GLN B 1394 -4.74 -8.63 -8.83
C GLN B 1394 -5.19 -7.18 -8.72
N ASN B 1395 -5.93 -6.86 -7.66
CA ASN B 1395 -6.34 -5.50 -7.36
C ASN B 1395 -6.07 -5.22 -5.88
N LYS B 1396 -5.88 -3.95 -5.55
CA LYS B 1396 -5.60 -3.54 -4.19
C LYS B 1396 -6.91 -3.35 -3.43
N VAL B 1397 -7.11 -4.14 -2.38
CA VAL B 1397 -8.35 -4.16 -1.63
C VAL B 1397 -8.02 -4.10 -0.14
N THR B 1398 -8.96 -3.59 0.65
CA THR B 1398 -8.80 -3.53 2.10
C THR B 1398 -9.46 -4.74 2.75
N ALA B 1399 -9.17 -4.93 4.04
CA ALA B 1399 -9.68 -6.09 4.76
C ALA B 1399 -11.20 -6.02 4.92
N GLU B 1400 -11.75 -4.81 5.11
CA GLU B 1400 -13.19 -4.68 5.25
C GLU B 1400 -13.92 -5.04 3.96
N GLU B 1401 -13.41 -4.58 2.81
CA GLU B 1401 -14.01 -4.93 1.54
C GLU B 1401 -13.87 -6.41 1.22
N MET B 1402 -12.71 -6.99 1.54
CA MET B 1402 -12.54 -8.44 1.34
C MET B 1402 -13.49 -9.23 2.23
N SER B 1403 -13.68 -8.79 3.48
CA SER B 1403 -14.64 -9.44 4.36
C SER B 1403 -16.05 -9.33 3.82
N LYS B 1404 -16.41 -8.17 3.26
CA LYS B 1404 -17.72 -8.03 2.65
C LYS B 1404 -17.90 -8.98 1.47
N LEU B 1405 -16.85 -9.12 0.66
CA LEU B 1405 -16.93 -10.03 -0.49
C LEU B 1405 -17.06 -11.49 -0.05
N TYR B 1406 -16.35 -11.87 1.02
CA TYR B 1406 -16.42 -13.25 1.50
C TYR B 1406 -17.82 -13.59 2.02
N CYS B 1407 -18.44 -12.67 2.77
CA CYS B 1407 -19.72 -12.97 3.39
C CYS B 1407 -20.85 -13.06 2.38
N GLU B 1408 -20.63 -12.60 1.15
CA GLU B 1408 -21.66 -12.61 0.13
C GLU B 1408 -21.72 -13.94 -0.63
N SER B 1409 -20.91 -14.93 -0.24
CA SER B 1409 -21.01 -16.27 -0.80
C SER B 1409 -22.11 -17.09 -0.16
N LYS B 1410 -22.67 -16.62 0.95
CA LYS B 1410 -23.90 -17.15 1.57
C LYS B 1410 -23.75 -18.57 2.10
N ASN B 1411 -22.54 -19.00 2.44
CA ASN B 1411 -22.34 -20.30 3.07
C ASN B 1411 -21.48 -20.13 4.33
N LEU B 1412 -21.52 -21.15 5.18
CA LEU B 1412 -20.97 -21.03 6.52
C LEU B 1412 -19.47 -20.81 6.51
N ARG B 1413 -18.74 -21.49 5.62
CA ARG B 1413 -17.28 -21.38 5.61
C ARG B 1413 -16.83 -19.97 5.24
N SER B 1414 -17.38 -19.42 4.16
CA SER B 1414 -17.00 -18.08 3.74
C SER B 1414 -17.43 -17.03 4.76
N ILE B 1415 -18.61 -17.21 5.35
CA ILE B 1415 -19.08 -16.26 6.36
C ILE B 1415 -18.17 -16.31 7.59
N GLN B 1416 -17.73 -17.50 7.99
CA GLN B 1416 -16.79 -17.62 9.09
C GLN B 1416 -15.47 -16.94 8.77
N ARG B 1417 -14.96 -17.12 7.56
CA ARG B 1417 -13.72 -16.46 7.16
C ARG B 1417 -13.87 -14.94 7.18
N GLY B 1418 -14.99 -14.43 6.65
CA GLY B 1418 -15.21 -13.00 6.64
C GLY B 1418 -15.37 -12.40 8.02
N MET B 1419 -16.05 -13.13 8.91
CA MET B 1419 -16.17 -12.66 10.30
C MET B 1419 -14.83 -12.73 11.02
N PHE B 1420 -13.99 -13.72 10.68
CA PHE B 1420 -12.65 -13.76 11.26
C PHE B 1420 -11.82 -12.57 10.80
N LEU B 1421 -11.96 -12.16 9.54
CA LEU B 1421 -11.25 -10.98 9.07
C LEU B 1421 -11.69 -9.73 9.82
N CYS B 1422 -12.99 -9.46 9.87
CA CYS B 1422 -13.54 -8.28 10.51
C CYS B 1422 -14.67 -8.66 11.45
N PRO B 1423 -14.36 -9.06 12.68
CA PRO B 1423 -15.42 -9.42 13.64
C PRO B 1423 -16.34 -8.27 14.00
N TRP B 1424 -15.93 -7.02 13.79
CA TRP B 1424 -16.76 -5.87 14.11
C TRP B 1424 -17.73 -5.51 13.00
N ASN B 1425 -17.71 -6.22 11.88
CA ASN B 1425 -18.63 -5.96 10.79
C ASN B 1425 -20.01 -6.47 11.14
N VAL B 1426 -21.01 -5.59 11.04
CA VAL B 1426 -22.37 -5.95 11.45
C VAL B 1426 -22.95 -7.01 10.52
N THR B 1427 -22.70 -6.89 9.21
CA THR B 1427 -23.27 -7.82 8.25
C THR B 1427 -22.74 -9.23 8.45
N ALA B 1428 -21.46 -9.37 8.77
CA ALA B 1428 -20.90 -10.71 9.01
C ALA B 1428 -21.55 -11.39 10.20
N VAL B 1429 -21.74 -10.65 11.30
CA VAL B 1429 -22.36 -11.22 12.48
C VAL B 1429 -23.81 -11.55 12.21
N LYS B 1430 -24.52 -10.70 11.45
CA LYS B 1430 -25.90 -11.00 11.10
C LYS B 1430 -25.99 -12.26 10.25
N ALA B 1431 -25.09 -12.41 9.28
CA ALA B 1431 -25.10 -13.59 8.43
C ALA B 1431 -24.80 -14.85 9.23
N LEU B 1432 -23.82 -14.79 10.13
CA LEU B 1432 -23.52 -15.95 10.97
C LEU B 1432 -24.69 -16.30 11.87
N ASN B 1433 -25.37 -15.29 12.43
CA ASN B 1433 -26.54 -15.54 13.26
C ASN B 1433 -27.65 -16.20 12.45
N GLU B 1434 -27.86 -15.74 11.22
CA GLU B 1434 -28.91 -16.30 10.38
C GLU B 1434 -28.52 -17.65 9.79
N CYS B 1435 -27.25 -18.04 9.86
CA CYS B 1435 -26.87 -19.39 9.41
C CYS B 1435 -27.53 -20.46 10.26
N PHE B 1436 -27.57 -20.26 11.58
CA PHE B 1436 -28.21 -21.22 12.47
C PHE B 1436 -29.63 -20.80 12.80
N SER C 2 22.39 -17.39 7.86
CA SER C 2 21.29 -17.85 7.01
C SER C 2 20.78 -19.21 7.47
N LYS C 3 19.57 -19.23 8.03
CA LYS C 3 18.96 -20.47 8.50
C LYS C 3 18.17 -21.12 7.38
N VAL C 4 18.05 -22.44 7.46
CA VAL C 4 17.36 -23.25 6.47
C VAL C 4 16.32 -24.10 7.18
N PHE C 5 15.10 -24.11 6.67
CA PHE C 5 14.01 -24.89 7.22
C PHE C 5 13.53 -25.90 6.19
N ILE C 6 13.35 -27.15 6.61
CA ILE C 6 12.95 -28.23 5.73
C ILE C 6 11.71 -28.92 6.29
N ALA C 7 10.80 -29.30 5.40
CA ALA C 7 9.56 -29.94 5.81
C ALA C 7 9.84 -31.33 6.36
N THR C 8 9.08 -31.71 7.39
CA THR C 8 9.22 -33.01 8.03
C THR C 8 7.96 -33.85 7.99
N ALA C 9 6.78 -33.24 8.15
CA ALA C 9 5.53 -33.97 8.12
C ALA C 9 4.42 -33.06 7.65
N ASN C 10 3.42 -33.65 6.99
CA ASN C 10 2.28 -32.92 6.47
C ASN C 10 1.00 -33.68 6.82
N ALA C 11 -0.13 -33.00 6.62
CA ALA C 11 -1.43 -33.65 6.74
C ALA C 11 -2.43 -32.80 5.95
N GLY C 12 -2.90 -33.31 4.83
CA GLY C 12 -3.85 -32.59 4.01
C GLY C 12 -5.29 -32.92 4.38
N LYS C 13 -6.16 -31.93 4.17
CA LYS C 13 -7.58 -32.06 4.51
C LYS C 13 -7.76 -32.49 5.96
N ALA C 14 -6.99 -31.86 6.86
CA ALA C 14 -7.03 -32.23 8.27
C ALA C 14 -8.39 -31.95 8.88
N HIS C 15 -8.99 -30.81 8.55
CA HIS C 15 -10.29 -30.42 9.07
C HIS C 15 -11.28 -30.24 7.92
N ASP C 16 -12.57 -30.21 8.26
CA ASP C 16 -13.61 -30.00 7.27
C ASP C 16 -13.85 -28.52 6.97
N ALA C 17 -13.26 -27.61 7.75
CA ALA C 17 -13.41 -26.19 7.53
C ALA C 17 -12.04 -25.53 7.74
N ASP C 18 -12.03 -24.20 7.78
CA ASP C 18 -10.78 -23.47 7.92
C ASP C 18 -10.19 -23.67 9.31
N ILE C 19 -8.87 -23.83 9.36
CA ILE C 19 -8.16 -24.01 10.62
C ILE C 19 -7.61 -22.63 11.02
N PHE C 20 -8.16 -22.08 12.11
CA PHE C 20 -7.87 -20.70 12.46
C PHE C 20 -6.72 -20.56 13.46
N SER C 21 -6.48 -21.56 14.29
CA SER C 21 -5.43 -21.44 15.30
C SER C 21 -4.76 -22.80 15.50
N VAL C 22 -3.53 -22.75 16.00
CA VAL C 22 -2.77 -23.95 16.34
C VAL C 22 -1.96 -23.67 17.60
N SER C 23 -1.81 -24.70 18.42
CA SER C 23 -1.01 -24.59 19.64
C SER C 23 -0.38 -25.94 19.93
N ALA C 24 0.77 -25.92 20.59
CA ALA C 24 1.52 -27.14 20.83
C ALA C 24 2.09 -27.14 22.25
N CYS C 25 2.35 -28.34 22.76
CA CYS C 25 3.03 -28.53 24.03
C CYS C 25 4.06 -29.65 23.83
N ASN C 26 4.66 -30.10 24.93
CA ASN C 26 5.68 -31.14 24.84
C ASN C 26 5.09 -32.44 24.32
N SER C 27 3.88 -32.80 24.76
CA SER C 27 3.34 -34.11 24.44
C SER C 27 2.68 -34.14 23.07
N PHE C 28 2.00 -33.08 22.66
CA PHE C 28 1.23 -33.13 21.42
C PHE C 28 0.98 -31.73 20.89
N THR C 29 0.47 -31.69 19.66
CA THR C 29 0.04 -30.45 19.01
C THR C 29 -1.48 -30.50 18.85
N VAL C 30 -2.14 -29.37 19.05
CA VAL C 30 -3.59 -29.27 18.97
C VAL C 30 -3.96 -28.16 18.01
N SER C 31 -5.04 -28.36 17.25
CA SER C 31 -5.56 -27.37 16.33
C SER C 31 -7.07 -27.27 16.47
N CYS C 32 -7.60 -26.09 16.19
CA CYS C 32 -9.03 -25.83 16.23
C CYS C 32 -9.47 -25.27 14.88
N SER C 33 -10.70 -25.61 14.49
CA SER C 33 -11.21 -25.23 13.18
C SER C 33 -12.66 -24.80 13.31
N GLY C 34 -13.20 -24.30 12.20
CA GLY C 34 -14.56 -23.82 12.13
C GLY C 34 -15.62 -24.88 12.08
N ASP C 35 -15.24 -26.15 11.95
CA ASP C 35 -16.20 -27.25 12.01
C ASP C 35 -16.47 -27.72 13.43
N GLY C 36 -15.81 -27.13 14.42
CA GLY C 36 -16.13 -27.41 15.81
C GLY C 36 -15.44 -28.61 16.42
N TYR C 37 -14.22 -28.92 15.99
CA TYR C 37 -13.48 -30.08 16.49
C TYR C 37 -12.13 -29.65 17.04
N LEU C 38 -11.70 -30.35 18.08
CA LEU C 38 -10.35 -30.21 18.63
C LEU C 38 -9.58 -31.48 18.30
N LYS C 39 -8.49 -31.35 17.55
CA LYS C 39 -7.71 -32.50 17.12
C LYS C 39 -6.34 -32.46 17.79
N VAL C 40 -5.90 -33.62 18.29
CA VAL C 40 -4.63 -33.76 18.99
C VAL C 40 -3.68 -34.57 18.11
N TRP C 41 -2.50 -34.02 17.84
CA TRP C 41 -1.48 -34.68 17.03
C TRP C 41 -0.28 -34.98 17.91
N ASP C 42 0.14 -36.24 17.92
CA ASP C 42 1.24 -36.66 18.76
C ASP C 42 2.56 -36.07 18.28
N ASN C 43 3.33 -35.48 19.20
CA ASN C 43 4.64 -34.96 18.84
C ASN C 43 5.68 -36.06 18.71
N LYS C 44 5.56 -37.12 19.51
CA LYS C 44 6.54 -38.22 19.47
C LYS C 44 6.17 -39.19 18.36
N LEU C 45 6.34 -38.70 17.13
CA LEU C 45 6.02 -39.45 15.92
C LEU C 45 7.30 -39.94 15.29
N LEU C 46 7.36 -41.24 14.98
CA LEU C 46 8.56 -41.80 14.38
C LEU C 46 8.71 -41.33 12.95
N ASP C 47 9.94 -41.46 12.44
CA ASP C 47 10.23 -41.06 11.07
C ASP C 47 9.46 -41.92 10.08
N ASN C 48 9.05 -41.30 8.98
CA ASN C 48 8.27 -41.97 7.92
C ASN C 48 6.98 -42.58 8.48
N GLU C 49 6.30 -41.82 9.34
CA GLU C 49 5.01 -42.23 9.89
C GLU C 49 3.96 -41.18 9.58
N ASN C 50 2.72 -41.64 9.38
CA ASN C 50 1.64 -40.73 9.04
C ASN C 50 1.14 -40.02 10.28
N PRO C 51 1.11 -38.68 10.30
CA PRO C 51 0.58 -37.97 11.47
C PRO C 51 -0.88 -38.28 11.75
N LYS C 52 -1.69 -38.55 10.72
CA LYS C 52 -3.11 -38.81 10.94
C LYS C 52 -3.34 -40.11 11.70
N ASP C 53 -2.40 -41.05 11.65
CA ASP C 53 -2.56 -42.27 12.43
C ASP C 53 -2.52 -42.00 13.92
N LYS C 54 -1.65 -41.08 14.35
CA LYS C 54 -1.57 -40.67 15.76
C LYS C 54 -2.38 -39.40 15.97
N SER C 55 -3.70 -39.53 15.83
CA SER C 55 -4.61 -38.40 15.92
C SER C 55 -5.83 -38.77 16.74
N TYR C 56 -6.38 -37.77 17.44
CA TYR C 56 -7.57 -37.95 18.26
C TYR C 56 -8.40 -36.68 18.18
N SER C 57 -9.73 -36.85 18.14
CA SER C 57 -10.64 -35.75 17.89
C SER C 57 -11.70 -35.67 18.98
N HIS C 58 -12.28 -34.49 19.13
CA HIS C 58 -13.35 -34.22 20.09
C HIS C 58 -14.22 -33.10 19.56
N PHE C 59 -15.54 -33.29 19.66
CA PHE C 59 -16.51 -32.29 19.21
C PHE C 59 -16.80 -31.33 20.35
N VAL C 60 -16.72 -30.03 20.06
CA VAL C 60 -16.83 -28.99 21.08
C VAL C 60 -18.09 -28.14 20.88
N HIS C 61 -18.20 -27.45 19.75
CA HIS C 61 -19.31 -26.54 19.52
C HIS C 61 -19.66 -26.51 18.04
N LYS C 62 -20.94 -26.28 17.74
CA LYS C 62 -21.39 -26.30 16.36
C LYS C 62 -21.02 -25.03 15.61
N SER C 63 -20.93 -23.89 16.30
CA SER C 63 -20.66 -22.62 15.62
C SER C 63 -19.24 -22.56 15.09
N GLY C 64 -18.32 -23.31 15.67
CA GLY C 64 -16.94 -23.29 15.28
C GLY C 64 -16.05 -22.64 16.33
N LEU C 65 -14.75 -22.88 16.19
CA LEU C 65 -13.75 -22.39 17.12
C LEU C 65 -12.70 -21.59 16.38
N HIS C 66 -12.20 -20.53 17.01
CA HIS C 66 -11.19 -19.68 16.38
C HIS C 66 -9.97 -19.37 17.25
N HIS C 67 -9.89 -19.90 18.48
CA HIS C 67 -8.70 -19.72 19.32
C HIS C 67 -8.48 -20.97 20.15
N VAL C 68 -7.21 -21.24 20.47
CA VAL C 68 -6.84 -22.42 21.26
C VAL C 68 -5.51 -22.13 21.97
N ASP C 69 -5.34 -22.74 23.14
CA ASP C 69 -4.10 -22.66 23.89
C ASP C 69 -4.01 -23.86 24.82
N VAL C 70 -2.77 -24.25 25.14
CA VAL C 70 -2.50 -25.42 25.96
C VAL C 70 -1.66 -25.00 27.17
N LEU C 71 -1.99 -25.54 28.33
CA LEU C 71 -1.20 -25.34 29.54
C LEU C 71 -0.82 -26.71 30.09
N GLN C 72 0.45 -27.07 29.97
CA GLN C 72 0.98 -28.33 30.49
C GLN C 72 2.10 -28.01 31.48
N ALA C 73 2.04 -28.62 32.66
CA ALA C 73 3.05 -28.38 33.67
C ALA C 73 3.10 -29.56 34.64
N ILE C 74 4.21 -29.67 35.35
CA ILE C 74 4.40 -30.65 36.41
C ILE C 74 4.04 -29.95 37.71
N GLU C 75 2.80 -30.12 38.15
CA GLU C 75 2.32 -29.35 39.30
C GLU C 75 2.90 -29.88 40.60
N ARG C 76 2.59 -31.13 40.94
CA ARG C 76 3.16 -31.76 42.11
C ARG C 76 4.43 -32.51 41.71
N ASP C 77 4.96 -33.33 42.61
CA ASP C 77 6.13 -34.13 42.29
C ASP C 77 5.85 -35.17 41.23
N ALA C 78 4.58 -35.57 41.07
CA ALA C 78 4.24 -36.62 40.12
C ALA C 78 3.01 -36.25 39.29
N PHE C 79 2.23 -35.28 39.74
CA PHE C 79 0.98 -34.94 39.07
C PHE C 79 1.24 -34.36 37.68
N GLU C 80 0.42 -34.78 36.72
CA GLU C 80 0.48 -34.28 35.35
C GLU C 80 -0.71 -33.37 35.10
N LEU C 81 -0.46 -32.19 34.56
CA LEU C 81 -1.49 -31.20 34.27
C LEU C 81 -1.48 -30.89 32.79
N CYS C 82 -2.66 -30.87 32.18
CA CYS C 82 -2.80 -30.53 30.77
C CYS C 82 -4.21 -30.00 30.53
N LEU C 83 -4.31 -28.73 30.13
CA LEU C 83 -5.59 -28.07 29.90
C LEU C 83 -5.59 -27.37 28.56
N VAL C 84 -6.76 -27.37 27.91
CA VAL C 84 -6.95 -26.70 26.63
C VAL C 84 -8.13 -25.74 26.77
N ALA C 85 -7.93 -24.49 26.39
CA ALA C 85 -8.97 -23.47 26.42
C ALA C 85 -9.24 -22.98 25.00
N THR C 86 -10.52 -22.91 24.63
CA THR C 86 -10.93 -22.48 23.31
C THR C 86 -12.10 -21.50 23.41
N THR C 87 -12.14 -20.55 22.48
CA THR C 87 -13.26 -19.66 22.31
C THR C 87 -13.99 -20.00 21.01
N SER C 88 -15.32 -20.07 21.09
CA SER C 88 -16.15 -20.42 19.95
C SER C 88 -16.59 -19.16 19.22
N PHE C 89 -17.27 -19.36 18.08
CA PHE C 89 -17.78 -18.23 17.31
C PHE C 89 -18.98 -17.57 17.97
N SER C 90 -19.68 -18.28 18.86
CA SER C 90 -20.78 -17.68 19.60
C SER C 90 -20.31 -16.86 20.79
N GLY C 91 -19.06 -17.02 21.21
CA GLY C 91 -18.51 -16.22 22.28
C GLY C 91 -18.38 -16.94 23.61
N ASP C 92 -18.28 -18.26 23.57
CA ASP C 92 -18.16 -19.06 24.77
C ASP C 92 -16.69 -19.42 25.03
N LEU C 93 -16.34 -19.53 26.30
CA LEU C 93 -15.00 -19.93 26.73
C LEU C 93 -15.11 -21.30 27.39
N LEU C 94 -14.38 -22.27 26.86
CA LEU C 94 -14.55 -23.68 27.20
C LEU C 94 -13.21 -24.28 27.61
N PHE C 95 -13.25 -25.19 28.58
CA PHE C 95 -12.05 -25.81 29.14
C PHE C 95 -12.16 -27.32 29.11
N TYR C 96 -11.05 -27.99 28.81
CA TYR C 96 -10.99 -29.44 28.74
C TYR C 96 -9.71 -29.94 29.38
N ARG C 97 -9.77 -31.13 29.96
CA ARG C 97 -8.61 -31.80 30.53
C ARG C 97 -8.15 -32.93 29.63
N ILE C 98 -6.84 -33.10 29.51
CA ILE C 98 -6.25 -34.09 28.61
C ILE C 98 -5.49 -35.11 29.46
N THR C 99 -5.90 -36.37 29.37
CA THR C 99 -5.25 -37.48 30.06
C THR C 99 -5.08 -38.64 29.10
N ARG C 100 -4.38 -39.67 29.57
CA ARG C 100 -4.04 -40.82 28.75
C ARG C 100 -4.19 -42.10 29.56
N GLU C 101 -4.41 -43.22 28.88
CA GLU C 101 -4.41 -44.51 29.54
C GLU C 101 -3.01 -45.13 29.47
N ASP C 102 -2.75 -46.07 30.38
CA ASP C 102 -1.57 -46.91 30.24
C ASP C 102 -1.82 -48.08 29.29
N GLU C 103 -3.09 -48.48 29.13
CA GLU C 103 -3.41 -49.65 28.32
C GLU C 103 -3.13 -49.41 26.84
N THR C 104 -3.63 -48.31 26.29
CA THR C 104 -3.54 -48.05 24.86
C THR C 104 -3.06 -46.65 24.51
N LYS C 105 -2.69 -45.83 25.50
CA LYS C 105 -2.16 -44.48 25.28
C LYS C 105 -3.12 -43.60 24.50
N LYS C 106 -4.42 -43.78 24.71
CA LYS C 106 -5.43 -42.97 24.05
C LYS C 106 -5.73 -41.70 24.86
N VAL C 107 -6.05 -40.64 24.15
CA VAL C 107 -6.31 -39.35 24.80
C VAL C 107 -7.75 -39.32 25.30
N ILE C 108 -7.94 -38.83 26.53
CA ILE C 108 -9.25 -38.66 27.13
C ILE C 108 -9.53 -37.17 27.25
N PHE C 109 -10.69 -36.74 26.77
CA PHE C 109 -11.13 -35.35 26.88
C PHE C 109 -12.18 -35.26 27.98
N GLU C 110 -11.90 -34.45 29.00
CA GLU C 110 -12.77 -34.33 30.16
C GLU C 110 -13.11 -32.86 30.38
N LYS C 111 -14.37 -32.52 30.19
CA LYS C 111 -14.80 -31.13 30.26
C LYS C 111 -14.72 -30.58 31.68
N LEU C 112 -14.42 -29.29 31.78
CA LEU C 112 -14.32 -28.60 33.05
C LEU C 112 -15.31 -27.44 33.10
N ASP C 113 -15.97 -27.29 34.25
CA ASP C 113 -16.86 -26.16 34.50
C ASP C 113 -16.15 -25.24 35.51
N LEU C 114 -15.52 -24.19 35.01
CA LEU C 114 -14.74 -23.29 35.84
C LEU C 114 -15.29 -21.88 35.94
N LEU C 115 -16.26 -21.51 35.11
CA LEU C 115 -16.82 -20.16 35.11
C LEU C 115 -18.14 -20.13 35.88
N ASP C 116 -18.38 -19.02 36.57
CA ASP C 116 -19.62 -18.85 37.30
C ASP C 116 -20.74 -18.39 36.37
N SER C 117 -21.94 -18.25 36.93
CA SER C 117 -23.12 -17.97 36.11
C SER C 117 -23.02 -16.60 35.44
N ASP C 118 -22.53 -15.59 36.17
CA ASP C 118 -22.50 -14.24 35.63
C ASP C 118 -21.49 -14.11 34.49
N MET C 119 -20.33 -14.78 34.61
CA MET C 119 -19.29 -14.63 33.60
C MET C 119 -19.63 -15.31 32.29
N LYS C 120 -20.68 -16.13 32.25
CA LYS C 120 -21.06 -16.84 31.05
C LYS C 120 -21.94 -16.02 30.12
N LYS C 121 -22.29 -14.79 30.49
CA LYS C 121 -23.11 -13.94 29.63
C LYS C 121 -22.29 -13.03 28.73
N HIS C 122 -20.97 -13.14 28.77
CA HIS C 122 -20.09 -12.33 27.93
C HIS C 122 -19.68 -13.10 26.69
N SER C 123 -19.39 -12.35 25.63
CA SER C 123 -18.86 -12.91 24.39
C SER C 123 -17.36 -12.69 24.35
N PHE C 124 -16.60 -13.78 24.35
CA PHE C 124 -15.15 -13.71 24.37
C PHE C 124 -14.58 -13.93 22.97
N TRP C 125 -13.46 -13.27 22.69
CA TRP C 125 -12.80 -13.37 21.40
C TRP C 125 -11.44 -14.03 21.49
N ALA C 126 -10.53 -13.51 22.31
CA ALA C 126 -9.17 -14.01 22.39
C ALA C 126 -8.90 -14.59 23.77
N LEU C 127 -7.83 -15.37 23.86
CA LEU C 127 -7.43 -15.97 25.12
C LEU C 127 -5.93 -16.25 25.08
N LYS C 128 -5.35 -16.45 26.26
CA LYS C 128 -3.93 -16.75 26.39
C LYS C 128 -3.68 -17.36 27.77
N TRP C 129 -2.72 -18.27 27.81
CA TRP C 129 -2.32 -18.92 29.05
C TRP C 129 -1.02 -18.32 29.57
N GLY C 130 -0.92 -18.19 30.88
CA GLY C 130 0.33 -17.75 31.49
C GLY C 130 0.83 -18.73 32.52
N ALA C 131 1.98 -19.35 32.26
CA ALA C 131 2.53 -20.34 33.17
C ALA C 131 3.35 -19.69 34.26
N SER C 132 3.47 -20.37 35.40
CA SER C 132 4.25 -19.88 36.52
C SER C 132 5.69 -20.34 36.35
N ASN C 133 6.60 -19.38 36.22
CA ASN C 133 8.03 -19.63 36.06
C ASN C 133 8.82 -18.74 37.01
N ASP C 134 8.42 -18.74 38.28
CA ASP C 134 8.97 -18.00 39.41
C ASP C 134 8.56 -16.53 39.41
N ARG C 135 7.81 -16.05 38.41
CA ARG C 135 7.24 -14.71 38.51
C ARG C 135 6.20 -14.65 39.62
N LEU C 136 5.24 -15.58 39.59
CA LEU C 136 4.26 -15.75 40.65
C LEU C 136 4.07 -17.24 40.88
N LEU C 137 3.37 -17.59 41.96
CA LEU C 137 3.19 -18.98 42.33
C LEU C 137 2.16 -19.69 41.46
N SER C 138 1.16 -18.98 40.95
CA SER C 138 0.04 -19.59 40.26
C SER C 138 0.04 -19.26 38.78
N HIS C 139 -0.69 -20.07 38.01
CA HIS C 139 -0.90 -19.82 36.60
C HIS C 139 -2.00 -18.79 36.41
N ARG C 140 -2.08 -18.25 35.19
CA ARG C 140 -3.05 -17.20 34.88
C ARG C 140 -3.64 -17.41 33.49
N LEU C 141 -4.84 -16.87 33.29
CA LEU C 141 -5.54 -16.89 32.01
C LEU C 141 -6.11 -15.51 31.75
N VAL C 142 -5.84 -14.97 30.57
CA VAL C 142 -6.39 -13.67 30.17
C VAL C 142 -7.25 -13.86 28.93
N ALA C 143 -8.23 -12.97 28.79
CA ALA C 143 -9.17 -13.04 27.67
C ALA C 143 -9.76 -11.67 27.44
N THR C 144 -10.13 -11.39 26.20
CA THR C 144 -10.77 -10.15 25.81
C THR C 144 -12.16 -10.44 25.26
N ASP C 145 -13.06 -9.48 25.42
CA ASP C 145 -14.43 -9.62 24.93
C ASP C 145 -14.69 -8.63 23.80
N VAL C 146 -15.91 -8.67 23.26
CA VAL C 146 -16.27 -7.82 22.13
C VAL C 146 -16.56 -6.38 22.54
N LYS C 147 -16.63 -6.08 23.83
CA LYS C 147 -16.86 -4.73 24.31
C LYS C 147 -15.57 -3.99 24.64
N GLY C 148 -14.42 -4.61 24.44
CA GLY C 148 -13.14 -3.97 24.71
C GLY C 148 -12.55 -4.22 26.07
N THR C 149 -13.10 -5.13 26.85
CA THR C 149 -12.65 -5.38 28.22
C THR C 149 -11.74 -6.60 28.27
N THR C 150 -10.78 -6.57 29.19
CA THR C 150 -9.86 -7.66 29.42
C THR C 150 -10.09 -8.25 30.81
N TYR C 151 -10.01 -9.57 30.90
CA TYR C 151 -10.25 -10.29 32.14
C TYR C 151 -9.01 -11.10 32.51
N ILE C 152 -8.69 -11.11 33.81
CA ILE C 152 -7.52 -11.81 34.32
C ILE C 152 -7.97 -12.75 35.42
N TRP C 153 -7.59 -14.02 35.32
CA TRP C 153 -7.94 -15.05 36.28
C TRP C 153 -6.68 -15.67 36.87
N LYS C 154 -6.84 -16.30 38.03
CA LYS C 154 -5.79 -17.10 38.64
C LYS C 154 -6.31 -18.53 38.82
N PHE C 155 -5.55 -19.50 38.31
CA PHE C 155 -5.97 -20.88 38.26
C PHE C 155 -5.30 -21.68 39.37
N HIS C 156 -6.11 -22.32 40.20
CA HIS C 156 -5.61 -23.16 41.28
C HIS C 156 -5.96 -24.61 41.00
N PRO C 157 -4.97 -25.47 40.72
CA PRO C 157 -5.29 -26.88 40.43
C PRO C 157 -5.91 -27.62 41.61
N PHE C 158 -5.56 -27.26 42.84
CA PHE C 158 -6.13 -27.93 44.00
C PHE C 158 -6.91 -26.95 44.88
N ASN C 168 -6.00 -33.55 45.85
CA ASN C 168 -7.42 -33.50 45.52
C ASN C 168 -7.66 -32.65 44.27
N TRP C 169 -8.31 -33.24 43.28
CA TRP C 169 -8.57 -32.56 42.01
C TRP C 169 -9.83 -31.70 42.15
N SER C 170 -9.63 -30.39 42.26
CA SER C 170 -10.75 -29.45 42.35
C SER C 170 -10.32 -28.12 41.75
N PRO C 171 -10.40 -27.99 40.43
CA PRO C 171 -9.93 -26.75 39.79
C PRO C 171 -10.90 -25.60 40.01
N THR C 172 -10.33 -24.41 40.24
CA THR C 172 -11.11 -23.19 40.40
C THR C 172 -10.44 -22.05 39.64
N LEU C 173 -11.25 -21.21 39.00
CA LEU C 173 -10.79 -19.98 38.39
C LEU C 173 -11.25 -18.82 39.26
N GLU C 174 -10.29 -18.07 39.80
CA GLU C 174 -10.58 -16.91 40.64
C GLU C 174 -10.30 -15.64 39.84
N LEU C 175 -11.32 -14.81 39.70
CA LEU C 175 -11.20 -13.59 38.89
C LEU C 175 -10.38 -12.56 39.64
N GLN C 176 -9.22 -12.21 39.08
CA GLN C 176 -8.36 -11.21 39.70
C GLN C 176 -8.88 -9.80 39.48
N GLY C 177 -9.41 -9.52 38.30
CA GLY C 177 -9.92 -8.19 38.00
C GLY C 177 -10.14 -8.02 36.51
N THR C 178 -10.47 -6.79 36.15
CA THR C 178 -10.74 -6.44 34.75
C THR C 178 -10.05 -5.13 34.41
N VAL C 179 -9.80 -4.95 33.11
CA VAL C 179 -9.26 -3.71 32.57
C VAL C 179 -10.16 -3.26 31.43
N GLU C 180 -10.61 -2.01 31.50
CA GLU C 180 -11.50 -1.46 30.49
C GLU C 180 -10.72 -0.73 29.40
N SER C 181 -11.39 -0.52 28.27
CA SER C 181 -10.75 0.12 27.14
C SER C 181 -10.41 1.58 27.46
N PRO C 182 -9.31 2.10 26.92
CA PRO C 182 -8.91 3.48 27.20
C PRO C 182 -9.58 4.53 26.31
N MET C 183 -10.64 4.18 25.59
CA MET C 183 -11.27 5.11 24.66
C MET C 183 -12.78 5.03 24.80
N THR C 184 -13.45 6.13 24.44
CA THR C 184 -14.91 6.19 24.44
C THR C 184 -15.36 6.77 23.10
N PRO C 185 -16.25 6.09 22.37
CA PRO C 185 -16.91 4.81 22.69
C PRO C 185 -15.95 3.63 22.62
N SER C 186 -16.31 2.50 23.24
CA SER C 186 -15.43 1.34 23.28
C SER C 186 -15.24 0.76 21.88
N GLN C 187 -14.12 0.07 21.70
CA GLN C 187 -13.76 -0.55 20.44
C GLN C 187 -13.68 -2.07 20.63
N PHE C 188 -13.21 -2.76 19.59
CA PHE C 188 -13.08 -4.21 19.61
C PHE C 188 -11.68 -4.60 20.03
N ALA C 189 -11.57 -5.44 21.05
CA ALA C 189 -10.28 -5.94 21.53
C ALA C 189 -9.97 -7.23 20.79
N THR C 190 -9.03 -7.16 19.83
CA THR C 190 -8.77 -8.27 18.93
C THR C 190 -7.58 -9.13 19.32
N SER C 191 -6.72 -8.66 20.22
CA SER C 191 -5.49 -9.36 20.54
C SER C 191 -5.19 -9.23 22.03
N VAL C 192 -4.38 -10.17 22.53
CA VAL C 192 -3.95 -10.15 23.93
C VAL C 192 -2.70 -11.01 24.04
N ASP C 193 -1.85 -10.68 25.02
CA ASP C 193 -0.63 -11.45 25.25
C ASP C 193 -0.17 -11.23 26.68
N ILE C 194 0.70 -12.12 27.14
CA ILE C 194 1.28 -12.06 28.49
C ILE C 194 2.79 -12.19 28.36
N SER C 195 3.51 -11.37 29.12
CA SER C 195 4.95 -11.46 29.19
C SER C 195 5.38 -12.14 30.49
N GLU C 196 6.58 -12.71 30.47
CA GLU C 196 7.12 -13.34 31.68
C GLU C 196 7.33 -12.33 32.79
N ARG C 197 7.76 -11.11 32.43
CA ARG C 197 7.99 -10.08 33.43
C ARG C 197 6.70 -9.58 34.08
N GLY C 198 5.54 -9.90 33.52
CA GLY C 198 4.29 -9.51 34.14
C GLY C 198 3.60 -8.32 33.48
N LEU C 199 3.54 -8.30 32.16
CA LEU C 199 2.89 -7.24 31.42
C LEU C 199 1.80 -7.82 30.53
N ILE C 200 0.75 -7.03 30.32
CA ILE C 200 -0.38 -7.41 29.49
C ILE C 200 -0.51 -6.40 28.36
N ALA C 201 -0.62 -6.90 27.13
CA ALA C 201 -0.80 -6.08 25.95
C ALA C 201 -2.12 -6.43 25.28
N THR C 202 -2.91 -5.42 24.95
CA THR C 202 -4.20 -5.60 24.29
C THR C 202 -4.24 -4.73 23.05
N GLY C 203 -4.62 -5.32 21.92
CA GLY C 203 -4.72 -4.60 20.66
C GLY C 203 -6.18 -4.38 20.27
N PHE C 204 -6.44 -3.26 19.63
CA PHE C 204 -7.78 -2.86 19.22
C PHE C 204 -7.84 -2.68 17.71
N ASN C 205 -9.07 -2.54 17.20
CA ASN C 205 -9.30 -2.49 15.77
C ASN C 205 -8.99 -1.12 15.15
N ASN C 206 -8.81 -0.09 15.97
CA ASN C 206 -8.48 1.24 15.46
C ASN C 206 -6.97 1.49 15.41
N GLY C 207 -6.15 0.49 15.72
CA GLY C 207 -4.72 0.67 15.71
C GLY C 207 -4.10 1.01 17.05
N THR C 208 -4.85 0.88 18.14
CA THR C 208 -4.37 1.24 19.46
C THR C 208 -4.03 -0.02 20.24
N VAL C 209 -2.86 -0.03 20.86
CA VAL C 209 -2.43 -1.12 21.74
C VAL C 209 -2.12 -0.53 23.11
N GLN C 210 -2.57 -1.21 24.16
CA GLN C 210 -2.47 -0.71 25.53
C GLN C 210 -1.67 -1.70 26.37
N ILE C 211 -0.78 -1.16 27.21
CA ILE C 211 0.07 -1.95 28.10
C ILE C 211 -0.37 -1.69 29.53
N SER C 212 -0.58 -2.76 30.29
CA SER C 212 -1.01 -2.65 31.68
C SER C 212 -0.21 -3.62 32.55
N GLU C 213 -0.12 -3.27 33.83
CA GLU C 213 0.61 -4.07 34.82
C GLU C 213 -0.21 -5.29 35.22
N LEU C 214 0.47 -6.42 35.41
CA LEU C 214 -0.20 -7.62 35.87
C LEU C 214 -0.49 -7.57 37.37
N SER C 215 0.42 -7.02 38.15
CA SER C 215 0.28 -7.05 39.60
C SER C 215 -0.81 -6.10 40.08
N THR C 216 -0.82 -4.87 39.56
CA THR C 216 -1.72 -3.83 40.05
C THR C 216 -2.84 -3.49 39.08
N LEU C 217 -2.81 -4.02 37.85
CA LEU C 217 -3.85 -3.80 36.86
C LEU C 217 -4.04 -2.31 36.56
N ARG C 218 -2.95 -1.65 36.20
CA ARG C 218 -3.00 -0.23 35.88
C ARG C 218 -2.33 0.04 34.53
N PRO C 219 -2.86 0.98 33.74
CA PRO C 219 -2.25 1.26 32.44
C PRO C 219 -0.87 1.89 32.58
N LEU C 220 0.00 1.59 31.62
CA LEU C 220 1.33 2.17 31.56
C LEU C 220 1.57 2.94 30.28
N TYR C 221 1.21 2.38 29.12
CA TYR C 221 1.44 3.00 27.83
C TYR C 221 0.18 2.93 26.99
N ASN C 222 0.16 3.74 25.93
CA ASN C 222 -0.95 3.76 24.99
C ASN C 222 -0.39 4.19 23.63
N PHE C 223 -0.07 3.20 22.80
CA PHE C 223 0.50 3.45 21.48
C PHE C 223 -0.59 3.61 20.44
N GLU C 224 -0.36 4.52 19.50
CA GLU C 224 -1.21 4.68 18.32
C GLU C 224 -0.32 4.60 17.08
N SER C 225 -0.66 3.69 16.17
CA SER C 225 0.14 3.46 14.98
C SER C 225 -0.62 3.78 13.70
N GLN C 226 -1.71 4.53 13.78
CA GLN C 226 -2.59 4.76 12.64
C GLN C 226 -2.52 6.20 12.17
N HIS C 227 -2.56 6.38 10.85
CA HIS C 227 -2.79 7.66 10.20
C HIS C 227 -3.94 7.39 9.23
N SER C 228 -5.17 7.47 9.75
CA SER C 228 -6.32 6.86 9.11
C SER C 228 -7.25 7.92 8.52
N MET C 229 -7.64 7.72 7.26
CA MET C 229 -8.81 8.36 6.68
C MET C 229 -10.01 7.44 6.62
N ILE C 230 -9.78 6.13 6.52
CA ILE C 230 -10.80 5.12 6.69
C ILE C 230 -10.80 4.69 8.15
N ASN C 231 -12.00 4.44 8.70
CA ASN C 231 -12.15 4.31 10.14
C ASN C 231 -11.35 3.13 10.69
N ASN C 232 -11.40 1.98 10.01
CA ASN C 232 -10.78 0.77 10.53
C ASN C 232 -9.79 0.17 9.52
N SER C 233 -9.05 1.02 8.81
CA SER C 233 -8.04 0.55 7.87
C SER C 233 -6.71 0.27 8.55
N ASN C 234 -6.62 0.44 9.86
CA ASN C 234 -5.42 0.14 10.64
C ASN C 234 -5.86 -0.66 11.86
N SER C 235 -5.90 -1.98 11.72
CA SER C 235 -6.35 -2.88 12.78
C SER C 235 -5.18 -3.74 13.23
N ILE C 236 -5.11 -3.98 14.53
CA ILE C 236 -4.02 -4.75 15.12
C ILE C 236 -4.43 -6.22 15.15
N ARG C 237 -3.62 -7.08 14.53
CA ARG C 237 -3.94 -8.48 14.39
C ARG C 237 -3.19 -9.38 15.37
N SER C 238 -1.97 -9.01 15.76
CA SER C 238 -1.17 -9.86 16.62
C SER C 238 -0.27 -9.00 17.49
N VAL C 239 -0.17 -9.37 18.77
CA VAL C 239 0.77 -8.75 19.70
C VAL C 239 1.57 -9.86 20.35
N LYS C 240 2.90 -9.71 20.38
CA LYS C 240 3.78 -10.73 20.92
C LYS C 240 4.91 -10.08 21.70
N PHE C 241 5.16 -10.60 22.90
CA PHE C 241 6.27 -10.15 23.74
C PHE C 241 7.50 -10.99 23.44
N SER C 242 8.66 -10.34 23.44
CA SER C 242 9.92 -11.07 23.29
C SER C 242 10.20 -11.88 24.55
N PRO C 243 10.62 -13.13 24.41
CA PRO C 243 10.83 -13.98 25.61
C PRO C 243 11.91 -13.47 26.54
N GLN C 244 12.94 -12.78 26.04
CA GLN C 244 14.11 -12.44 26.84
C GLN C 244 14.24 -10.95 27.11
N GLY C 245 14.05 -10.11 26.11
CA GLY C 245 14.28 -8.68 26.23
C GLY C 245 13.04 -7.92 26.66
N SER C 246 13.01 -6.64 26.29
CA SER C 246 11.86 -5.79 26.58
C SER C 246 11.27 -5.27 25.28
N LEU C 247 11.12 -6.15 24.31
CA LEU C 247 10.63 -5.79 22.98
C LEU C 247 9.24 -6.35 22.77
N LEU C 248 8.43 -5.61 22.01
CA LEU C 248 7.06 -6.00 21.68
C LEU C 248 6.87 -5.87 20.18
N ALA C 249 6.30 -6.90 19.56
CA ALA C 249 6.07 -6.93 18.13
C ALA C 249 4.59 -6.75 17.85
N ILE C 250 4.26 -5.81 16.96
CA ILE C 250 2.89 -5.49 16.61
C ILE C 250 2.70 -5.80 15.14
N ALA C 251 1.72 -6.65 14.83
CA ALA C 251 1.30 -6.90 13.45
C ALA C 251 -0.01 -6.16 13.24
N HIS C 252 0.00 -5.18 12.36
CA HIS C 252 -1.16 -4.34 12.10
C HIS C 252 -1.40 -4.25 10.60
N ASP C 253 -2.51 -3.63 10.24
CA ASP C 253 -2.94 -3.53 8.85
C ASP C 253 -2.70 -2.11 8.34
N SER C 254 -1.92 -2.00 7.28
CA SER C 254 -2.04 -0.85 6.39
C SER C 254 -2.95 -1.24 5.24
N ASN C 255 -3.79 -0.30 4.82
CA ASN C 255 -4.80 -0.64 3.82
C ASN C 255 -4.16 -1.28 2.58
N SER C 256 -4.54 -2.53 2.31
CA SER C 256 -4.04 -3.42 1.26
C SER C 256 -2.67 -4.01 1.59
N PHE C 257 -2.05 -3.69 2.73
CA PHE C 257 -0.72 -4.16 3.04
C PHE C 257 -0.68 -4.76 4.43
N GLY C 258 0.45 -5.41 4.73
CA GLY C 258 0.72 -5.94 6.07
C GLY C 258 2.03 -5.39 6.59
N CYS C 259 1.99 -4.93 7.84
CA CYS C 259 3.13 -4.27 8.46
C CYS C 259 3.44 -4.89 9.82
N ILE C 260 4.72 -4.86 10.19
CA ILE C 260 5.18 -5.25 11.51
C ILE C 260 6.00 -4.11 12.09
N THR C 261 5.67 -3.69 13.30
CA THR C 261 6.36 -2.60 13.99
C THR C 261 6.88 -3.09 15.33
N LEU C 262 8.09 -2.67 15.68
CA LEU C 262 8.73 -3.05 16.92
C LEU C 262 8.65 -1.90 17.92
N TYR C 263 8.26 -2.23 19.16
CA TYR C 263 8.19 -1.28 20.25
C TYR C 263 8.98 -1.81 21.43
N GLU C 264 9.58 -0.89 22.19
CA GLU C 264 10.25 -1.24 23.43
C GLU C 264 9.33 -0.91 24.61
N THR C 265 9.22 -1.84 25.54
CA THR C 265 8.28 -1.70 26.64
C THR C 265 8.89 -1.03 27.87
N GLU C 266 10.20 -0.81 27.88
CA GLU C 266 10.83 -0.12 29.01
C GLU C 266 10.60 1.38 28.96
N PHE C 267 10.58 1.98 27.77
CA PHE C 267 10.37 3.41 27.63
C PHE C 267 9.20 3.77 26.74
N GLY C 268 8.60 2.83 26.04
CA GLY C 268 7.49 3.13 25.15
C GLY C 268 7.91 3.93 23.94
N GLU C 269 8.72 3.31 23.08
CA GLU C 269 9.24 3.96 21.89
C GLU C 269 9.07 3.05 20.68
N ARG C 270 8.82 3.68 19.53
CA ARG C 270 8.70 2.97 18.26
C ARG C 270 10.09 2.78 17.67
N ILE C 271 10.56 1.54 17.62
CA ILE C 271 11.92 1.26 17.16
C ILE C 271 12.00 1.35 15.64
N GLY C 272 11.09 0.69 14.96
CA GLY C 272 11.12 0.68 13.51
C GLY C 272 10.17 -0.36 12.95
N SER C 273 10.28 -0.57 11.65
CA SER C 273 9.42 -1.48 10.90
C SER C 273 10.25 -2.49 10.12
N LEU C 274 9.65 -3.63 9.85
CA LEU C 274 10.26 -4.68 9.05
C LEU C 274 9.74 -4.58 7.62
N SER C 275 10.67 -4.57 6.66
CA SER C 275 10.31 -4.42 5.26
C SER C 275 11.27 -5.20 4.39
N VAL C 276 10.79 -5.57 3.20
CA VAL C 276 11.60 -6.29 2.21
C VAL C 276 11.90 -5.36 1.05
N PRO C 277 13.07 -5.47 0.39
CA PRO C 277 13.38 -4.65 -0.78
C PRO C 277 12.58 -5.04 -2.01
N GLY C 286 7.12 2.08 0.22
CA GLY C 286 6.87 2.07 1.64
C GLY C 286 7.46 0.86 2.35
N GLU C 287 7.46 0.90 3.68
CA GLU C 287 8.02 -0.18 4.49
C GLU C 287 6.91 -1.17 4.81
N PHE C 288 6.85 -2.25 4.03
CA PHE C 288 5.85 -3.29 4.21
C PHE C 288 6.53 -4.64 4.32
N ALA C 289 6.06 -5.46 5.26
CA ALA C 289 6.62 -6.79 5.47
C ALA C 289 6.01 -7.84 4.54
N HIS C 290 4.71 -7.74 4.29
CA HIS C 290 4.01 -8.68 3.42
C HIS C 290 3.16 -7.90 2.43
N SER C 291 2.95 -8.51 1.25
CA SER C 291 2.09 -7.88 0.25
C SER C 291 0.66 -7.79 0.75
N SER C 292 0.15 -8.84 1.38
CA SER C 292 -1.16 -8.86 1.98
C SER C 292 -1.02 -8.72 3.50
N TRP C 293 -2.14 -8.89 4.21
CA TRP C 293 -2.15 -8.67 5.65
C TRP C 293 -1.38 -9.75 6.39
N VAL C 294 -0.72 -9.36 7.47
CA VAL C 294 0.03 -10.29 8.32
C VAL C 294 -0.92 -10.87 9.34
N MET C 295 -0.94 -12.20 9.44
CA MET C 295 -1.90 -12.91 10.27
C MET C 295 -1.39 -13.24 11.66
N SER C 296 -0.13 -13.67 11.79
CA SER C 296 0.36 -14.15 13.07
C SER C 296 1.85 -13.89 13.19
N LEU C 297 2.33 -13.93 14.43
CA LEU C 297 3.74 -13.75 14.75
C LEU C 297 4.17 -14.81 15.75
N SER C 298 5.48 -15.08 15.77
CA SER C 298 6.00 -16.09 16.69
C SER C 298 7.49 -15.85 16.90
N PHE C 299 7.92 -15.86 18.16
CA PHE C 299 9.33 -15.79 18.54
C PHE C 299 9.85 -17.20 18.81
N ASN C 300 11.14 -17.39 18.60
CA ASN C 300 11.77 -18.67 18.92
C ASN C 300 12.16 -18.68 20.38
N ASP C 301 12.84 -19.74 20.82
CA ASP C 301 13.19 -19.87 22.24
C ASP C 301 14.15 -18.76 22.68
N SER C 302 15.16 -18.46 21.86
CA SER C 302 16.11 -17.43 22.21
C SER C 302 15.55 -16.02 22.06
N GLY C 303 14.53 -15.86 21.22
CA GLY C 303 14.01 -14.55 20.91
C GLY C 303 14.78 -13.80 19.84
N GLU C 304 15.74 -14.43 19.20
CA GLU C 304 16.57 -13.80 18.18
C GLU C 304 16.00 -13.92 16.77
N THR C 305 14.95 -14.70 16.59
CA THR C 305 14.32 -14.89 15.29
C THR C 305 12.81 -14.72 15.42
N LEU C 306 12.21 -14.00 14.48
CA LEU C 306 10.78 -13.77 14.45
C LEU C 306 10.23 -14.32 13.14
N CYS C 307 9.15 -15.08 13.23
CA CYS C 307 8.45 -15.62 12.06
C CYS C 307 7.09 -14.96 11.93
N SER C 308 6.74 -14.56 10.72
CA SER C 308 5.46 -13.93 10.43
C SER C 308 4.73 -14.72 9.36
N ALA C 309 3.41 -14.88 9.56
CA ALA C 309 2.54 -15.51 8.58
C ALA C 309 1.73 -14.43 7.86
N GLY C 310 1.64 -14.55 6.54
CA GLY C 310 0.99 -13.55 5.74
C GLY C 310 -0.15 -14.14 4.91
N TRP C 311 -1.12 -13.28 4.57
CA TRP C 311 -2.21 -13.68 3.69
C TRP C 311 -1.74 -13.90 2.26
N ASP C 312 -0.52 -13.50 1.93
CA ASP C 312 0.05 -13.73 0.60
C ASP C 312 0.63 -15.11 0.43
N GLY C 313 0.57 -15.96 1.46
CA GLY C 313 1.01 -17.34 1.33
C GLY C 313 2.49 -17.57 1.54
N LYS C 314 3.14 -16.78 2.40
CA LYS C 314 4.56 -16.91 2.64
C LYS C 314 4.85 -16.87 4.14
N LEU C 315 5.87 -17.61 4.54
CA LEU C 315 6.47 -17.49 5.86
C LEU C 315 7.81 -16.77 5.72
N ARG C 316 7.97 -15.68 6.44
CA ARG C 316 9.20 -14.90 6.40
C ARG C 316 9.85 -14.90 7.76
N PHE C 317 11.17 -15.07 7.78
CA PHE C 317 11.97 -15.11 8.99
C PHE C 317 12.86 -13.87 9.03
N TRP C 318 12.82 -13.16 10.14
CA TRP C 318 13.52 -11.89 10.30
C TRP C 318 14.56 -12.00 11.41
N ASP C 319 15.67 -11.29 11.23
CA ASP C 319 16.65 -11.14 12.30
C ASP C 319 16.26 -9.93 13.14
N VAL C 320 15.96 -10.16 14.41
CA VAL C 320 15.46 -9.09 15.27
C VAL C 320 16.53 -8.06 15.53
N LYS C 321 17.78 -8.50 15.70
CA LYS C 321 18.87 -7.57 16.02
C LYS C 321 19.12 -6.59 14.87
N THR C 322 19.19 -7.08 13.64
CA THR C 322 19.51 -6.26 12.49
C THR C 322 18.30 -5.82 11.69
N LYS C 323 17.09 -6.27 12.08
CA LYS C 323 15.85 -5.89 11.39
C LYS C 323 15.89 -6.26 9.91
N GLU C 324 16.55 -7.36 9.57
CA GLU C 324 16.72 -7.79 8.20
C GLU C 324 16.13 -9.18 8.00
N ARG C 325 15.59 -9.41 6.81
CA ARG C 325 15.02 -10.72 6.50
C ARG C 325 16.12 -11.76 6.31
N ILE C 326 15.88 -12.95 6.83
CA ILE C 326 16.84 -14.06 6.70
C ILE C 326 16.48 -14.97 5.55
N THR C 327 15.24 -15.47 5.52
CA THR C 327 14.82 -16.42 4.51
C THR C 327 13.30 -16.39 4.39
N THR C 328 12.79 -17.01 3.33
CA THR C 328 11.37 -17.05 3.04
C THR C 328 10.96 -18.46 2.63
N LEU C 329 9.80 -18.89 3.10
CA LEU C 329 9.22 -20.18 2.72
C LEU C 329 7.91 -19.93 1.98
N ASN C 330 7.78 -20.54 0.81
CA ASN C 330 6.58 -20.42 -0.02
C ASN C 330 5.73 -21.67 0.14
N MET C 331 4.42 -21.46 0.32
CA MET C 331 3.49 -22.55 0.51
C MET C 331 2.79 -22.89 -0.81
N HIS C 332 2.76 -24.18 -1.14
CA HIS C 332 2.08 -24.67 -2.32
C HIS C 332 1.15 -25.81 -1.92
N CYS C 333 0.02 -25.91 -2.62
CA CYS C 333 -0.93 -26.97 -2.33
C CYS C 333 -0.40 -28.36 -2.72
N ASP C 334 0.62 -28.42 -3.57
CA ASP C 334 1.17 -29.68 -4.02
C ASP C 334 2.24 -30.23 -3.09
N ASP C 335 2.56 -29.52 -2.00
CA ASP C 335 3.59 -29.95 -1.07
C ASP C 335 3.13 -31.08 -0.16
N ILE C 336 1.85 -31.42 -0.17
CA ILE C 336 1.32 -32.46 0.71
C ILE C 336 1.81 -33.84 0.28
N ILE C 338 1.13 -37.31 0.53
CA ILE C 338 0.00 -38.10 0.07
C ILE C 338 -0.78 -37.31 -0.98
N GLU C 339 -0.88 -37.86 -2.19
CA GLU C 339 -1.55 -37.16 -3.28
C GLU C 339 -3.06 -37.18 -3.15
N GLU C 340 -3.61 -38.02 -2.27
CA GLU C 340 -5.05 -38.08 -2.07
C GLU C 340 -5.55 -37.03 -1.09
N ASP C 341 -4.65 -36.26 -0.47
CA ASP C 341 -5.01 -35.23 0.50
C ASP C 341 -4.69 -33.83 -0.01
N ILE C 342 -4.73 -33.64 -1.32
CA ILE C 342 -4.42 -32.34 -1.94
C ILE C 342 -5.72 -31.63 -2.25
N LEU C 343 -5.86 -30.41 -1.75
CA LEU C 343 -7.03 -29.56 -1.99
C LEU C 343 -6.55 -28.35 -2.78
N ALA C 344 -6.64 -28.44 -4.11
CA ALA C 344 -6.21 -27.36 -4.98
C ALA C 344 -7.34 -26.39 -5.33
N VAL C 345 -8.58 -26.75 -5.02
CA VAL C 345 -9.75 -25.93 -5.33
C VAL C 345 -10.71 -26.01 -4.15
N ASP C 346 -11.25 -24.87 -3.73
CA ASP C 346 -12.18 -24.82 -2.62
C ASP C 346 -13.60 -25.14 -3.10
N GLU C 347 -14.59 -24.88 -2.26
CA GLU C 347 -15.96 -25.26 -2.57
C GLU C 347 -16.59 -24.38 -3.65
N HIS C 348 -16.02 -23.20 -3.92
CA HIS C 348 -16.56 -22.31 -4.92
C HIS C 348 -15.84 -22.38 -6.26
N GLY C 349 -14.64 -22.96 -6.29
CA GLY C 349 -13.86 -23.04 -7.50
C GLY C 349 -12.61 -22.18 -7.51
N ASP C 350 -12.37 -21.41 -6.46
CA ASP C 350 -11.18 -20.58 -6.40
C ASP C 350 -9.92 -21.43 -6.28
N SER C 351 -8.84 -20.95 -6.87
CA SER C 351 -7.59 -21.69 -6.88
C SER C 351 -6.86 -21.55 -5.55
N LEU C 352 -6.35 -22.66 -5.03
CA LEU C 352 -5.56 -22.70 -3.82
C LEU C 352 -4.10 -23.03 -4.12
N ALA C 353 -3.58 -22.51 -5.22
CA ALA C 353 -2.21 -22.80 -5.63
C ALA C 353 -1.21 -22.29 -4.59
N GLU C 354 -1.44 -21.09 -4.06
CA GLU C 354 -0.60 -20.50 -3.03
C GLU C 354 -1.48 -20.09 -1.87
N PRO C 355 -1.88 -21.04 -1.02
CA PRO C 355 -2.80 -20.73 0.06
C PRO C 355 -2.17 -19.83 1.11
N GLY C 356 -3.01 -19.00 1.74
CA GLY C 356 -2.54 -18.16 2.82
C GLY C 356 -2.38 -18.94 4.11
N VAL C 357 -1.61 -18.36 5.03
CA VAL C 357 -1.27 -18.99 6.30
C VAL C 357 -2.04 -18.28 7.41
N PHE C 358 -2.76 -19.07 8.21
CA PHE C 358 -3.56 -18.53 9.30
C PHE C 358 -2.76 -18.32 10.58
N ASP C 359 -1.97 -19.32 10.97
CA ASP C 359 -1.25 -19.27 12.24
C ASP C 359 0.10 -19.97 12.08
N VAL C 360 1.02 -19.65 12.98
CA VAL C 360 2.36 -20.24 13.01
C VAL C 360 2.84 -20.27 14.45
N LYS C 361 3.65 -21.28 14.78
CA LYS C 361 4.13 -21.44 16.14
C LYS C 361 5.47 -22.15 16.14
N PHE C 362 6.41 -21.66 16.96
CA PHE C 362 7.68 -22.31 17.19
C PHE C 362 7.57 -23.38 18.26
N LEU C 363 8.27 -24.49 18.05
CA LEU C 363 8.30 -25.59 19.01
C LEU C 363 9.70 -25.71 19.58
N LYS C 364 9.78 -26.00 20.88
CA LYS C 364 11.06 -26.08 21.56
C LYS C 364 11.83 -27.32 21.09
N LYS C 365 13.13 -27.33 21.43
CA LYS C 365 13.97 -28.47 21.09
C LYS C 365 13.62 -29.68 21.95
N GLY C 366 13.55 -30.84 21.32
CA GLY C 366 13.17 -32.06 22.01
C GLY C 366 11.68 -32.33 22.06
N TRP C 367 10.85 -31.42 21.54
CA TRP C 367 9.41 -31.65 21.52
C TRP C 367 9.01 -32.58 20.39
N ARG C 368 9.25 -32.16 19.15
CA ARG C 368 8.95 -32.95 17.96
C ARG C 368 10.21 -33.76 17.64
N SER C 369 10.27 -34.98 18.15
CA SER C 369 11.44 -35.84 17.96
C SER C 369 11.29 -36.74 16.74
N LEU C 375 19.41 -32.31 18.31
CA LEU C 375 18.12 -31.64 18.46
C LEU C 375 18.22 -30.18 18.03
N ASN C 376 17.11 -29.64 17.55
CA ASN C 376 17.05 -28.26 17.08
C ASN C 376 15.60 -27.79 17.11
N GLU C 377 15.40 -26.51 16.77
CA GLU C 377 14.08 -25.92 16.82
C GLU C 377 13.17 -26.50 15.73
N SER C 378 11.88 -26.47 15.99
CA SER C 378 10.86 -26.93 15.05
C SER C 378 9.84 -25.82 14.84
N LEU C 379 8.89 -26.07 13.95
CA LEU C 379 7.90 -25.06 13.60
C LEU C 379 6.67 -25.73 13.01
N CYS C 380 5.51 -25.13 13.26
CA CYS C 380 4.23 -25.61 12.74
C CYS C 380 3.41 -24.43 12.24
N CYS C 381 2.63 -24.69 11.19
CA CYS C 381 1.73 -23.69 10.64
C CYS C 381 0.51 -24.36 10.05
N VAL C 382 -0.60 -23.63 10.01
CA VAL C 382 -1.84 -24.08 9.38
C VAL C 382 -2.18 -23.10 8.27
N CYS C 383 -2.58 -23.63 7.12
CA CYS C 383 -2.77 -22.84 5.91
C CYS C 383 -4.23 -22.86 5.48
N LEU C 384 -4.50 -22.20 4.35
CA LEU C 384 -5.86 -22.02 3.85
C LEU C 384 -6.39 -23.25 3.11
N ASP C 385 -5.53 -24.20 2.75
CA ASP C 385 -5.97 -25.43 2.10
C ASP C 385 -6.31 -26.53 3.09
N ARG C 386 -6.66 -26.18 4.34
CA ARG C 386 -7.00 -27.13 5.38
C ARG C 386 -5.88 -28.15 5.61
N SER C 387 -4.65 -27.66 5.64
CA SER C 387 -3.48 -28.51 5.83
C SER C 387 -2.65 -27.99 7.00
N ILE C 388 -2.04 -28.91 7.73
CA ILE C 388 -1.15 -28.59 8.84
C ILE C 388 0.23 -29.13 8.50
N ARG C 389 1.24 -28.27 8.59
CA ARG C 389 2.57 -28.58 8.10
C ARG C 389 3.60 -28.34 9.20
N TRP C 390 4.59 -29.23 9.27
CA TRP C 390 5.65 -29.16 10.26
C TRP C 390 6.99 -28.99 9.54
N PHE C 391 7.84 -28.13 10.10
CA PHE C 391 9.18 -27.87 9.57
C PHE C 391 10.18 -27.91 10.71
N ARG C 392 11.44 -28.18 10.36
CA ARG C 392 12.52 -28.15 11.33
C ARG C 392 13.71 -27.42 10.72
N GLU C 393 14.52 -26.82 11.59
CA GLU C 393 15.69 -26.07 11.15
C GLU C 393 16.86 -27.00 10.89
N ALA C 394 17.53 -26.79 9.77
CA ALA C 394 18.69 -27.59 9.38
C ALA C 394 19.95 -27.01 10.00
N GLY C 395 20.74 -27.88 10.63
CA GLY C 395 21.97 -27.45 11.28
C GLY C 395 21.93 -27.56 12.78
N LYS D 3 -10.66 -1.84 -54.29
CA LYS D 3 -10.31 -0.81 -53.31
C LYS D 3 -11.56 -0.14 -52.76
N VAL D 4 -12.48 0.20 -53.65
CA VAL D 4 -13.72 0.86 -53.24
C VAL D 4 -14.69 -0.17 -52.67
N PHE D 5 -15.35 0.20 -51.58
CA PHE D 5 -16.33 -0.66 -50.91
C PHE D 5 -17.71 -0.03 -51.00
N ILE D 6 -18.70 -0.86 -51.29
CA ILE D 6 -20.08 -0.42 -51.49
C ILE D 6 -20.99 -1.16 -50.53
N ALA D 7 -21.88 -0.42 -49.88
CA ALA D 7 -22.84 -1.04 -48.96
C ALA D 7 -23.82 -1.93 -49.72
N THR D 8 -24.21 -3.03 -49.08
CA THR D 8 -25.13 -3.98 -49.69
C THR D 8 -26.43 -4.13 -48.91
N ALA D 9 -26.36 -4.30 -47.60
CA ALA D 9 -27.56 -4.47 -46.77
C ALA D 9 -27.35 -3.76 -45.45
N ASN D 10 -28.47 -3.44 -44.79
CA ASN D 10 -28.44 -2.64 -43.56
C ASN D 10 -29.68 -2.97 -42.75
N ALA D 11 -29.47 -3.42 -41.52
CA ALA D 11 -30.57 -3.68 -40.58
C ALA D 11 -30.39 -2.77 -39.36
N GLY D 12 -31.33 -1.85 -39.17
CA GLY D 12 -31.27 -0.90 -38.09
C GLY D 12 -32.11 -1.34 -36.90
N LYS D 13 -31.65 -0.95 -35.71
CA LYS D 13 -32.30 -1.35 -34.45
C LYS D 13 -32.45 -2.87 -34.38
N ALA D 14 -31.36 -3.58 -34.65
CA ALA D 14 -31.39 -5.04 -34.68
C ALA D 14 -31.47 -5.64 -33.28
N HIS D 15 -30.88 -5.01 -32.28
CA HIS D 15 -30.88 -5.50 -30.91
C HIS D 15 -31.39 -4.40 -29.99
N ASP D 16 -31.68 -4.79 -28.75
CA ASP D 16 -32.21 -3.88 -27.74
C ASP D 16 -31.14 -3.38 -26.78
N ALA D 17 -29.86 -3.66 -27.05
CA ALA D 17 -28.76 -3.22 -26.20
C ALA D 17 -27.52 -3.12 -27.07
N ASP D 18 -26.36 -3.00 -26.43
CA ASP D 18 -25.11 -2.91 -27.16
C ASP D 18 -24.81 -4.22 -27.87
N ILE D 19 -24.37 -4.13 -29.11
CA ILE D 19 -23.93 -5.29 -29.88
C ILE D 19 -22.42 -5.37 -29.77
N PHE D 20 -21.93 -6.35 -28.99
CA PHE D 20 -20.52 -6.40 -28.63
C PHE D 20 -19.67 -7.17 -29.62
N SER D 21 -20.20 -8.24 -30.23
CA SER D 21 -19.39 -9.09 -31.08
C SER D 21 -20.22 -9.59 -32.24
N VAL D 22 -19.53 -9.99 -33.31
CA VAL D 22 -20.15 -10.59 -34.49
C VAL D 22 -19.21 -11.66 -35.04
N SER D 23 -19.81 -12.67 -35.64
CA SER D 23 -19.05 -13.76 -36.26
C SER D 23 -19.85 -14.30 -37.43
N ALA D 24 -19.17 -14.99 -38.34
CA ALA D 24 -19.82 -15.44 -39.56
C ALA D 24 -19.25 -16.78 -39.99
N CYS D 25 -19.99 -17.45 -40.86
CA CYS D 25 -19.57 -18.69 -41.49
C CYS D 25 -20.14 -18.72 -42.90
N ASN D 26 -19.98 -19.85 -43.59
CA ASN D 26 -20.45 -19.95 -44.96
C ASN D 26 -21.98 -19.92 -45.06
N SER D 27 -22.69 -20.22 -43.97
CA SER D 27 -24.14 -20.31 -44.00
C SER D 27 -24.84 -19.07 -43.42
N PHE D 28 -24.32 -18.48 -42.35
CA PHE D 28 -25.01 -17.37 -41.72
C PHE D 28 -24.02 -16.51 -40.95
N THR D 29 -24.48 -15.32 -40.57
CA THR D 29 -23.77 -14.40 -39.70
C THR D 29 -24.46 -14.37 -38.35
N VAL D 30 -23.70 -14.53 -37.27
CA VAL D 30 -24.26 -14.62 -35.93
C VAL D 30 -23.80 -13.41 -35.11
N SER D 31 -24.71 -12.85 -34.34
CA SER D 31 -24.45 -11.66 -33.54
C SER D 31 -24.93 -11.88 -32.11
N CYS D 32 -24.26 -11.27 -31.15
CA CYS D 32 -24.61 -11.35 -29.74
C CYS D 32 -24.73 -9.94 -29.18
N SER D 33 -25.62 -9.77 -28.21
CA SER D 33 -25.93 -8.45 -27.66
C SER D 33 -25.95 -8.53 -26.13
N GLY D 34 -26.08 -7.36 -25.51
CA GLY D 34 -26.15 -7.24 -24.08
C GLY D 34 -27.50 -7.54 -23.48
N ASP D 35 -28.50 -7.82 -24.31
CA ASP D 35 -29.81 -8.25 -23.84
C ASP D 35 -29.90 -9.76 -23.66
N GLY D 36 -28.81 -10.48 -23.86
CA GLY D 36 -28.78 -11.92 -23.67
C GLY D 36 -29.32 -12.73 -24.82
N TYR D 37 -29.32 -12.20 -26.04
CA TYR D 37 -29.90 -12.85 -27.19
C TYR D 37 -28.83 -13.21 -28.21
N LEU D 38 -29.02 -14.32 -28.90
CA LEU D 38 -28.25 -14.69 -30.08
C LEU D 38 -29.15 -14.54 -31.30
N LYS D 39 -28.63 -13.89 -32.34
CA LYS D 39 -29.38 -13.73 -33.57
C LYS D 39 -28.58 -14.27 -34.74
N VAL D 40 -29.26 -14.96 -35.64
CA VAL D 40 -28.66 -15.60 -36.80
C VAL D 40 -29.23 -14.94 -38.05
N TRP D 41 -28.34 -14.42 -38.90
CA TRP D 41 -28.73 -13.77 -40.14
C TRP D 41 -28.31 -14.65 -41.31
N ASP D 42 -29.29 -15.11 -42.08
CA ASP D 42 -29.00 -15.98 -43.21
C ASP D 42 -28.25 -15.21 -44.29
N ASN D 43 -27.10 -15.73 -44.70
CA ASN D 43 -26.28 -15.04 -45.68
C ASN D 43 -26.85 -15.14 -47.09
N LYS D 44 -27.53 -16.24 -47.40
CA LYS D 44 -28.08 -16.45 -48.74
C LYS D 44 -29.32 -15.57 -48.93
N LEU D 45 -29.07 -14.27 -48.97
CA LEU D 45 -30.13 -13.29 -49.13
C LEU D 45 -30.42 -13.07 -50.62
N LEU D 46 -31.61 -12.54 -50.89
CA LEU D 46 -32.01 -12.25 -52.26
C LEU D 46 -31.31 -10.97 -52.74
N ASP D 47 -31.66 -10.56 -53.96
CA ASP D 47 -31.04 -9.37 -54.55
C ASP D 47 -31.37 -8.12 -53.75
N ASN D 48 -32.61 -7.98 -53.30
CA ASN D 48 -33.04 -6.82 -52.51
C ASN D 48 -34.12 -7.29 -51.54
N GLU D 49 -33.71 -7.58 -50.30
CA GLU D 49 -34.65 -8.03 -49.28
C GLU D 49 -34.18 -7.52 -47.92
N ASN D 50 -35.14 -7.17 -47.07
CA ASN D 50 -34.82 -6.69 -45.73
C ASN D 50 -34.20 -7.82 -44.93
N PRO D 51 -33.00 -7.63 -44.37
CA PRO D 51 -32.33 -8.74 -43.67
C PRO D 51 -33.11 -9.29 -42.48
N LYS D 52 -33.94 -8.48 -41.83
CA LYS D 52 -34.69 -8.98 -40.68
C LYS D 52 -35.70 -10.05 -41.06
N ASP D 53 -36.04 -10.17 -42.35
CA ASP D 53 -36.90 -11.27 -42.77
C ASP D 53 -36.24 -12.61 -42.50
N LYS D 54 -34.94 -12.74 -42.83
CA LYS D 54 -34.17 -13.93 -42.56
C LYS D 54 -33.34 -13.71 -41.31
N SER D 55 -34.00 -13.75 -40.15
CA SER D 55 -33.35 -13.54 -38.87
C SER D 55 -34.05 -14.38 -37.80
N TYR D 56 -33.28 -14.90 -36.86
CA TYR D 56 -33.79 -15.80 -35.84
C TYR D 56 -33.11 -15.50 -34.52
N SER D 57 -33.90 -15.31 -33.46
CA SER D 57 -33.41 -14.89 -32.16
C SER D 57 -33.65 -15.97 -31.12
N HIS D 58 -32.86 -15.91 -30.04
CA HIS D 58 -32.95 -16.88 -28.95
C HIS D 58 -32.34 -16.29 -27.69
N PHE D 59 -33.12 -16.26 -26.62
CA PHE D 59 -32.63 -15.77 -25.34
C PHE D 59 -31.69 -16.80 -24.72
N VAL D 60 -30.52 -16.34 -24.28
CA VAL D 60 -29.47 -17.22 -23.76
C VAL D 60 -29.28 -17.04 -22.27
N HIS D 61 -28.92 -15.82 -21.83
CA HIS D 61 -28.65 -15.57 -20.43
C HIS D 61 -29.19 -14.20 -20.04
N LYS D 62 -29.48 -14.04 -18.75
CA LYS D 62 -30.04 -12.79 -18.25
C LYS D 62 -28.99 -11.68 -18.18
N SER D 63 -27.72 -12.02 -17.93
CA SER D 63 -26.68 -11.02 -17.78
C SER D 63 -26.17 -10.47 -19.10
N GLY D 64 -26.52 -11.08 -20.23
CA GLY D 64 -26.08 -10.62 -21.52
C GLY D 64 -24.90 -11.42 -22.05
N LEU D 65 -24.54 -11.12 -23.29
CA LEU D 65 -23.46 -11.80 -23.99
C LEU D 65 -22.54 -10.77 -24.63
N HIS D 66 -21.25 -11.10 -24.69
CA HIS D 66 -20.27 -10.20 -25.30
C HIS D 66 -19.30 -10.86 -26.27
N HIS D 67 -19.13 -12.19 -26.23
CA HIS D 67 -18.27 -12.89 -27.16
C HIS D 67 -19.04 -14.01 -27.83
N VAL D 68 -18.76 -14.23 -29.11
CA VAL D 68 -19.40 -15.29 -29.89
C VAL D 68 -18.46 -15.74 -30.99
N ASP D 69 -18.53 -17.03 -31.30
CA ASP D 69 -17.76 -17.61 -32.40
C ASP D 69 -18.48 -18.86 -32.89
N VAL D 70 -18.33 -19.16 -34.17
CA VAL D 70 -19.02 -20.26 -34.82
C VAL D 70 -18.01 -21.16 -35.50
N LEU D 71 -18.26 -22.48 -35.45
CA LEU D 71 -17.43 -23.48 -36.11
C LEU D 71 -18.30 -24.22 -37.12
N GLN D 72 -17.88 -24.25 -38.37
CA GLN D 72 -18.56 -25.00 -39.42
C GLN D 72 -17.56 -25.91 -40.12
N ALA D 73 -17.92 -27.18 -40.26
CA ALA D 73 -17.04 -28.16 -40.89
C ALA D 73 -17.87 -29.34 -41.36
N ILE D 74 -17.27 -30.13 -42.25
CA ILE D 74 -17.86 -31.38 -42.74
C ILE D 74 -17.01 -32.51 -42.19
N GLU D 75 -17.62 -33.37 -41.38
CA GLU D 75 -16.85 -34.40 -40.68
C GLU D 75 -16.59 -35.61 -41.57
N ARG D 76 -17.64 -36.27 -42.03
CA ARG D 76 -17.48 -37.46 -42.86
C ARG D 76 -18.76 -37.75 -43.65
N PHE D 79 -21.70 -35.68 -43.08
CA PHE D 79 -22.07 -35.04 -41.84
C PHE D 79 -21.74 -33.55 -41.88
N GLU D 80 -22.68 -32.72 -41.44
CA GLU D 80 -22.51 -31.28 -41.41
C GLU D 80 -22.56 -30.80 -39.97
N LEU D 81 -21.49 -30.15 -39.52
CA LEU D 81 -21.38 -29.66 -38.15
C LEU D 81 -21.40 -28.14 -38.13
N CYS D 82 -22.24 -27.57 -37.28
CA CYS D 82 -22.30 -26.13 -37.07
C CYS D 82 -22.53 -25.90 -35.59
N LEU D 83 -21.55 -25.31 -34.91
CA LEU D 83 -21.57 -25.17 -33.46
C LEU D 83 -21.21 -23.75 -33.08
N VAL D 84 -21.94 -23.17 -32.13
CA VAL D 84 -21.73 -21.80 -31.69
C VAL D 84 -21.35 -21.82 -30.21
N ALA D 85 -20.27 -21.11 -29.87
CA ALA D 85 -19.83 -20.94 -28.50
C ALA D 85 -19.93 -19.46 -28.13
N THR D 86 -20.50 -19.17 -26.96
CA THR D 86 -20.70 -17.81 -26.52
C THR D 86 -20.30 -17.69 -25.05
N THR D 87 -20.02 -16.46 -24.64
CA THR D 87 -19.63 -16.15 -23.27
C THR D 87 -20.59 -15.11 -22.69
N SER D 88 -20.99 -15.32 -21.44
CA SER D 88 -21.94 -14.45 -20.76
C SER D 88 -21.20 -13.53 -19.78
N PHE D 89 -21.88 -12.44 -19.42
CA PHE D 89 -21.31 -11.52 -18.42
C PHE D 89 -21.20 -12.15 -17.04
N SER D 90 -21.90 -13.25 -16.79
CA SER D 90 -21.74 -13.98 -15.53
C SER D 90 -20.54 -14.91 -15.54
N GLY D 91 -19.93 -15.14 -16.69
CA GLY D 91 -18.76 -15.99 -16.79
C GLY D 91 -19.03 -17.40 -17.29
N ASP D 92 -20.13 -17.62 -17.99
CA ASP D 92 -20.53 -18.96 -18.41
C ASP D 92 -20.14 -19.19 -19.86
N LEU D 93 -19.54 -20.34 -20.13
CA LEU D 93 -19.18 -20.77 -21.48
C LEU D 93 -20.29 -21.69 -21.98
N LEU D 94 -21.04 -21.23 -22.98
CA LEU D 94 -22.26 -21.90 -23.41
C LEU D 94 -22.13 -22.32 -24.87
N PHE D 95 -22.63 -23.52 -25.18
CA PHE D 95 -22.50 -24.12 -26.49
C PHE D 95 -23.88 -24.42 -27.05
N TYR D 96 -24.09 -24.11 -28.34
CA TYR D 96 -25.34 -24.37 -29.01
C TYR D 96 -25.08 -24.95 -30.39
N ARG D 97 -25.92 -25.89 -30.80
CA ARG D 97 -25.80 -26.54 -32.09
C ARG D 97 -26.87 -25.99 -33.02
N ILE D 98 -26.46 -25.65 -34.25
CA ILE D 98 -27.33 -24.96 -35.19
C ILE D 98 -27.75 -25.94 -36.28
N THR D 99 -29.05 -26.11 -36.45
CA THR D 99 -29.61 -26.99 -37.46
C THR D 99 -30.73 -26.26 -38.20
N ARG D 100 -31.04 -26.75 -39.40
CA ARG D 100 -32.05 -26.16 -40.27
C ARG D 100 -33.22 -27.13 -40.40
N GLU D 101 -34.44 -26.62 -40.23
CA GLU D 101 -35.62 -27.43 -40.46
C GLU D 101 -35.74 -27.77 -41.94
N ASP D 102 -36.12 -29.02 -42.23
CA ASP D 102 -36.20 -29.47 -43.61
C ASP D 102 -37.35 -28.80 -44.35
N GLU D 103 -38.54 -28.79 -43.74
CA GLU D 103 -39.73 -28.36 -44.47
C GLU D 103 -39.77 -26.84 -44.62
N THR D 104 -39.57 -26.11 -43.52
CA THR D 104 -39.78 -24.67 -43.50
C THR D 104 -38.50 -23.86 -43.36
N LYS D 105 -37.33 -24.49 -43.38
CA LYS D 105 -36.03 -23.82 -43.25
C LYS D 105 -35.90 -23.06 -41.94
N LYS D 106 -36.74 -23.38 -40.95
CA LYS D 106 -36.64 -22.75 -39.64
C LYS D 106 -35.37 -23.22 -38.94
N VAL D 107 -34.77 -22.32 -38.18
CA VAL D 107 -33.48 -22.59 -37.54
C VAL D 107 -33.74 -23.10 -36.13
N ILE D 108 -33.12 -24.24 -35.78
CA ILE D 108 -33.32 -24.90 -34.50
C ILE D 108 -32.03 -24.79 -33.69
N PHE D 109 -32.17 -24.36 -32.44
CA PHE D 109 -31.04 -24.25 -31.52
C PHE D 109 -31.11 -25.38 -30.49
N GLU D 110 -29.98 -26.04 -30.26
CA GLU D 110 -29.89 -27.15 -29.32
C GLU D 110 -28.72 -26.90 -28.39
N LYS D 111 -29.00 -26.78 -27.10
CA LYS D 111 -27.94 -26.54 -26.11
C LYS D 111 -27.19 -27.83 -25.81
N LEU D 112 -25.87 -27.72 -25.65
CA LEU D 112 -25.01 -28.86 -25.37
C LEU D 112 -24.35 -28.68 -24.01
N ASP D 113 -24.20 -29.79 -23.29
CA ASP D 113 -23.53 -29.80 -22.00
C ASP D 113 -22.18 -30.51 -22.18
N LEU D 114 -21.13 -29.72 -22.37
CA LEU D 114 -19.80 -30.24 -22.65
C LEU D 114 -18.84 -30.10 -21.47
N LEU D 115 -19.19 -29.31 -20.45
CA LEU D 115 -18.33 -29.07 -19.31
C LEU D 115 -18.88 -29.78 -18.08
N ASP D 116 -18.00 -30.42 -17.32
CA ASP D 116 -18.41 -31.07 -16.09
C ASP D 116 -18.63 -30.03 -14.98
N SER D 117 -19.08 -30.51 -13.82
CA SER D 117 -19.40 -29.60 -12.72
C SER D 117 -18.17 -28.86 -12.21
N ASP D 118 -16.98 -29.45 -12.39
CA ASP D 118 -15.77 -28.77 -11.96
C ASP D 118 -15.40 -27.62 -12.91
N MET D 119 -15.58 -27.83 -14.21
CA MET D 119 -15.21 -26.82 -15.19
C MET D 119 -16.23 -25.70 -15.29
N LYS D 120 -17.47 -25.93 -14.85
CA LYS D 120 -18.51 -24.91 -14.90
C LYS D 120 -18.40 -23.89 -13.78
N LYS D 121 -17.34 -23.95 -12.97
CA LYS D 121 -17.15 -23.03 -11.87
C LYS D 121 -16.04 -22.02 -12.14
N HIS D 122 -15.70 -21.81 -13.41
CA HIS D 122 -14.74 -20.82 -13.83
C HIS D 122 -15.46 -19.63 -14.48
N SER D 123 -14.76 -18.50 -14.54
CA SER D 123 -15.28 -17.28 -15.15
C SER D 123 -14.53 -17.04 -16.45
N PHE D 124 -15.17 -17.34 -17.57
CA PHE D 124 -14.56 -17.22 -18.89
C PHE D 124 -14.90 -15.87 -19.51
N TRP D 125 -13.94 -15.30 -20.23
CA TRP D 125 -14.15 -14.02 -20.92
C TRP D 125 -14.09 -14.15 -22.43
N ALA D 126 -13.00 -14.69 -22.98
CA ALA D 126 -12.80 -14.76 -24.41
C ALA D 126 -12.72 -16.21 -24.88
N LEU D 127 -12.93 -16.41 -26.17
CA LEU D 127 -12.93 -17.75 -26.75
C LEU D 127 -12.58 -17.65 -28.22
N LYS D 128 -12.20 -18.78 -28.80
CA LYS D 128 -11.83 -18.83 -30.22
C LYS D 128 -11.82 -20.27 -30.69
N TRP D 129 -12.48 -20.53 -31.82
CA TRP D 129 -12.48 -21.86 -32.41
C TRP D 129 -11.24 -22.07 -33.26
N GLY D 130 -10.66 -23.27 -33.17
CA GLY D 130 -9.55 -23.64 -34.01
C GLY D 130 -9.92 -24.73 -35.00
N ALA D 131 -10.00 -24.37 -36.27
CA ALA D 131 -10.40 -25.33 -37.30
C ALA D 131 -9.32 -26.38 -37.53
N SER D 132 -9.75 -27.54 -38.04
CA SER D 132 -8.84 -28.64 -38.31
C SER D 132 -8.22 -28.46 -39.69
N ASN D 133 -6.94 -28.07 -39.72
CA ASN D 133 -6.19 -27.89 -40.94
C ASN D 133 -5.42 -29.16 -41.26
N ASP D 134 -4.49 -29.09 -42.22
CA ASP D 134 -3.64 -30.22 -42.50
C ASP D 134 -2.73 -30.55 -41.33
N ARG D 135 -2.31 -29.54 -40.56
CA ARG D 135 -1.42 -29.78 -39.44
C ARG D 135 -2.17 -30.35 -38.23
N LEU D 136 -3.42 -29.94 -38.03
CA LEU D 136 -4.19 -30.33 -36.86
C LEU D 136 -5.21 -31.39 -37.23
N LEU D 137 -5.18 -32.52 -36.52
CA LEU D 137 -6.10 -33.61 -36.83
C LEU D 137 -7.52 -33.32 -36.33
N SER D 138 -7.64 -32.74 -35.14
CA SER D 138 -8.94 -32.52 -34.52
C SER D 138 -9.15 -31.04 -34.24
N HIS D 139 -10.43 -30.64 -34.17
CA HIS D 139 -10.76 -29.26 -33.83
C HIS D 139 -10.35 -28.96 -32.40
N ARG D 140 -9.98 -27.70 -32.16
CA ARG D 140 -9.55 -27.25 -30.84
C ARG D 140 -10.28 -25.97 -30.47
N LEU D 141 -10.43 -25.76 -29.16
CA LEU D 141 -11.06 -24.57 -28.63
C LEU D 141 -10.19 -23.99 -27.53
N VAL D 142 -9.94 -22.69 -27.60
CA VAL D 142 -9.13 -21.98 -26.62
C VAL D 142 -9.98 -20.90 -25.97
N ALA D 143 -9.81 -20.72 -24.67
CA ALA D 143 -10.57 -19.72 -23.93
C ALA D 143 -9.69 -19.15 -22.83
N THR D 144 -10.01 -17.93 -22.43
CA THR D 144 -9.30 -17.23 -21.36
C THR D 144 -10.26 -16.93 -20.22
N ASP D 145 -9.71 -16.81 -19.02
CA ASP D 145 -10.49 -16.49 -17.84
C ASP D 145 -10.04 -15.15 -17.24
N VAL D 146 -10.80 -14.69 -16.25
CA VAL D 146 -10.54 -13.39 -15.64
C VAL D 146 -9.29 -13.37 -14.78
N LYS D 147 -8.66 -14.52 -14.56
CA LYS D 147 -7.44 -14.61 -13.77
C LYS D 147 -6.20 -14.75 -14.65
N GLY D 148 -6.34 -14.71 -15.96
CA GLY D 148 -5.21 -14.77 -16.87
C GLY D 148 -4.86 -16.15 -17.39
N THR D 149 -5.60 -17.18 -17.03
CA THR D 149 -5.29 -18.54 -17.45
C THR D 149 -5.96 -18.85 -18.78
N THR D 150 -5.21 -19.53 -19.66
CA THR D 150 -5.71 -19.95 -20.96
C THR D 150 -5.93 -21.45 -20.95
N TYR D 151 -7.08 -21.89 -21.46
CA TYR D 151 -7.47 -23.29 -21.49
C TYR D 151 -7.53 -23.78 -22.92
N ILE D 152 -7.09 -25.00 -23.15
CA ILE D 152 -7.07 -25.62 -24.48
C ILE D 152 -7.85 -26.93 -24.40
N TRP D 153 -8.80 -27.10 -25.32
CA TRP D 153 -9.60 -28.31 -25.40
C TRP D 153 -9.44 -28.96 -26.77
N LYS D 154 -9.91 -30.20 -26.87
CA LYS D 154 -10.10 -30.88 -28.14
C LYS D 154 -11.56 -31.30 -28.27
N PHE D 155 -12.14 -31.07 -29.43
CA PHE D 155 -13.54 -31.36 -29.67
C PHE D 155 -13.66 -32.64 -30.49
N HIS D 156 -14.41 -33.60 -29.98
CA HIS D 156 -14.65 -34.87 -30.67
C HIS D 156 -16.13 -34.99 -30.98
N PRO D 157 -16.55 -34.83 -32.24
CA PRO D 157 -17.99 -34.89 -32.53
C PRO D 157 -18.58 -36.28 -32.39
N PHE D 158 -17.82 -37.33 -32.70
CA PHE D 158 -18.34 -38.68 -32.69
C PHE D 158 -17.73 -39.49 -31.55
N ALA D 159 -18.31 -40.67 -31.31
CA ALA D 159 -17.88 -41.59 -30.28
C ALA D 159 -17.38 -42.87 -30.93
N ASP D 160 -16.20 -43.33 -30.51
CA ASP D 160 -15.59 -44.54 -31.03
C ASP D 160 -15.42 -44.51 -32.54
N LEU D 167 -21.81 -43.61 -37.66
CA LEU D 167 -21.55 -42.24 -37.21
C LEU D 167 -22.55 -41.81 -36.14
N ASN D 168 -22.18 -42.00 -34.88
CA ASN D 168 -23.02 -41.63 -33.75
C ASN D 168 -22.59 -40.27 -33.22
N TRP D 169 -23.56 -39.38 -33.06
CA TRP D 169 -23.28 -38.02 -32.58
C TRP D 169 -23.18 -38.04 -31.06
N SER D 170 -21.97 -37.84 -30.54
CA SER D 170 -21.75 -37.79 -29.10
C SER D 170 -20.63 -36.82 -28.82
N PRO D 171 -20.95 -35.54 -28.64
CA PRO D 171 -19.90 -34.53 -28.46
C PRO D 171 -19.17 -34.70 -27.14
N THR D 172 -17.90 -34.32 -27.15
CA THR D 172 -17.04 -34.44 -25.99
C THR D 172 -15.92 -33.42 -26.07
N LEU D 173 -15.69 -32.69 -24.97
CA LEU D 173 -14.61 -31.73 -24.87
C LEU D 173 -13.54 -32.30 -23.95
N GLU D 174 -12.32 -32.44 -24.46
CA GLU D 174 -11.21 -33.02 -23.71
C GLU D 174 -10.19 -31.93 -23.43
N LEU D 175 -9.88 -31.72 -22.15
CA LEU D 175 -8.95 -30.67 -21.76
C LEU D 175 -7.52 -31.14 -21.95
N GLN D 176 -6.78 -30.47 -22.85
CA GLN D 176 -5.37 -30.77 -23.02
C GLN D 176 -4.54 -30.25 -21.85
N GLY D 177 -4.81 -29.03 -21.41
CA GLY D 177 -4.03 -28.43 -20.35
C GLY D 177 -4.30 -26.94 -20.29
N THR D 178 -3.55 -26.28 -19.42
CA THR D 178 -3.71 -24.85 -19.18
C THR D 178 -2.35 -24.17 -19.31
N VAL D 179 -2.40 -22.87 -19.61
CA VAL D 179 -1.22 -22.02 -19.64
C VAL D 179 -1.45 -20.86 -18.68
N GLU D 180 -0.53 -20.71 -17.73
CA GLU D 180 -0.65 -19.65 -16.73
C GLU D 180 -0.13 -18.33 -17.28
N SER D 181 -0.56 -17.24 -16.63
CA SER D 181 -0.13 -15.92 -17.04
C SER D 181 1.36 -15.73 -16.77
N PRO D 182 2.05 -14.97 -17.61
CA PRO D 182 3.50 -14.81 -17.44
C PRO D 182 3.92 -13.86 -16.33
N MET D 183 2.99 -13.26 -15.61
CA MET D 183 3.31 -12.24 -14.62
C MET D 183 2.61 -12.54 -13.30
N THR D 184 3.22 -12.06 -12.22
CA THR D 184 2.65 -12.16 -10.89
C THR D 184 2.71 -10.77 -10.24
N PRO D 185 1.58 -10.23 -9.76
CA PRO D 185 0.22 -10.79 -9.75
C PRO D 185 -0.37 -10.92 -11.15
N SER D 186 -1.29 -11.85 -11.34
CA SER D 186 -1.87 -12.09 -12.65
C SER D 186 -2.75 -10.91 -13.07
N GLN D 187 -3.07 -10.86 -14.36
CA GLN D 187 -3.84 -9.78 -14.94
C GLN D 187 -5.04 -10.36 -15.68
N PHE D 188 -5.86 -9.48 -16.23
CA PHE D 188 -7.05 -9.87 -16.97
C PHE D 188 -6.66 -10.24 -18.40
N ALA D 189 -6.99 -11.48 -18.80
CA ALA D 189 -6.76 -11.93 -20.17
C ALA D 189 -7.94 -11.50 -21.03
N THR D 190 -7.72 -10.51 -21.89
CA THR D 190 -8.80 -9.87 -22.64
C THR D 190 -8.99 -10.42 -24.04
N SER D 191 -7.93 -10.91 -24.68
CA SER D 191 -8.01 -11.38 -26.05
C SER D 191 -7.19 -12.65 -26.21
N VAL D 192 -7.54 -13.43 -27.23
CA VAL D 192 -6.89 -14.71 -27.49
C VAL D 192 -7.04 -15.03 -28.98
N ASP D 193 -6.07 -15.76 -29.51
CA ASP D 193 -6.13 -16.23 -30.89
C ASP D 193 -5.33 -17.51 -31.02
N ILE D 194 -5.63 -18.27 -32.07
CA ILE D 194 -4.94 -19.52 -32.36
C ILE D 194 -4.55 -19.52 -33.84
N SER D 195 -3.32 -19.91 -34.12
CA SER D 195 -2.81 -19.92 -35.48
C SER D 195 -3.05 -21.27 -36.15
N GLU D 196 -3.11 -21.26 -37.48
CA GLU D 196 -3.26 -22.50 -38.23
C GLU D 196 -2.00 -23.35 -38.14
N ARG D 197 -0.83 -22.71 -37.96
CA ARG D 197 0.41 -23.46 -37.86
C ARG D 197 0.59 -24.10 -36.50
N GLY D 198 -0.13 -23.62 -35.48
CA GLY D 198 -0.03 -24.22 -34.17
C GLY D 198 0.50 -23.30 -33.09
N LEU D 199 0.21 -22.01 -33.18
CA LEU D 199 0.62 -21.04 -32.19
C LEU D 199 -0.61 -20.40 -31.54
N ILE D 200 -0.45 -20.03 -30.27
CA ILE D 200 -1.51 -19.39 -29.50
C ILE D 200 -0.97 -18.07 -28.97
N ALA D 201 -1.75 -16.99 -29.16
CA ALA D 201 -1.39 -15.67 -28.68
C ALA D 201 -2.46 -15.19 -27.69
N THR D 202 -2.03 -14.60 -26.59
CA THR D 202 -2.92 -14.11 -25.55
C THR D 202 -2.53 -12.68 -25.19
N GLY D 203 -3.52 -11.79 -25.15
CA GLY D 203 -3.30 -10.40 -24.78
C GLY D 203 -3.89 -10.12 -23.41
N PHE D 204 -3.33 -9.12 -22.73
CA PHE D 204 -3.72 -8.78 -21.38
C PHE D 204 -4.01 -7.29 -21.28
N ASN D 205 -4.61 -6.89 -20.15
CA ASN D 205 -5.06 -5.52 -19.95
C ASN D 205 -3.93 -4.52 -19.73
N ASN D 206 -2.73 -4.99 -19.42
CA ASN D 206 -1.60 -4.11 -19.16
C ASN D 206 -0.66 -3.95 -20.34
N GLY D 207 -1.03 -4.50 -21.50
CA GLY D 207 -0.23 -4.37 -22.69
C GLY D 207 0.74 -5.50 -22.97
N THR D 208 0.62 -6.62 -22.29
CA THR D 208 1.51 -7.76 -22.46
C THR D 208 0.87 -8.79 -23.37
N VAL D 209 1.67 -9.33 -24.29
CA VAL D 209 1.24 -10.39 -25.21
C VAL D 209 2.16 -11.58 -25.04
N GLN D 210 1.58 -12.76 -24.87
CA GLN D 210 2.33 -14.00 -24.69
C GLN D 210 1.97 -14.98 -25.80
N ILE D 211 2.98 -15.65 -26.34
CA ILE D 211 2.81 -16.65 -27.40
C ILE D 211 3.28 -17.99 -26.87
N SER D 212 2.45 -19.01 -27.00
CA SER D 212 2.75 -20.36 -26.54
C SER D 212 2.69 -21.32 -27.72
N GLU D 213 3.00 -22.59 -27.45
CA GLU D 213 3.02 -23.62 -28.47
C GLU D 213 1.84 -24.56 -28.27
N LEU D 214 1.16 -24.89 -29.37
CA LEU D 214 0.00 -25.79 -29.29
C LEU D 214 0.43 -27.23 -29.12
N SER D 215 1.61 -27.60 -29.67
CA SER D 215 2.03 -29.00 -29.64
C SER D 215 2.29 -29.49 -28.22
N THR D 216 2.96 -28.68 -27.40
CA THR D 216 3.38 -29.11 -26.07
C THR D 216 2.92 -28.19 -24.95
N LEU D 217 2.28 -27.06 -25.27
CA LEU D 217 1.63 -26.20 -24.28
C LEU D 217 2.62 -25.59 -23.30
N ARG D 218 3.64 -24.91 -23.81
CA ARG D 218 4.48 -24.10 -22.94
C ARG D 218 4.79 -22.77 -23.60
N PRO D 219 5.01 -21.73 -22.82
CA PRO D 219 5.23 -20.40 -23.40
C PRO D 219 6.49 -20.35 -24.26
N LEU D 220 6.46 -19.51 -25.29
CA LEU D 220 7.60 -19.30 -26.18
C LEU D 220 8.36 -18.02 -25.87
N TYR D 221 7.67 -16.88 -25.82
CA TYR D 221 8.29 -15.61 -25.47
C TYR D 221 7.20 -14.64 -25.00
N ASN D 222 7.61 -13.40 -24.71
CA ASN D 222 6.70 -12.40 -24.18
C ASN D 222 6.99 -11.06 -24.83
N PHE D 223 6.02 -10.14 -24.74
CA PHE D 223 6.15 -8.80 -25.29
C PHE D 223 5.61 -7.78 -24.30
N GLU D 224 5.98 -6.53 -24.53
CA GLU D 224 5.38 -5.38 -23.85
C GLU D 224 5.14 -4.29 -24.88
N SER D 225 3.95 -3.69 -24.83
CA SER D 225 3.59 -2.64 -25.78
C SER D 225 3.66 -1.26 -25.11
N ASN D 231 0.58 6.14 -18.46
CA ASN D 231 0.00 6.38 -19.79
C ASN D 231 -1.48 6.06 -19.81
N ASN D 232 -2.10 6.08 -18.63
CA ASN D 232 -3.53 5.81 -18.46
C ASN D 232 -3.91 4.43 -19.00
N SER D 233 -4.39 4.39 -20.25
CA SER D 233 -4.87 3.14 -20.83
C SER D 233 -3.81 2.54 -21.75
N ASN D 234 -3.56 1.24 -21.57
CA ASN D 234 -2.65 0.51 -22.44
C ASN D 234 -3.16 -0.90 -22.76
N SER D 235 -4.48 -1.11 -22.66
CA SER D 235 -5.04 -2.45 -22.81
C SER D 235 -4.90 -2.97 -24.23
N ILE D 236 -4.81 -4.28 -24.35
CA ILE D 236 -4.79 -4.96 -25.65
C ILE D 236 -6.22 -5.29 -26.04
N ARG D 237 -6.63 -4.84 -27.22
CA ARG D 237 -8.01 -5.03 -27.67
C ARG D 237 -8.19 -6.20 -28.60
N SER D 238 -7.20 -6.51 -29.44
CA SER D 238 -7.35 -7.59 -30.41
C SER D 238 -5.97 -8.08 -30.84
N VAL D 239 -5.80 -9.39 -30.86
CA VAL D 239 -4.59 -10.04 -31.38
C VAL D 239 -5.02 -10.94 -32.53
N LYS D 240 -4.31 -10.85 -33.65
CA LYS D 240 -4.69 -11.59 -34.84
C LYS D 240 -3.45 -12.19 -35.50
N PHE D 241 -3.66 -13.35 -36.14
CA PHE D 241 -2.63 -14.03 -36.89
C PHE D 241 -2.94 -13.92 -38.38
N SER D 242 -1.89 -13.78 -39.19
CA SER D 242 -2.08 -13.78 -40.63
C SER D 242 -2.56 -15.17 -41.08
N PRO D 243 -3.50 -15.24 -42.02
CA PRO D 243 -3.97 -16.56 -42.47
C PRO D 243 -2.86 -17.41 -43.08
N GLN D 244 -1.92 -16.78 -43.78
CA GLN D 244 -0.77 -17.48 -44.35
C GLN D 244 0.48 -16.68 -44.04
N GLY D 245 1.48 -17.35 -43.49
CA GLY D 245 2.74 -16.72 -43.14
C GLY D 245 2.88 -16.51 -41.65
N SER D 246 4.01 -15.91 -41.28
CA SER D 246 4.35 -15.62 -39.89
C SER D 246 4.19 -14.13 -39.66
N LEU D 247 3.04 -13.73 -39.10
CA LEU D 247 2.75 -12.32 -38.85
C LEU D 247 1.68 -12.24 -37.77
N LEU D 248 1.88 -11.36 -36.79
CA LEU D 248 0.94 -11.14 -35.72
C LEU D 248 0.61 -9.65 -35.66
N ALA D 249 -0.68 -9.33 -35.72
CA ALA D 249 -1.16 -7.95 -35.65
C ALA D 249 -1.82 -7.72 -34.30
N ILE D 250 -1.43 -6.64 -33.63
CA ILE D 250 -1.89 -6.32 -32.28
C ILE D 250 -2.49 -4.94 -32.28
N ALA D 251 -3.71 -4.82 -31.75
CA ALA D 251 -4.37 -3.53 -31.54
C ALA D 251 -4.33 -3.22 -30.05
N HIS D 252 -3.70 -2.09 -29.70
CA HIS D 252 -3.54 -1.70 -28.31
C HIS D 252 -3.87 -0.22 -28.19
N ASP D 253 -4.14 0.20 -26.95
CA ASP D 253 -4.65 1.54 -26.66
C ASP D 253 -3.53 2.45 -26.20
N SER D 254 -3.42 3.61 -26.82
CA SER D 254 -2.73 4.73 -26.22
C SER D 254 -3.68 5.47 -25.27
N ASN D 255 -3.27 6.65 -24.83
CA ASN D 255 -4.17 7.45 -24.03
C ASN D 255 -5.31 7.97 -24.90
N SER D 256 -6.44 7.25 -24.88
CA SER D 256 -7.62 7.55 -25.70
C SER D 256 -7.31 7.53 -27.20
N PHE D 257 -6.26 6.83 -27.61
CA PHE D 257 -5.88 6.71 -29.01
C PHE D 257 -5.67 5.25 -29.36
N GLY D 258 -5.76 4.94 -30.64
CA GLY D 258 -5.64 3.58 -31.14
C GLY D 258 -4.36 3.38 -31.92
N CYS D 259 -3.68 2.26 -31.66
CA CYS D 259 -2.43 1.92 -32.33
C CYS D 259 -2.48 0.49 -32.83
N ILE D 260 -1.73 0.23 -33.91
CA ILE D 260 -1.58 -1.10 -34.46
C ILE D 260 -0.10 -1.36 -34.69
N THR D 261 0.38 -2.52 -34.27
CA THR D 261 1.78 -2.90 -34.42
C THR D 261 1.87 -4.31 -34.97
N LEU D 262 2.90 -4.55 -35.78
CA LEU D 262 3.11 -5.84 -36.43
C LEU D 262 4.36 -6.51 -35.90
N TYR D 263 4.30 -7.82 -35.73
CA TYR D 263 5.42 -8.62 -35.25
C TYR D 263 5.62 -9.82 -36.17
N GLU D 264 6.87 -10.29 -36.25
CA GLU D 264 7.24 -11.25 -37.29
C GLU D 264 6.90 -12.68 -36.87
N THR D 265 6.82 -12.94 -35.56
CA THR D 265 6.19 -14.12 -34.95
C THR D 265 6.99 -15.40 -35.07
N GLU D 266 8.25 -15.36 -35.47
CA GLU D 266 9.11 -16.53 -35.35
C GLU D 266 10.00 -16.43 -34.10
N PHE D 267 10.79 -15.37 -34.01
CA PHE D 267 11.54 -15.06 -32.81
C PHE D 267 10.93 -13.90 -32.04
N GLY D 268 9.91 -13.25 -32.59
CA GLY D 268 9.23 -12.16 -31.91
C GLY D 268 9.89 -10.81 -32.11
N GLU D 269 10.07 -10.41 -33.35
CA GLU D 269 10.72 -9.15 -33.69
C GLU D 269 9.70 -8.16 -34.23
N ARG D 270 9.69 -6.95 -33.68
CA ARG D 270 8.81 -5.90 -34.17
C ARG D 270 9.17 -5.52 -35.60
N ILE D 271 8.16 -5.41 -36.44
CA ILE D 271 8.34 -5.03 -37.84
C ILE D 271 8.04 -3.56 -38.07
N GLY D 272 6.86 -3.11 -37.65
CA GLY D 272 6.48 -1.73 -37.84
C GLY D 272 5.05 -1.51 -37.42
N SER D 273 4.67 -0.24 -37.35
CA SER D 273 3.34 0.17 -36.95
C SER D 273 2.60 0.83 -38.10
N LEU D 274 1.28 0.87 -37.99
CA LEU D 274 0.42 1.52 -38.97
C LEU D 274 -0.04 2.86 -38.42
N SER D 275 0.10 3.91 -39.22
CA SER D 275 -0.18 5.25 -38.75
C SER D 275 -0.71 6.11 -39.88
N VAL D 276 -1.50 7.11 -39.53
CA VAL D 276 -1.94 8.15 -40.46
C VAL D 276 -1.66 9.49 -39.82
N PRO D 277 -1.41 10.54 -40.63
CA PRO D 277 -1.12 11.87 -40.10
C PRO D 277 -2.27 12.44 -39.27
N GLU D 287 2.25 8.41 -33.67
CA GLU D 287 2.06 7.23 -34.50
C GLU D 287 0.78 6.48 -34.12
N PHE D 288 -0.36 7.03 -34.54
CA PHE D 288 -1.66 6.46 -34.23
C PHE D 288 -2.40 6.13 -35.52
N ALA D 289 -3.26 5.12 -35.45
CA ALA D 289 -4.06 4.69 -36.59
C ALA D 289 -5.48 5.24 -36.57
N HIS D 290 -6.06 5.40 -35.38
CA HIS D 290 -7.42 5.90 -35.24
C HIS D 290 -7.44 7.04 -34.24
N SER D 291 -8.43 7.92 -34.39
CA SER D 291 -8.60 9.02 -33.43
C SER D 291 -9.02 8.51 -32.06
N SER D 292 -9.81 7.45 -32.02
CA SER D 292 -10.23 6.80 -30.79
C SER D 292 -9.63 5.39 -30.73
N TRP D 293 -10.05 4.62 -29.73
CA TRP D 293 -9.54 3.27 -29.56
C TRP D 293 -9.84 2.39 -30.77
N VAL D 294 -8.93 1.48 -31.07
CA VAL D 294 -9.15 0.47 -32.09
C VAL D 294 -9.83 -0.72 -31.43
N MET D 295 -10.99 -1.11 -31.95
CA MET D 295 -11.81 -2.13 -31.31
C MET D 295 -11.54 -3.53 -31.84
N SER D 296 -11.27 -3.69 -33.13
CA SER D 296 -11.16 -5.01 -33.71
C SER D 296 -10.23 -4.98 -34.92
N LEU D 297 -9.73 -6.16 -35.29
CA LEU D 297 -8.87 -6.34 -36.44
C LEU D 297 -9.37 -7.54 -37.23
N SER D 298 -9.06 -7.56 -38.53
CA SER D 298 -9.49 -8.67 -39.39
C SER D 298 -8.63 -8.70 -40.65
N PHE D 299 -7.88 -9.79 -40.83
CA PHE D 299 -7.19 -10.05 -42.08
C PHE D 299 -8.16 -10.62 -43.11
N ASN D 300 -7.81 -10.45 -44.39
CA ASN D 300 -8.60 -11.06 -45.44
C ASN D 300 -8.08 -12.45 -45.75
N ASP D 301 -8.63 -13.08 -46.79
CA ASP D 301 -8.24 -14.45 -47.11
C ASP D 301 -6.77 -14.53 -47.54
N SER D 302 -6.33 -13.58 -48.37
CA SER D 302 -4.95 -13.59 -48.84
C SER D 302 -3.97 -13.11 -47.78
N GLY D 303 -4.44 -12.36 -46.78
CA GLY D 303 -3.56 -11.82 -45.78
C GLY D 303 -2.83 -10.55 -46.19
N GLU D 304 -3.17 -9.97 -47.35
CA GLU D 304 -2.50 -8.76 -47.82
C GLU D 304 -3.20 -7.49 -47.38
N THR D 305 -4.44 -7.58 -46.89
CA THR D 305 -5.20 -6.42 -46.46
C THR D 305 -5.65 -6.61 -45.02
N LEU D 306 -5.61 -5.54 -44.24
CA LEU D 306 -6.05 -5.54 -42.86
C LEU D 306 -7.06 -4.42 -42.64
N CYS D 307 -8.15 -4.75 -41.95
CA CYS D 307 -9.20 -3.78 -41.64
C CYS D 307 -9.23 -3.54 -40.13
N SER D 308 -9.49 -2.29 -39.75
CA SER D 308 -9.52 -1.89 -38.35
C SER D 308 -10.84 -1.19 -38.06
N ALA D 309 -11.46 -1.55 -36.94
CA ALA D 309 -12.67 -0.91 -36.46
C ALA D 309 -12.31 -0.02 -35.28
N GLY D 310 -12.71 1.24 -35.34
CA GLY D 310 -12.35 2.17 -34.28
C GLY D 310 -13.55 2.79 -33.60
N TRP D 311 -13.34 3.32 -32.40
CA TRP D 311 -14.39 4.02 -31.67
C TRP D 311 -14.62 5.44 -32.18
N ASP D 312 -14.07 5.78 -33.34
CA ASP D 312 -14.34 7.04 -34.01
C ASP D 312 -15.34 6.88 -35.16
N GLY D 313 -15.84 5.68 -35.40
CA GLY D 313 -16.83 5.46 -36.43
C GLY D 313 -16.29 5.32 -37.84
N LYS D 314 -15.08 4.79 -37.99
CA LYS D 314 -14.49 4.63 -39.31
C LYS D 314 -13.82 3.27 -39.43
N LEU D 315 -13.74 2.79 -40.66
CA LEU D 315 -13.02 1.57 -40.99
C LEU D 315 -11.87 1.91 -41.93
N ARG D 316 -10.66 1.47 -41.59
CA ARG D 316 -9.47 1.78 -42.35
C ARG D 316 -8.83 0.50 -42.87
N PHE D 317 -8.49 0.49 -44.15
CA PHE D 317 -7.89 -0.67 -44.81
C PHE D 317 -6.43 -0.37 -45.11
N TRP D 318 -5.55 -1.30 -44.76
CA TRP D 318 -4.11 -1.11 -44.87
C TRP D 318 -3.52 -2.16 -45.80
N ASP D 319 -2.39 -1.80 -46.41
CA ASP D 319 -1.60 -2.74 -47.21
C ASP D 319 -0.51 -3.33 -46.32
N VAL D 320 -0.48 -4.66 -46.23
CA VAL D 320 0.38 -5.33 -45.26
C VAL D 320 1.85 -5.15 -45.65
N LYS D 321 2.18 -5.38 -46.92
CA LYS D 321 3.57 -5.30 -47.36
C LYS D 321 4.07 -3.85 -47.33
N THR D 322 3.29 -2.93 -47.87
CA THR D 322 3.70 -1.53 -47.95
C THR D 322 3.61 -0.83 -46.60
N LYS D 323 2.69 -1.26 -45.74
CA LYS D 323 2.41 -0.63 -44.44
C LYS D 323 1.84 0.78 -44.63
N GLU D 324 0.96 0.93 -45.61
CA GLU D 324 0.35 2.22 -45.92
C GLU D 324 -1.16 2.06 -46.04
N ARG D 325 -1.88 3.12 -45.67
CA ARG D 325 -3.34 3.10 -45.71
C ARG D 325 -3.82 3.02 -47.15
N ILE D 326 -4.89 2.25 -47.37
CA ILE D 326 -5.47 2.11 -48.70
C ILE D 326 -6.70 2.99 -48.86
N THR D 327 -7.66 2.89 -47.94
CA THR D 327 -8.89 3.65 -48.02
C THR D 327 -9.50 3.77 -46.63
N THR D 328 -10.56 4.55 -46.53
CA THR D 328 -11.26 4.79 -45.27
C THR D 328 -12.75 4.88 -45.53
N LEU D 329 -13.53 4.25 -44.65
CA LEU D 329 -14.98 4.28 -44.72
C LEU D 329 -15.53 4.97 -43.49
N ASN D 330 -16.54 5.81 -43.68
CA ASN D 330 -17.20 6.53 -42.60
C ASN D 330 -18.59 5.98 -42.38
N MET D 331 -18.91 5.65 -41.12
CA MET D 331 -20.21 5.11 -40.78
C MET D 331 -21.26 6.18 -40.54
N HIS D 332 -20.88 7.46 -40.58
CA HIS D 332 -21.81 8.55 -40.36
C HIS D 332 -22.19 9.28 -41.64
N CYS D 333 -21.53 9.00 -42.76
CA CYS D 333 -21.88 9.63 -44.04
C CYS D 333 -21.57 8.63 -45.16
N ASP D 334 -22.54 8.41 -46.03
CA ASP D 334 -22.34 7.47 -47.13
C ASP D 334 -21.45 8.05 -48.21
N ASP D 335 -21.41 9.37 -48.35
CA ASP D 335 -20.56 10.01 -49.34
C ASP D 335 -19.10 9.87 -48.95
N ILE D 336 -18.25 9.63 -49.94
CA ILE D 336 -16.82 9.46 -49.71
C ILE D 336 -16.02 10.28 -50.71
N GLU D 340 -6.19 13.77 -47.45
CA GLU D 340 -7.50 14.29 -47.09
C GLU D 340 -8.01 13.69 -45.78
N ASP D 341 -7.51 12.50 -45.46
CA ASP D 341 -7.88 11.81 -44.23
C ASP D 341 -6.83 12.10 -43.17
N ILE D 342 -7.24 12.77 -42.09
CA ILE D 342 -6.35 13.14 -41.01
C ILE D 342 -7.00 12.78 -39.67
N LEU D 343 -6.19 12.77 -38.62
CA LEU D 343 -6.66 12.53 -37.26
C LEU D 343 -6.89 13.88 -36.60
N ALA D 344 -8.12 14.40 -36.72
CA ALA D 344 -8.47 15.71 -36.22
C ALA D 344 -9.08 15.59 -34.84
N VAL D 345 -8.58 16.39 -33.90
CA VAL D 345 -9.09 16.43 -32.53
C VAL D 345 -9.38 17.88 -32.18
N ASP D 346 -10.30 18.06 -31.22
CA ASP D 346 -10.70 19.40 -30.81
C ASP D 346 -9.71 19.96 -29.79
N GLU D 347 -10.06 21.09 -29.18
CA GLU D 347 -9.15 21.75 -28.24
C GLU D 347 -8.91 20.88 -27.01
N HIS D 348 -9.97 20.21 -26.52
CA HIS D 348 -9.86 19.37 -25.33
C HIS D 348 -9.09 18.08 -25.60
N GLY D 349 -8.77 17.78 -26.85
CA GLY D 349 -8.08 16.55 -27.19
C GLY D 349 -8.97 15.40 -27.60
N ASP D 350 -10.29 15.58 -27.57
CA ASP D 350 -11.21 14.54 -27.99
C ASP D 350 -11.40 14.58 -29.51
N SER D 351 -11.65 13.41 -30.08
CA SER D 351 -11.83 13.31 -31.52
C SER D 351 -13.10 14.04 -31.96
N LEU D 352 -13.03 14.66 -33.14
CA LEU D 352 -14.20 15.31 -33.71
C LEU D 352 -15.23 14.32 -34.23
N ALA D 353 -14.89 13.05 -34.30
CA ALA D 353 -15.79 12.02 -34.81
C ALA D 353 -16.49 11.30 -33.66
N GLU D 354 -17.77 10.99 -33.87
CA GLU D 354 -18.60 10.39 -32.84
C GLU D 354 -18.29 8.89 -32.68
N PRO D 355 -18.60 8.32 -31.53
CA PRO D 355 -18.35 6.89 -31.30
C PRO D 355 -18.95 6.01 -32.39
N GLY D 356 -18.34 4.83 -32.57
CA GLY D 356 -18.63 4.01 -33.73
C GLY D 356 -18.62 2.51 -33.55
N VAL D 357 -17.84 1.84 -34.40
CA VAL D 357 -17.94 0.39 -34.60
C VAL D 357 -17.42 -0.36 -33.38
N PHE D 358 -18.15 -1.42 -33.01
CA PHE D 358 -17.69 -2.37 -31.99
C PHE D 358 -16.80 -3.47 -32.56
N ASP D 359 -17.17 -4.03 -33.71
CA ASP D 359 -16.51 -5.23 -34.22
C ASP D 359 -16.62 -5.26 -35.74
N VAL D 360 -15.64 -5.90 -36.37
CA VAL D 360 -15.60 -6.03 -37.82
C VAL D 360 -15.12 -7.43 -38.17
N LYS D 361 -15.49 -7.90 -39.35
CA LYS D 361 -15.18 -9.27 -39.78
C LYS D 361 -15.24 -9.36 -41.29
N PHE D 362 -14.21 -9.96 -41.88
CA PHE D 362 -14.20 -10.30 -43.31
C PHE D 362 -14.98 -11.58 -43.55
N LEU D 363 -15.63 -11.65 -44.70
CA LEU D 363 -16.36 -12.83 -45.15
C LEU D 363 -15.77 -13.27 -46.49
N LYS D 364 -15.44 -14.54 -46.61
CA LYS D 364 -14.72 -15.03 -47.78
C LYS D 364 -15.56 -14.94 -49.04
N LYS D 365 -14.90 -15.04 -50.19
CA LYS D 365 -15.56 -14.91 -51.48
C LYS D 365 -16.55 -16.06 -51.68
N GLY D 366 -17.76 -15.71 -52.11
CA GLY D 366 -18.82 -16.68 -52.30
C GLY D 366 -19.67 -16.96 -51.07
N TRP D 367 -19.28 -16.43 -49.91
CA TRP D 367 -20.08 -16.63 -48.71
C TRP D 367 -21.42 -15.90 -48.81
N ARG D 368 -21.42 -14.72 -49.41
CA ARG D 368 -22.61 -13.88 -49.51
C ARG D 368 -23.11 -13.85 -50.95
N SER D 369 -24.41 -14.04 -51.12
CA SER D 369 -25.02 -14.10 -52.44
C SER D 369 -25.36 -12.69 -52.92
N GLY D 370 -24.97 -12.38 -54.15
CA GLY D 370 -25.25 -11.07 -54.71
C GLY D 370 -24.70 -10.99 -56.11
N MET D 371 -24.82 -9.79 -56.68
CA MET D 371 -24.33 -9.53 -58.04
C MET D 371 -22.81 -9.46 -58.05
N ASP D 374 -20.09 -12.75 -55.36
CA ASP D 374 -19.80 -13.95 -56.12
C ASP D 374 -18.30 -14.14 -56.27
N LEU D 375 -17.62 -13.10 -56.75
CA LEU D 375 -16.17 -13.14 -56.97
C LEU D 375 -15.43 -12.09 -56.15
N ASN D 376 -16.07 -11.46 -55.17
CA ASN D 376 -15.47 -10.39 -54.41
C ASN D 376 -15.54 -10.68 -52.92
N GLU D 377 -14.61 -10.09 -52.18
CA GLU D 377 -14.58 -10.23 -50.74
C GLU D 377 -15.77 -9.50 -50.11
N SER D 378 -16.14 -9.90 -48.90
CA SER D 378 -17.27 -9.29 -48.19
C SER D 378 -16.81 -8.80 -46.83
N LEU D 379 -17.72 -8.14 -46.12
CA LEU D 379 -17.39 -7.52 -44.85
C LEU D 379 -18.66 -7.34 -44.03
N CYS D 380 -18.52 -7.40 -42.71
CA CYS D 380 -19.63 -7.21 -41.79
C CYS D 380 -19.21 -6.24 -40.70
N CYS D 381 -20.17 -5.50 -40.15
CA CYS D 381 -19.88 -4.40 -39.24
C CYS D 381 -21.08 -4.16 -38.32
N VAL D 382 -20.81 -4.07 -37.02
CA VAL D 382 -21.82 -3.74 -36.01
C VAL D 382 -21.41 -2.45 -35.32
N CYS D 383 -22.33 -1.51 -35.21
CA CYS D 383 -22.05 -0.17 -34.75
C CYS D 383 -22.79 0.15 -33.46
N LEU D 384 -22.48 1.31 -32.88
CA LEU D 384 -23.14 1.76 -31.66
C LEU D 384 -24.60 2.14 -31.88
N ASP D 385 -24.99 2.43 -33.11
CA ASP D 385 -26.38 2.73 -33.45
C ASP D 385 -27.30 1.52 -33.37
N ARG D 386 -26.81 0.39 -32.86
CA ARG D 386 -27.55 -0.86 -32.79
C ARG D 386 -27.96 -1.33 -34.19
N SER D 387 -27.06 -1.18 -35.15
CA SER D 387 -27.29 -1.60 -36.52
C SER D 387 -26.16 -2.49 -36.97
N ILE D 388 -26.45 -3.33 -37.97
CA ILE D 388 -25.47 -4.21 -38.59
C ILE D 388 -25.43 -3.90 -40.08
N ARG D 389 -24.23 -3.71 -40.62
CA ARG D 389 -24.04 -3.26 -41.98
C ARG D 389 -23.14 -4.22 -42.73
N TRP D 390 -23.44 -4.44 -44.02
CA TRP D 390 -22.69 -5.34 -44.86
C TRP D 390 -22.12 -4.58 -46.05
N PHE D 391 -20.87 -4.87 -46.40
CA PHE D 391 -20.18 -4.19 -47.48
C PHE D 391 -19.60 -5.20 -48.45
N ARG D 392 -19.51 -4.80 -49.71
CA ARG D 392 -18.93 -5.62 -50.77
C ARG D 392 -17.91 -4.80 -51.55
N GLU D 393 -16.78 -5.42 -51.84
CA GLU D 393 -15.74 -4.76 -52.62
C GLU D 393 -16.08 -4.80 -54.11
N ALA D 394 -15.82 -3.70 -54.79
CA ALA D 394 -16.09 -3.61 -56.22
C ALA D 394 -14.79 -3.50 -57.01
N MET E 5 1.39 38.17 24.93
CA MET E 5 1.15 38.40 23.50
C MET E 5 2.48 38.61 22.77
N SER E 6 2.62 37.94 21.63
CA SER E 6 3.90 37.94 20.91
C SER E 6 4.16 39.29 20.25
N LEU E 7 5.43 39.53 19.95
CA LEU E 7 5.81 40.74 19.24
C LEU E 7 5.23 40.77 17.83
N LEU E 8 5.26 39.62 17.14
CA LEU E 8 4.69 39.56 15.79
C LEU E 8 3.21 39.89 15.79
N GLU E 9 2.45 39.33 16.74
CA GLU E 9 1.02 39.58 16.78
C GLU E 9 0.72 41.04 17.11
N GLN E 10 1.47 41.63 18.04
CA GLN E 10 1.29 43.04 18.37
C GLN E 10 1.60 43.93 17.18
N LEU E 11 2.70 43.65 16.46
CA LEU E 11 3.05 44.45 15.29
C LEU E 11 2.01 44.30 14.20
N ALA E 12 1.51 43.08 13.98
CA ALA E 12 0.50 42.86 12.95
C ALA E 12 -0.79 43.59 13.28
N ARG E 13 -1.23 43.53 14.54
CA ARG E 13 -2.46 44.20 14.92
C ARG E 13 -2.30 45.71 14.97
N LYS E 14 -1.06 46.19 15.16
CA LYS E 14 -0.83 47.63 15.06
C LYS E 14 -0.84 48.10 13.61
N ARG E 15 -0.32 47.26 12.70
CA ARG E 15 -0.33 47.63 11.28
C ARG E 15 -1.75 47.64 10.72
N ILE E 16 -2.58 46.70 11.15
CA ILE E 16 -3.96 46.63 10.67
C ILE E 16 -4.76 47.84 11.17
N SER E 32 -18.14 41.06 -11.31
CA SER E 32 -18.27 39.72 -11.86
C SER E 32 -19.74 39.28 -11.88
N LYS E 33 -20.10 38.49 -12.88
CA LYS E 33 -21.48 37.99 -12.99
C LYS E 33 -21.81 37.01 -11.88
N SER E 34 -20.80 36.25 -11.40
CA SER E 34 -21.05 35.29 -10.34
C SER E 34 -21.47 35.99 -9.04
N ALA E 35 -20.81 37.09 -8.70
CA ALA E 35 -21.15 37.79 -7.47
C ALA E 35 -22.44 38.58 -7.60
N SER E 36 -22.72 39.10 -8.80
CA SER E 36 -23.92 39.90 -9.02
C SER E 36 -25.19 39.08 -8.99
N LEU E 37 -25.10 37.75 -9.04
CA LEU E 37 -26.28 36.90 -8.94
C LEU E 37 -26.64 36.58 -7.49
N LEU E 38 -25.75 36.88 -6.54
CA LEU E 38 -25.98 36.67 -5.12
C LEU E 38 -26.51 37.92 -4.42
N GLU E 39 -26.75 39.00 -5.18
CA GLU E 39 -27.11 40.27 -4.56
C GLU E 39 -28.44 40.19 -3.82
N ARG E 40 -29.45 39.57 -4.45
CA ARG E 40 -30.81 39.55 -3.92
C ARG E 40 -31.02 38.25 -3.15
N LEU E 41 -30.44 38.17 -1.96
CA LEU E 41 -30.64 37.04 -1.07
C LEU E 41 -30.64 37.48 0.39
N VAL E 80 16.87 27.97 26.38
CA VAL E 80 15.56 27.93 27.02
C VAL E 80 15.70 27.44 28.45
N SER E 81 15.37 26.16 28.68
CA SER E 81 15.46 25.60 30.01
C SER E 81 16.91 25.56 30.51
N LEU E 82 17.83 25.16 29.64
CA LEU E 82 19.23 25.02 30.06
C LEU E 82 19.82 26.36 30.45
N SER E 83 19.50 27.42 29.71
CA SER E 83 19.99 28.76 30.07
C SER E 83 19.46 29.19 31.42
N LEU E 84 18.18 28.93 31.69
CA LEU E 84 17.60 29.27 32.99
C LEU E 84 18.29 28.50 34.11
N LYS E 85 18.56 27.21 33.89
CA LYS E 85 19.25 26.42 34.91
C LYS E 85 20.65 26.95 35.16
N LEU E 86 21.37 27.30 34.09
CA LEU E 86 22.73 27.82 34.24
C LEU E 86 22.73 29.15 35.00
N SER E 87 21.77 30.03 34.67
CA SER E 87 21.67 31.29 35.39
C SER E 87 21.32 31.08 36.86
N ALA E 88 20.39 30.16 37.14
CA ALA E 88 20.00 29.90 38.52
C ALA E 88 21.16 29.34 39.34
N LEU E 89 21.93 28.42 38.76
CA LEU E 89 23.06 27.84 39.48
C LEU E 89 24.22 28.81 39.64
N LYS E 90 24.24 29.91 38.89
CA LYS E 90 25.32 30.88 39.00
C LYS E 90 25.31 31.59 40.35
#